data_1VHJ
#
_entry.id   1VHJ
#
_cell.length_a   46.703
_cell.length_b   153.250
_cell.length_c   96.761
_cell.angle_alpha   90.00
_cell.angle_beta   103.91
_cell.angle_gamma   90.00
#
_symmetry.space_group_name_H-M   'P 1 21 1'
#
loop_
_entity.id
_entity.type
_entity.pdbx_description
1 polymer 'purine nucleoside phosphorylase'
2 water water
#
_entity_poly.entity_id   1
_entity_poly.type   'polypeptide(L)'
_entity_poly.pdbx_seq_one_letter_code
;MSLATPHINAQMGDFADVVLMPGDPLRAKYIAENFLDNAVQVCDVRNMFGYTGTYKGRRISVMGHGMGIPSCSIYVTELI
KDYGVKKIIRVGSCGAVNEGIKVRDVVIGMGACTDSKVNRIRFKDHDFAAIADYKMVKAAEEAAKARGIDVKVGNLFSAE
LFYTPDPSMFDVMDKYGIVGVEMEAAGIYGVAAEYGAKALAICTVSDHIKTGEQTTSEERQNTFNEMIEIALDSVLIGDQ
AGYEGGSHHHHHH
;
_entity_poly.pdbx_strand_id   A,B,C,D,E,F
#
# COMPACT_ATOMS: atom_id res chain seq x y z
N ALA A 4 31.71 -2.55 22.74
CA ALA A 4 32.34 -3.49 21.80
C ALA A 4 31.37 -3.94 20.72
N THR A 5 30.56 -3.01 20.23
CA THR A 5 29.55 -3.35 19.19
C THR A 5 30.13 -3.19 17.81
N PRO A 6 29.41 -3.58 16.76
CA PRO A 6 29.92 -3.47 15.40
C PRO A 6 30.15 -2.07 14.92
N HIS A 7 29.33 -1.10 15.35
CA HIS A 7 29.49 0.26 14.84
C HIS A 7 30.05 1.24 15.85
N ILE A 8 30.21 0.82 17.11
CA ILE A 8 30.71 1.77 18.13
C ILE A 8 31.82 1.05 18.89
N ASN A 9 33.03 1.54 18.82
CA ASN A 9 34.15 0.85 19.48
C ASN A 9 34.41 1.39 20.88
N ALA A 10 33.40 1.34 21.73
CA ALA A 10 33.54 1.85 23.10
C ALA A 10 33.16 0.76 24.08
N GLN A 11 33.28 1.07 25.37
CA GLN A 11 32.93 0.10 26.40
C GLN A 11 31.72 0.62 27.18
N MET A 12 30.95 -0.31 27.73
CA MET A 12 29.82 0.06 28.58
C MET A 12 30.34 1.02 29.66
N GLY A 13 29.66 2.14 29.88
CA GLY A 13 30.21 3.11 30.85
C GLY A 13 30.86 4.29 30.14
N ASP A 14 31.33 4.11 28.92
CA ASP A 14 31.92 5.22 28.18
C ASP A 14 30.93 6.33 27.89
N PHE A 15 29.69 6.01 27.51
CA PHE A 15 28.71 7.06 27.27
C PHE A 15 27.92 7.39 28.54
N ALA A 16 27.42 8.62 28.58
CA ALA A 16 26.56 9.01 29.71
C ALA A 16 25.16 8.43 29.42
N ASP A 17 24.21 8.61 30.30
CA ASP A 17 22.84 8.12 30.08
C ASP A 17 22.07 9.04 29.14
N VAL A 18 22.60 10.21 28.86
CA VAL A 18 22.08 11.19 27.95
C VAL A 18 23.10 11.48 26.84
N VAL A 19 22.63 11.48 25.58
CA VAL A 19 23.52 11.74 24.45
C VAL A 19 22.87 12.75 23.49
N LEU A 20 23.65 13.76 23.14
CA LEU A 20 23.28 14.74 22.15
C LEU A 20 23.86 14.22 20.81
N MET A 21 23.05 14.28 19.78
CA MET A 21 23.46 13.73 18.52
C MET A 21 23.22 14.60 17.31
N PRO A 22 24.27 15.29 16.88
CA PRO A 22 24.22 15.99 15.59
C PRO A 22 24.41 14.91 14.52
N GLY A 23 24.14 15.19 13.26
CA GLY A 23 24.35 14.17 12.21
C GLY A 23 25.85 14.15 11.86
N ASP A 24 26.46 15.31 11.88
CA ASP A 24 27.87 15.52 11.55
C ASP A 24 28.80 15.24 12.70
N PRO A 25 29.68 14.26 12.54
CA PRO A 25 30.67 13.88 13.53
C PRO A 25 31.57 15.03 13.92
N LEU A 26 31.85 15.92 12.96
CA LEU A 26 32.62 17.12 13.17
C LEU A 26 31.84 18.13 14.02
N ARG A 27 30.51 18.07 13.97
CA ARG A 27 29.69 18.89 14.85
C ARG A 27 29.80 18.36 16.29
N ALA A 28 29.87 17.03 16.41
CA ALA A 28 30.01 16.39 17.73
C ALA A 28 31.34 16.85 18.37
N LYS A 29 32.37 16.93 17.54
CA LYS A 29 33.68 17.38 17.98
C LYS A 29 33.64 18.84 18.44
N TYR A 30 32.97 19.68 17.66
CA TYR A 30 32.81 21.09 17.96
C TYR A 30 32.06 21.29 19.29
N ILE A 31 30.98 20.55 19.50
CA ILE A 31 30.21 20.58 20.73
C ILE A 31 31.05 20.11 21.92
N ALA A 32 31.78 19.00 21.76
CA ALA A 32 32.63 18.49 22.79
C ALA A 32 33.68 19.52 23.25
N GLU A 33 34.32 20.16 22.28
CA GLU A 33 35.35 21.12 22.54
C GLU A 33 34.88 22.45 23.10
N ASN A 34 33.77 23.00 22.64
CA ASN A 34 33.33 24.30 23.07
C ASN A 34 32.25 24.35 24.11
N PHE A 35 31.47 23.30 24.35
CA PHE A 35 30.37 23.38 25.31
C PHE A 35 30.56 22.43 26.48
N LEU A 36 31.35 21.38 26.31
CA LEU A 36 31.56 20.43 27.41
C LEU A 36 32.93 20.70 28.04
N ASP A 37 33.04 20.31 29.29
CA ASP A 37 34.27 20.42 30.04
C ASP A 37 34.98 19.06 30.03
N ASN A 38 36.27 19.06 29.76
CA ASN A 38 37.07 17.85 29.82
C ASN A 38 36.50 16.70 29.02
N ALA A 39 35.97 16.97 27.85
CA ALA A 39 35.40 15.89 27.02
C ALA A 39 36.52 15.04 26.43
N VAL A 40 36.34 13.75 26.42
CA VAL A 40 37.32 12.82 25.84
C VAL A 40 36.59 11.96 24.80
N GLN A 41 37.22 11.69 23.68
CA GLN A 41 36.65 10.87 22.63
C GLN A 41 36.44 9.45 23.10
N VAL A 42 35.28 8.86 22.83
CA VAL A 42 35.03 7.48 23.29
C VAL A 42 34.83 6.54 22.12
N CYS A 43 34.72 7.10 20.90
CA CYS A 43 34.58 6.16 19.77
C CYS A 43 34.88 6.85 18.46
N ASP A 44 35.33 6.05 17.49
CA ASP A 44 35.69 6.59 16.18
C ASP A 44 35.57 5.63 15.02
N VAL A 45 34.91 4.50 15.18
CA VAL A 45 34.68 3.59 14.03
C VAL A 45 33.94 4.34 12.93
N ARG A 46 34.37 4.20 11.69
CA ARG A 46 33.79 4.86 10.53
C ARG A 46 33.88 6.37 10.64
N ASN A 47 34.88 6.87 11.41
CA ASN A 47 34.94 8.30 11.64
C ASN A 47 33.68 8.80 12.34
N MET A 48 32.88 7.96 13.00
CA MET A 48 31.70 8.54 13.68
C MET A 48 32.13 8.89 15.10
N PHE A 49 32.64 10.11 15.27
CA PHE A 49 33.17 10.56 16.53
C PHE A 49 32.12 10.63 17.63
N GLY A 50 32.49 10.21 18.81
CA GLY A 50 31.65 10.24 20.02
C GLY A 50 32.54 10.67 21.19
N TYR A 51 32.02 11.54 22.05
CA TYR A 51 32.75 12.12 23.17
C TYR A 51 31.89 12.13 24.43
N THR A 52 32.54 12.03 25.57
CA THR A 52 31.88 12.11 26.87
C THR A 52 32.57 13.18 27.72
N GLY A 53 31.80 14.16 28.17
CA GLY A 53 32.36 15.24 28.97
C GLY A 53 31.41 15.66 30.07
N THR A 54 31.51 16.94 30.42
CA THR A 54 30.61 17.37 31.54
C THR A 54 30.07 18.74 31.25
N TYR A 55 28.78 18.93 31.57
CA TYR A 55 28.14 20.22 31.43
C TYR A 55 27.64 20.66 32.82
N LYS A 56 28.26 21.67 33.38
CA LYS A 56 27.94 22.13 34.72
C LYS A 56 27.99 21.02 35.75
N GLY A 57 28.97 20.14 35.72
CA GLY A 57 29.07 19.04 36.66
C GLY A 57 28.32 17.80 36.24
N ARG A 58 27.47 17.88 35.23
CA ARG A 58 26.66 16.73 34.82
C ARG A 58 27.29 15.99 33.63
N ARG A 59 27.52 14.69 33.77
CA ARG A 59 28.10 13.91 32.69
C ARG A 59 27.17 13.83 31.49
N ILE A 60 27.67 14.21 30.32
CA ILE A 60 26.91 14.24 29.09
C ILE A 60 27.74 13.73 27.92
N SER A 61 27.12 13.02 26.99
CA SER A 61 27.85 12.55 25.82
C SER A 61 27.33 13.22 24.55
N VAL A 62 28.16 13.24 23.53
CA VAL A 62 27.87 13.82 22.23
C VAL A 62 28.48 12.94 21.14
N MET A 63 27.68 12.58 20.12
CA MET A 63 28.17 11.68 19.08
C MET A 63 27.45 11.86 17.77
N GLY A 64 28.14 11.80 16.64
CA GLY A 64 27.43 11.98 15.35
C GLY A 64 26.59 10.73 15.08
N HIS A 65 25.54 10.84 14.27
CA HIS A 65 24.74 9.66 13.93
C HIS A 65 24.66 9.46 12.42
N GLY A 66 25.41 10.27 11.66
CA GLY A 66 25.40 10.14 10.21
C GLY A 66 24.12 10.68 9.57
N MET A 67 23.91 10.40 8.28
CA MET A 67 22.72 10.91 7.61
C MET A 67 21.66 9.86 7.30
N GLY A 68 20.40 10.24 7.57
CA GLY A 68 19.29 9.38 7.25
C GLY A 68 18.87 8.43 8.35
N ILE A 69 17.66 7.90 8.19
CA ILE A 69 17.02 7.01 9.13
C ILE A 69 17.76 5.74 9.41
N PRO A 70 18.25 5.04 8.39
CA PRO A 70 18.98 3.79 8.60
C PRO A 70 20.25 3.99 9.39
N SER A 71 21.01 5.04 9.04
CA SER A 71 22.25 5.31 9.77
C SER A 71 21.92 5.68 11.21
N CYS A 72 20.98 6.62 11.36
CA CYS A 72 20.58 7.05 12.69
C CYS A 72 20.09 5.91 13.56
N SER A 73 19.30 5.00 13.00
CA SER A 73 18.78 3.87 13.75
C SER A 73 19.85 2.94 14.29
N ILE A 74 20.87 2.65 13.49
CA ILE A 74 21.94 1.77 13.92
C ILE A 74 22.63 2.36 15.16
N TYR A 75 23.06 3.62 15.08
CA TYR A 75 23.75 4.22 16.23
C TYR A 75 22.91 4.32 17.47
N VAL A 76 21.70 4.88 17.37
CA VAL A 76 20.92 5.03 18.60
C VAL A 76 20.43 3.72 19.15
N THR A 77 20.22 2.70 18.31
CA THR A 77 19.84 1.37 18.79
C THR A 77 21.00 0.78 19.60
N GLU A 78 22.21 0.82 19.06
CA GLU A 78 23.38 0.30 19.77
C GLU A 78 23.62 1.09 21.06
N LEU A 79 23.51 2.43 21.00
CA LEU A 79 23.64 3.23 22.21
C LEU A 79 22.67 2.80 23.29
N ILE A 80 21.40 2.56 22.90
CA ILE A 80 20.40 2.19 23.89
C ILE A 80 20.59 0.77 24.42
N LYS A 81 20.72 -0.22 23.53
CA LYS A 81 20.78 -1.59 23.99
C LYS A 81 22.12 -2.06 24.51
N ASP A 82 23.22 -1.47 24.07
CA ASP A 82 24.53 -1.90 24.55
C ASP A 82 25.19 -0.89 25.48
N TYR A 83 24.82 0.39 25.43
CA TYR A 83 25.52 1.38 26.26
C TYR A 83 24.66 1.99 27.33
N GLY A 84 23.47 1.47 27.57
CA GLY A 84 22.60 1.92 28.65
C GLY A 84 22.05 3.32 28.46
N VAL A 85 22.13 3.89 27.25
CA VAL A 85 21.64 5.24 27.02
C VAL A 85 20.15 5.34 27.23
N LYS A 86 19.73 6.36 27.99
CA LYS A 86 18.32 6.52 28.31
C LYS A 86 17.63 7.63 27.54
N LYS A 87 18.33 8.72 27.31
CA LYS A 87 17.82 9.90 26.63
C LYS A 87 18.77 10.35 25.51
N ILE A 88 18.20 10.58 24.37
CA ILE A 88 18.85 11.01 23.18
C ILE A 88 18.19 12.32 22.70
N ILE A 89 19.00 13.32 22.52
CA ILE A 89 18.55 14.57 21.97
C ILE A 89 19.26 14.78 20.62
N ARG A 90 18.51 14.62 19.52
CA ARG A 90 19.17 14.88 18.23
C ARG A 90 19.22 16.40 18.04
N VAL A 91 20.32 16.93 17.57
CA VAL A 91 20.40 18.38 17.32
C VAL A 91 20.83 18.61 15.87
N GLY A 92 20.16 19.48 15.12
CA GLY A 92 20.61 19.65 13.74
C GLY A 92 20.00 20.86 13.05
N SER A 93 20.21 20.91 11.75
CA SER A 93 19.70 21.96 10.89
C SER A 93 18.51 21.43 10.10
N CYS A 94 17.50 22.23 9.86
CA CYS A 94 16.39 21.73 9.04
C CYS A 94 15.98 22.79 8.01
N GLY A 95 15.21 22.36 7.03
CA GLY A 95 14.67 23.30 6.04
C GLY A 95 13.24 23.62 6.48
N ALA A 96 12.76 24.84 6.23
CA ALA A 96 11.38 25.15 6.58
C ALA A 96 10.52 25.20 5.33
N VAL A 97 9.25 24.87 5.46
CA VAL A 97 8.35 24.94 4.30
C VAL A 97 7.24 25.96 4.59
N ASN A 98 7.12 26.38 5.85
CA ASN A 98 6.02 27.30 6.19
C ASN A 98 6.44 28.74 6.26
N GLU A 99 5.52 29.63 5.84
CA GLU A 99 5.79 31.06 5.85
C GLU A 99 5.92 31.63 7.26
N GLY A 100 5.25 31.08 8.25
CA GLY A 100 5.36 31.59 9.61
C GLY A 100 6.67 31.26 10.31
N ILE A 101 7.57 30.49 9.70
CA ILE A 101 8.84 30.09 10.30
C ILE A 101 9.99 30.68 9.51
N LYS A 102 10.92 31.36 10.20
CA LYS A 102 12.03 31.99 9.48
C LYS A 102 13.35 31.27 9.68
N VAL A 103 14.31 31.59 8.81
CA VAL A 103 15.63 30.99 8.99
C VAL A 103 16.17 31.46 10.35
N ARG A 104 16.86 30.56 11.02
CA ARG A 104 17.43 30.78 12.33
C ARG A 104 16.44 30.54 13.45
N ASP A 105 15.19 30.18 13.14
CA ASP A 105 14.21 29.86 14.18
C ASP A 105 14.58 28.45 14.73
N VAL A 106 14.33 28.25 16.01
CA VAL A 106 14.55 26.99 16.68
C VAL A 106 13.22 26.24 16.75
N VAL A 107 13.23 25.00 16.27
CA VAL A 107 12.03 24.19 16.29
C VAL A 107 12.27 22.90 17.07
N ILE A 108 11.24 22.48 17.78
CA ILE A 108 11.28 21.21 18.54
C ILE A 108 10.26 20.28 17.89
N GLY A 109 10.68 19.08 17.59
CA GLY A 109 9.84 18.09 16.95
C GLY A 109 9.09 17.24 17.97
N MET A 110 7.90 17.69 18.36
CA MET A 110 7.08 16.90 19.27
C MET A 110 6.64 15.60 18.57
N GLY A 111 6.46 15.66 17.26
CA GLY A 111 6.17 14.49 16.44
C GLY A 111 7.05 14.55 15.16
N ALA A 112 7.14 13.43 14.43
CA ALA A 112 7.89 13.47 13.18
C ALA A 112 7.21 12.65 12.10
N CYS A 113 6.77 13.33 11.05
CA CYS A 113 6.17 12.64 9.90
C CYS A 113 7.31 12.05 9.06
N THR A 114 6.97 11.16 8.13
CA THR A 114 8.03 10.58 7.28
C THR A 114 7.46 9.94 6.04
N ASP A 115 8.30 9.81 5.02
CA ASP A 115 7.94 9.10 3.80
C ASP A 115 8.69 7.76 3.78
N SER A 116 9.27 7.43 4.93
CA SER A 116 9.98 6.17 5.11
C SER A 116 9.01 5.05 5.50
N LYS A 117 9.45 3.81 5.35
CA LYS A 117 8.66 2.64 5.69
C LYS A 117 9.05 2.01 7.01
N VAL A 118 10.12 2.45 7.65
CA VAL A 118 10.57 1.82 8.88
C VAL A 118 9.50 1.70 9.95
N ASN A 119 8.67 2.69 10.19
CA ASN A 119 7.64 2.52 11.24
C ASN A 119 6.51 1.65 10.76
N ARG A 120 6.25 1.57 9.46
CA ARG A 120 5.21 0.67 8.98
C ARG A 120 5.66 -0.79 9.10
N ILE A 121 6.96 -1.02 8.95
CA ILE A 121 7.49 -2.39 9.13
C ILE A 121 7.31 -2.78 10.58
N ARG A 122 7.53 -1.83 11.50
CA ARG A 122 7.35 -2.13 12.92
C ARG A 122 5.89 -2.25 13.34
N PHE A 123 5.01 -1.51 12.69
CA PHE A 123 3.64 -1.42 13.20
C PHE A 123 2.58 -1.99 12.29
N LYS A 124 2.88 -3.13 11.69
CA LYS A 124 1.97 -3.86 10.81
C LYS A 124 1.34 -2.98 9.74
N ASP A 125 2.10 -2.13 9.08
CA ASP A 125 1.63 -1.24 8.06
C ASP A 125 0.56 -0.24 8.49
N HIS A 126 0.34 -0.01 9.78
CA HIS A 126 -0.62 0.99 10.23
C HIS A 126 0.13 2.30 10.50
N ASP A 127 -0.58 3.36 10.86
CA ASP A 127 0.08 4.64 11.06
C ASP A 127 0.64 4.74 12.49
N PHE A 128 1.95 4.66 12.63
CA PHE A 128 2.56 4.85 13.96
C PHE A 128 2.92 6.34 14.12
N ALA A 129 2.40 7.01 15.13
CA ALA A 129 2.74 8.41 15.36
C ALA A 129 4.09 8.50 16.05
N ALA A 130 5.14 8.84 15.31
CA ALA A 130 6.48 8.94 15.88
C ALA A 130 6.57 10.22 16.69
N ILE A 131 6.58 10.10 18.00
CA ILE A 131 6.59 11.26 18.88
C ILE A 131 7.78 11.24 19.82
N ALA A 132 8.12 12.42 20.29
CA ALA A 132 9.18 12.60 21.27
C ALA A 132 8.65 12.25 22.67
N ASP A 133 9.54 12.24 23.65
CA ASP A 133 9.09 12.00 25.04
C ASP A 133 8.61 13.38 25.52
N TYR A 134 7.43 13.49 26.07
CA TYR A 134 6.87 14.74 26.51
C TYR A 134 7.75 15.51 27.49
N LYS A 135 8.31 14.88 28.51
CA LYS A 135 9.12 15.58 29.49
C LYS A 135 10.35 16.26 28.89
N MET A 136 10.99 15.58 27.93
CA MET A 136 12.10 16.15 27.19
C MET A 136 11.62 17.35 26.38
N VAL A 137 10.46 17.27 25.74
CA VAL A 137 9.96 18.43 24.98
C VAL A 137 9.79 19.63 25.94
N LYS A 138 9.12 19.36 27.05
CA LYS A 138 8.85 20.31 28.11
C LYS A 138 10.13 20.92 28.70
N ALA A 139 11.11 20.09 29.02
CA ALA A 139 12.39 20.62 29.53
C ALA A 139 13.04 21.54 28.50
N ALA A 140 13.06 21.08 27.23
CA ALA A 140 13.67 21.89 26.16
C ALA A 140 12.92 23.20 25.98
N GLU A 141 11.59 23.14 25.98
CA GLU A 141 10.80 24.38 25.86
C GLU A 141 11.05 25.32 27.04
N GLU A 142 11.20 24.80 28.26
CA GLU A 142 11.48 25.68 29.41
C GLU A 142 12.90 26.26 29.34
N ALA A 143 13.85 25.45 28.89
CA ALA A 143 15.25 25.90 28.79
C ALA A 143 15.37 27.08 27.83
N ALA A 144 14.67 26.97 26.70
CA ALA A 144 14.68 28.03 25.71
C ALA A 144 14.01 29.29 26.31
N LYS A 145 12.87 29.09 26.97
CA LYS A 145 12.17 30.22 27.57
C LYS A 145 13.07 30.96 28.56
N ALA A 146 13.85 30.27 29.37
CA ALA A 146 14.79 30.86 30.30
C ALA A 146 15.93 31.60 29.61
N ARG A 147 16.20 31.31 28.35
CA ARG A 147 17.23 31.99 27.59
C ARG A 147 16.66 33.06 26.67
N GLY A 148 15.37 33.36 26.79
CA GLY A 148 14.73 34.34 25.94
C GLY A 148 14.59 33.90 24.49
N ILE A 149 14.65 32.60 24.23
CA ILE A 149 14.55 32.09 22.86
C ILE A 149 13.17 31.51 22.61
N ASP A 150 12.54 31.98 21.52
CA ASP A 150 11.22 31.43 21.21
C ASP A 150 11.39 30.19 20.33
N VAL A 151 10.72 29.12 20.72
CA VAL A 151 10.85 27.87 19.96
C VAL A 151 9.50 27.48 19.37
N LYS A 152 9.48 26.85 18.21
CA LYS A 152 8.18 26.40 17.67
C LYS A 152 8.12 24.89 17.94
N VAL A 153 7.05 24.45 18.56
CA VAL A 153 6.91 23.02 18.86
C VAL A 153 5.86 22.39 17.98
N GLY A 154 6.24 21.40 17.16
CA GLY A 154 5.21 20.80 16.30
C GLY A 154 5.81 19.58 15.60
N ASN A 155 5.39 19.39 14.36
CA ASN A 155 5.75 18.28 13.54
C ASN A 155 6.94 18.51 12.63
N LEU A 156 7.94 17.62 12.75
CA LEU A 156 9.02 17.65 11.77
C LEU A 156 8.59 16.68 10.64
N PHE A 157 9.28 16.74 9.51
CA PHE A 157 9.10 15.77 8.45
C PHE A 157 10.47 15.14 8.13
N SER A 158 10.57 13.84 8.29
CA SER A 158 11.83 13.13 8.02
C SER A 158 11.80 12.51 6.64
N ALA A 159 12.51 13.11 5.72
CA ALA A 159 12.61 12.71 4.34
C ALA A 159 13.60 11.59 4.09
N GLU A 160 13.29 10.65 3.20
CA GLU A 160 14.22 9.60 2.83
C GLU A 160 15.14 10.09 1.70
N LEU A 161 14.61 10.94 0.83
CA LEU A 161 15.34 11.46 -0.29
C LEU A 161 15.59 12.95 -0.19
N PHE A 162 16.83 13.32 0.09
CA PHE A 162 17.22 14.74 0.16
C PHE A 162 16.95 15.41 -1.19
N TYR A 163 17.34 14.73 -2.27
CA TYR A 163 17.02 15.23 -3.62
C TYR A 163 15.71 14.56 -4.05
N THR A 164 14.61 15.08 -3.53
CA THR A 164 13.31 14.52 -3.74
C THR A 164 12.83 14.54 -5.18
N PRO A 165 12.28 13.40 -5.60
CA PRO A 165 11.67 13.28 -6.91
C PRO A 165 10.28 13.92 -6.92
N ASP A 166 9.77 14.30 -5.75
CA ASP A 166 8.46 14.94 -5.66
C ASP A 166 8.46 16.20 -4.82
N PRO A 167 8.84 17.33 -5.41
CA PRO A 167 8.89 18.60 -4.69
C PRO A 167 7.53 19.17 -4.34
N SER A 168 6.44 18.69 -4.92
CA SER A 168 5.10 19.16 -4.58
C SER A 168 4.66 18.71 -3.20
N MET A 169 5.38 17.79 -2.57
CA MET A 169 5.11 17.34 -1.22
C MET A 169 5.38 18.46 -0.22
N PHE A 170 6.23 19.41 -0.57
CA PHE A 170 6.58 20.51 0.33
C PHE A 170 5.37 21.40 0.57
N ASP A 171 4.51 21.52 -0.44
CA ASP A 171 3.27 22.28 -0.33
C ASP A 171 2.27 21.55 0.57
N VAL A 172 2.23 20.23 0.50
CA VAL A 172 1.38 19.44 1.40
C VAL A 172 1.83 19.58 2.86
N MET A 173 3.13 19.51 3.12
CA MET A 173 3.71 19.62 4.46
C MET A 173 3.36 20.97 5.10
N ASP A 174 3.52 21.99 4.27
CA ASP A 174 3.24 23.37 4.67
C ASP A 174 1.78 23.50 5.07
N LYS A 175 0.92 22.97 4.17
CA LYS A 175 -0.52 22.97 4.44
C LYS A 175 -0.83 22.28 5.74
N TYR A 176 -0.09 21.21 6.11
CA TYR A 176 -0.40 20.54 7.37
C TYR A 176 0.36 21.00 8.57
N GLY A 177 1.09 22.10 8.50
CA GLY A 177 1.78 22.63 9.68
C GLY A 177 3.15 22.14 9.96
N ILE A 178 3.78 21.34 9.10
CA ILE A 178 5.16 20.90 9.37
C ILE A 178 6.05 22.07 9.73
N VAL A 179 6.76 22.00 10.87
CA VAL A 179 7.64 23.11 11.26
C VAL A 179 9.02 23.03 10.66
N GLY A 180 9.49 21.85 10.27
CA GLY A 180 10.82 21.77 9.65
C GLY A 180 11.03 20.41 8.99
N VAL A 181 11.84 20.39 7.95
CA VAL A 181 12.13 19.16 7.24
C VAL A 181 13.59 18.76 7.43
N GLU A 182 13.73 17.53 7.90
CA GLU A 182 15.04 16.92 8.12
C GLU A 182 14.98 15.46 7.71
N MET A 183 15.91 14.63 8.17
CA MET A 183 15.95 13.27 7.66
C MET A 183 16.01 12.17 8.69
N GLU A 184 16.05 12.43 9.99
CA GLU A 184 16.19 11.29 10.88
C GLU A 184 15.25 11.21 12.07
N ALA A 185 14.48 12.26 12.37
CA ALA A 185 13.64 12.28 13.56
C ALA A 185 12.63 11.16 13.64
N ALA A 186 11.95 10.79 12.56
CA ALA A 186 10.96 9.72 12.63
C ALA A 186 11.63 8.40 12.97
N GLY A 187 12.86 8.20 12.52
CA GLY A 187 13.60 6.97 12.82
C GLY A 187 14.04 6.87 14.26
N ILE A 188 14.52 7.98 14.83
CA ILE A 188 14.93 8.03 16.22
C ILE A 188 13.76 7.81 17.16
N TYR A 189 12.64 8.46 16.88
CA TYR A 189 11.43 8.29 17.68
C TYR A 189 10.93 6.86 17.59
N GLY A 190 11.11 6.24 16.41
CA GLY A 190 10.64 4.87 16.21
C GLY A 190 11.48 3.88 16.99
N VAL A 191 12.79 4.15 17.04
CA VAL A 191 13.72 3.31 17.78
C VAL A 191 13.48 3.50 19.27
N ALA A 192 13.24 4.74 19.70
CA ALA A 192 13.00 5.00 21.13
C ALA A 192 11.78 4.24 21.60
N ALA A 193 10.72 4.23 20.82
CA ALA A 193 9.51 3.48 21.15
C ALA A 193 9.78 1.98 21.14
N GLU A 194 10.55 1.46 20.19
CA GLU A 194 10.85 0.03 20.13
C GLU A 194 11.71 -0.43 21.31
N TYR A 195 12.71 0.34 21.71
CA TYR A 195 13.58 -0.13 22.80
C TYR A 195 13.28 0.51 24.13
N GLY A 196 12.14 1.18 24.25
CA GLY A 196 11.71 1.80 25.48
C GLY A 196 12.62 2.89 26.00
N ALA A 197 13.14 3.75 25.13
CA ALA A 197 13.96 4.89 25.55
C ALA A 197 13.21 6.19 25.29
N LYS A 198 13.86 7.30 25.57
CA LYS A 198 13.32 8.62 25.38
C LYS A 198 14.17 9.45 24.43
N ALA A 199 13.48 10.12 23.54
CA ALA A 199 14.17 10.90 22.52
C ALA A 199 13.50 12.22 22.21
N LEU A 200 14.31 13.14 21.73
CA LEU A 200 13.86 14.45 21.32
C LEU A 200 14.71 14.98 20.16
N ALA A 201 14.09 15.69 19.23
CA ALA A 201 14.79 16.29 18.12
C ALA A 201 14.63 17.81 18.17
N ILE A 202 15.73 18.53 18.28
CA ILE A 202 15.71 19.99 18.23
C ILE A 202 16.46 20.38 16.94
N CYS A 203 15.99 21.38 16.23
CA CYS A 203 16.61 21.83 15.01
C CYS A 203 16.59 23.36 14.91
N THR A 204 17.49 23.78 14.04
CA THR A 204 17.59 25.23 13.74
C THR A 204 17.35 25.36 12.24
N VAL A 205 16.44 26.25 11.86
CA VAL A 205 16.12 26.45 10.44
C VAL A 205 17.30 27.11 9.71
N SER A 206 17.99 26.33 8.88
CA SER A 206 19.14 26.85 8.16
C SER A 206 18.75 27.30 6.75
N ASP A 207 17.60 26.85 6.27
CA ASP A 207 17.14 27.19 4.93
C ASP A 207 15.62 27.23 4.83
N HIS A 208 15.11 28.10 3.96
CA HIS A 208 13.69 28.19 3.71
C HIS A 208 13.41 27.59 2.33
N ILE A 209 12.90 26.38 2.32
CA ILE A 209 12.64 25.65 1.08
C ILE A 209 11.64 26.35 0.19
N LYS A 210 10.69 27.06 0.78
CA LYS A 210 9.69 27.76 -0.01
C LYS A 210 10.19 29.10 -0.51
N THR A 211 10.56 30.00 0.41
CA THR A 211 10.99 31.34 -0.02
C THR A 211 12.37 31.34 -0.63
N GLY A 212 13.21 30.38 -0.29
CA GLY A 212 14.57 30.30 -0.81
C GLY A 212 15.59 30.95 0.13
N GLU A 213 15.12 31.65 1.14
CA GLU A 213 15.92 32.31 2.16
C GLU A 213 17.11 31.46 2.61
N SER A 217 26.98 32.29 7.47
CA SER A 217 27.62 31.34 8.37
C SER A 217 27.60 31.84 9.80
N GLU A 218 27.98 33.10 9.98
CA GLU A 218 28.05 33.76 11.27
C GLU A 218 26.74 33.62 12.05
N GLU A 219 25.67 34.16 11.48
CA GLU A 219 24.35 34.09 12.10
C GLU A 219 23.91 32.67 12.32
N ARG A 220 24.26 31.76 11.42
CA ARG A 220 23.91 30.34 11.57
C ARG A 220 24.72 29.72 12.70
N GLN A 221 26.01 30.06 12.78
CA GLN A 221 26.84 29.55 13.86
C GLN A 221 26.23 30.00 15.20
N ASN A 222 25.92 31.29 15.27
CA ASN A 222 25.31 31.86 16.46
C ASN A 222 24.03 31.14 16.85
N THR A 223 23.14 30.94 15.87
CA THR A 223 21.87 30.26 16.15
C THR A 223 22.10 28.80 16.49
N PHE A 224 23.14 28.20 15.92
CA PHE A 224 23.53 26.82 16.24
C PHE A 224 23.97 26.70 17.70
N ASN A 225 24.73 27.68 18.17
CA ASN A 225 25.17 27.71 19.56
C ASN A 225 23.98 27.84 20.51
N GLU A 226 22.97 28.59 20.09
CA GLU A 226 21.75 28.78 20.85
C GLU A 226 21.01 27.46 21.02
N MET A 227 20.89 26.69 19.93
CA MET A 227 20.27 25.37 19.97
C MET A 227 21.05 24.42 20.89
N ILE A 228 22.37 24.49 20.88
CA ILE A 228 23.16 23.58 21.72
C ILE A 228 22.95 23.88 23.19
N GLU A 229 22.95 25.16 23.52
CA GLU A 229 22.75 25.59 24.92
C GLU A 229 21.42 25.16 25.45
N ILE A 230 20.37 25.31 24.59
CA ILE A 230 19.04 24.87 25.02
C ILE A 230 19.05 23.37 25.32
N ALA A 231 19.60 22.56 24.42
CA ALA A 231 19.62 21.12 24.62
C ALA A 231 20.32 20.75 25.91
N LEU A 232 21.51 21.32 26.13
CA LEU A 232 22.27 21.03 27.34
C LEU A 232 21.56 21.49 28.60
N ASP A 233 20.94 22.67 28.58
CA ASP A 233 20.18 23.16 29.73
C ASP A 233 18.93 22.30 29.93
N SER A 234 18.37 21.74 28.83
CA SER A 234 17.19 20.87 29.05
C SER A 234 17.57 19.62 29.81
N VAL A 235 18.81 19.14 29.63
CA VAL A 235 19.25 17.95 30.37
C VAL A 235 19.20 18.23 31.87
N LEU A 236 19.69 19.39 32.32
CA LEU A 236 19.68 19.71 33.74
C LEU A 236 18.26 19.92 34.25
N ILE A 237 17.42 20.60 33.49
CA ILE A 237 16.02 20.78 33.92
C ILE A 237 15.35 19.41 33.96
N GLY A 238 15.66 18.55 32.98
CA GLY A 238 15.10 17.21 32.95
C GLY A 238 15.52 16.36 34.13
N ASP A 239 16.71 16.56 34.70
CA ASP A 239 17.19 15.79 35.82
C ASP A 239 16.43 16.07 37.13
N GLN A 240 15.87 17.25 37.31
CA GLN A 240 15.18 17.61 38.53
C GLN A 240 13.83 16.93 38.74
N ALA B 4 0.80 -35.09 -17.11
CA ALA B 4 -0.66 -35.03 -17.19
C ALA B 4 -1.22 -34.00 -16.21
N THR B 5 -0.89 -32.74 -16.45
CA THR B 5 -1.35 -31.63 -15.62
C THR B 5 -2.63 -31.03 -16.18
N PRO B 6 -3.28 -30.12 -15.48
CA PRO B 6 -4.52 -29.51 -15.93
C PRO B 6 -4.40 -28.66 -17.17
N HIS B 7 -3.33 -27.89 -17.36
CA HIS B 7 -3.21 -27.04 -18.54
C HIS B 7 -2.30 -27.59 -19.61
N ILE B 8 -1.53 -28.62 -19.33
CA ILE B 8 -0.60 -29.19 -20.29
C ILE B 8 -0.85 -30.69 -20.42
N ASN B 9 -1.25 -31.13 -21.61
CA ASN B 9 -1.54 -32.56 -21.80
C ASN B 9 -0.36 -33.33 -22.36
N ALA B 10 0.74 -33.34 -21.63
CA ALA B 10 1.93 -34.09 -22.10
C ALA B 10 2.37 -35.02 -20.97
N GLN B 11 3.39 -35.81 -21.21
CA GLN B 11 3.92 -36.71 -20.17
C GLN B 11 5.33 -36.30 -19.80
N MET B 12 5.80 -36.72 -18.63
CA MET B 12 7.17 -36.36 -18.24
C MET B 12 8.15 -36.84 -19.30
N GLY B 13 9.06 -35.98 -19.71
CA GLY B 13 10.05 -36.29 -20.72
C GLY B 13 9.66 -35.75 -22.08
N ASP B 14 8.43 -35.28 -22.26
CA ASP B 14 8.04 -34.72 -23.56
C ASP B 14 8.74 -33.40 -23.84
N PHE B 15 9.01 -32.63 -22.79
CA PHE B 15 9.68 -31.35 -22.96
C PHE B 15 11.18 -31.50 -22.70
N ALA B 16 11.98 -30.67 -23.35
CA ALA B 16 13.42 -30.67 -23.04
C ALA B 16 13.63 -29.91 -21.74
N ASP B 17 14.85 -29.78 -21.25
CA ASP B 17 15.11 -29.02 -20.02
C ASP B 17 15.16 -27.52 -20.28
N VAL B 18 15.16 -27.09 -21.52
CA VAL B 18 15.12 -25.69 -21.89
C VAL B 18 13.95 -25.48 -22.85
N VAL B 19 13.14 -24.46 -22.60
CA VAL B 19 11.93 -24.21 -23.36
C VAL B 19 11.88 -22.76 -23.84
N LEU B 20 11.68 -22.54 -25.12
CA LEU B 20 11.51 -21.20 -25.68
C LEU B 20 10.01 -20.89 -25.65
N MET B 21 9.64 -19.70 -25.23
CA MET B 21 8.24 -19.38 -25.08
C MET B 21 7.80 -18.05 -25.65
N PRO B 22 7.09 -18.08 -26.77
CA PRO B 22 6.44 -16.88 -27.32
C PRO B 22 5.05 -16.78 -26.70
N GLY B 23 4.34 -15.66 -26.81
CA GLY B 23 2.99 -15.61 -26.23
C GLY B 23 2.00 -16.38 -27.10
N ASP B 24 2.10 -16.18 -28.39
CA ASP B 24 1.24 -16.75 -29.42
C ASP B 24 1.64 -18.17 -29.76
N PRO B 25 0.70 -19.10 -29.65
CA PRO B 25 0.92 -20.51 -29.92
C PRO B 25 1.29 -20.76 -31.37
N LEU B 26 0.83 -19.87 -32.25
CA LEU B 26 1.15 -19.97 -33.67
C LEU B 26 2.60 -19.60 -33.92
N ARG B 27 3.15 -18.69 -33.08
CA ARG B 27 4.57 -18.38 -33.22
C ARG B 27 5.40 -19.58 -32.75
N ALA B 28 4.88 -20.32 -31.77
CA ALA B 28 5.55 -21.52 -31.30
C ALA B 28 5.59 -22.56 -32.43
N LYS B 29 4.51 -22.62 -33.19
CA LYS B 29 4.37 -23.56 -34.30
C LYS B 29 5.37 -23.19 -35.39
N TYR B 30 5.45 -21.90 -35.63
CA TYR B 30 6.36 -21.33 -36.62
C TYR B 30 7.82 -21.57 -36.27
N ILE B 31 8.16 -21.46 -34.98
CA ILE B 31 9.53 -21.68 -34.52
C ILE B 31 9.90 -23.17 -34.65
N ALA B 32 9.02 -24.03 -34.14
CA ALA B 32 9.23 -25.46 -34.20
C ALA B 32 9.39 -25.96 -35.64
N GLU B 33 8.64 -25.37 -36.56
CA GLU B 33 8.67 -25.77 -37.95
C GLU B 33 9.91 -25.28 -38.68
N ASN B 34 10.24 -24.01 -38.49
CA ASN B 34 11.33 -23.37 -39.20
C ASN B 34 12.68 -23.39 -38.56
N PHE B 35 12.81 -23.59 -37.25
CA PHE B 35 14.11 -23.54 -36.61
C PHE B 35 14.53 -24.82 -35.94
N LEU B 36 13.59 -25.71 -35.66
CA LEU B 36 13.95 -26.96 -34.98
C LEU B 36 13.93 -28.12 -35.98
N ASP B 37 14.69 -29.17 -35.67
CA ASP B 37 14.69 -30.35 -36.50
C ASP B 37 13.83 -31.43 -35.84
N ASN B 38 13.01 -32.07 -36.67
CA ASN B 38 12.17 -33.17 -36.23
C ASN B 38 11.27 -32.78 -35.06
N ALA B 39 10.62 -31.62 -35.19
CA ALA B 39 9.74 -31.15 -34.13
C ALA B 39 8.44 -31.95 -34.13
N VAL B 40 8.03 -32.37 -32.95
CA VAL B 40 6.79 -33.11 -32.74
C VAL B 40 5.94 -32.31 -31.75
N GLN B 41 4.65 -32.16 -32.01
CA GLN B 41 3.79 -31.42 -31.08
C GLN B 41 3.56 -32.28 -29.85
N VAL B 42 3.75 -31.71 -28.64
CA VAL B 42 3.59 -32.51 -27.43
C VAL B 42 2.41 -32.10 -26.57
N CYS B 43 1.67 -31.06 -26.94
CA CYS B 43 0.53 -30.66 -26.09
C CYS B 43 -0.34 -29.65 -26.84
N ASP B 44 -1.62 -29.59 -26.46
CA ASP B 44 -2.50 -28.66 -27.19
C ASP B 44 -3.73 -28.25 -26.39
N VAL B 45 -3.68 -28.40 -25.07
CA VAL B 45 -4.80 -27.99 -24.23
C VAL B 45 -5.05 -26.49 -24.47
N ARG B 46 -6.31 -26.16 -24.71
CA ARG B 46 -6.72 -24.78 -24.95
C ARG B 46 -6.05 -24.20 -26.17
N ASN B 47 -5.68 -25.04 -27.15
CA ASN B 47 -4.99 -24.52 -28.32
C ASN B 47 -3.63 -23.91 -27.96
N MET B 48 -3.04 -24.25 -26.82
CA MET B 48 -1.73 -23.70 -26.43
C MET B 48 -0.69 -24.75 -26.84
N PHE B 49 -0.22 -24.58 -28.08
CA PHE B 49 0.70 -25.48 -28.71
C PHE B 49 2.10 -25.48 -28.11
N GLY B 50 2.58 -26.69 -27.88
CA GLY B 50 3.92 -26.95 -27.36
C GLY B 50 4.56 -28.06 -28.22
N TYR B 51 5.81 -27.84 -28.59
CA TYR B 51 6.54 -28.79 -29.42
C TYR B 51 7.92 -29.09 -28.82
N THR B 52 8.45 -30.21 -29.29
CA THR B 52 9.81 -30.60 -28.92
C THR B 52 10.56 -31.01 -30.20
N GLY B 53 11.70 -30.38 -30.39
CA GLY B 53 12.53 -30.60 -31.55
C GLY B 53 13.99 -30.64 -31.14
N THR B 54 14.84 -30.41 -32.12
CA THR B 54 16.29 -30.49 -31.86
C THR B 54 17.00 -29.40 -32.62
N TYR B 55 17.97 -28.78 -31.98
CA TYR B 55 18.78 -27.71 -32.55
C TYR B 55 20.26 -28.11 -32.46
N LYS B 56 20.82 -28.37 -33.65
CA LYS B 56 22.20 -28.80 -33.75
C LYS B 56 22.43 -30.01 -32.86
N GLY B 57 21.46 -30.93 -32.87
CA GLY B 57 21.50 -32.14 -32.08
C GLY B 57 21.08 -31.95 -30.64
N ARG B 58 20.82 -30.72 -30.20
CA ARG B 58 20.43 -30.55 -28.80
C ARG B 58 18.92 -30.41 -28.67
N ARG B 59 18.34 -31.17 -27.76
CA ARG B 59 16.91 -31.21 -27.48
C ARG B 59 16.42 -29.85 -27.00
N ILE B 60 15.43 -29.27 -27.65
CA ILE B 60 14.84 -27.99 -27.28
C ILE B 60 13.33 -28.00 -27.48
N SER B 61 12.59 -27.41 -26.53
CA SER B 61 11.14 -27.32 -26.63
C SER B 61 10.73 -25.86 -26.85
N VAL B 62 9.59 -25.68 -27.47
CA VAL B 62 9.01 -24.37 -27.74
C VAL B 62 7.51 -24.46 -27.43
N MET B 63 7.00 -23.54 -26.65
CA MET B 63 5.62 -23.61 -26.18
C MET B 63 5.01 -22.22 -25.98
N GLY B 64 3.77 -22.02 -26.36
CA GLY B 64 3.12 -20.71 -26.17
C GLY B 64 2.74 -20.55 -24.70
N HIS B 65 2.66 -19.30 -24.22
CA HIS B 65 2.31 -19.08 -22.81
C HIS B 65 1.15 -18.13 -22.65
N GLY B 66 0.40 -17.86 -23.71
CA GLY B 66 -0.75 -16.95 -23.59
C GLY B 66 -0.30 -15.54 -23.23
N MET B 67 -1.23 -14.61 -22.99
CA MET B 67 -0.82 -13.25 -22.65
C MET B 67 -1.02 -12.88 -21.19
N GLY B 68 -0.06 -12.12 -20.64
CA GLY B 68 -0.24 -11.63 -19.28
C GLY B 68 0.38 -12.56 -18.25
N ILE B 69 0.72 -11.94 -17.12
CA ILE B 69 1.38 -12.62 -16.02
C ILE B 69 0.70 -13.86 -15.57
N PRO B 70 -0.61 -13.81 -15.26
CA PRO B 70 -1.32 -14.95 -14.72
C PRO B 70 -1.30 -16.16 -15.64
N SER B 71 -1.43 -15.93 -16.94
CA SER B 71 -1.43 -17.00 -17.93
C SER B 71 -0.03 -17.60 -18.05
N CYS B 72 0.99 -16.75 -18.23
CA CYS B 72 2.35 -17.28 -18.31
C CYS B 72 2.79 -17.92 -17.00
N SER B 73 2.37 -17.46 -15.83
CA SER B 73 2.80 -18.13 -14.59
C SER B 73 2.31 -19.57 -14.52
N ILE B 74 1.07 -19.78 -14.94
CA ILE B 74 0.47 -21.12 -14.93
C ILE B 74 1.30 -22.07 -15.78
N TYR B 75 1.64 -21.65 -17.00
CA TYR B 75 2.40 -22.54 -17.88
C TYR B 75 3.83 -22.72 -17.44
N VAL B 76 4.53 -21.63 -17.10
CA VAL B 76 5.91 -21.83 -16.67
C VAL B 76 5.95 -22.63 -15.37
N THR B 77 5.02 -22.40 -14.44
CA THR B 77 5.01 -23.16 -13.19
C THR B 77 4.81 -24.64 -13.47
N GLU B 78 3.83 -24.97 -14.34
CA GLU B 78 3.64 -26.37 -14.70
C GLU B 78 4.85 -26.97 -15.38
N LEU B 79 5.50 -26.27 -16.30
CA LEU B 79 6.70 -26.83 -16.94
C LEU B 79 7.78 -27.15 -15.94
N ILE B 80 7.97 -26.26 -14.96
CA ILE B 80 9.03 -26.46 -13.99
C ILE B 80 8.69 -27.54 -12.99
N LYS B 81 7.49 -27.47 -12.38
CA LYS B 81 7.24 -28.45 -11.33
C LYS B 81 6.75 -29.78 -11.84
N ASP B 82 6.14 -29.88 -13.02
CA ASP B 82 5.65 -31.19 -13.45
C ASP B 82 6.49 -31.81 -14.53
N TYR B 83 7.27 -31.01 -15.28
CA TYR B 83 8.02 -31.53 -16.40
C TYR B 83 9.51 -31.36 -16.34
N GLY B 84 10.07 -31.00 -15.21
CA GLY B 84 11.48 -30.83 -15.01
C GLY B 84 12.20 -29.75 -15.76
N VAL B 85 11.52 -28.76 -16.30
CA VAL B 85 12.20 -27.69 -17.03
C VAL B 85 13.08 -26.86 -16.11
N LYS B 86 14.32 -26.61 -16.52
CA LYS B 86 15.31 -25.87 -15.77
C LYS B 86 15.52 -24.46 -16.25
N LYS B 87 15.42 -24.23 -17.55
CA LYS B 87 15.61 -22.94 -18.17
C LYS B 87 14.48 -22.66 -19.16
N ILE B 88 14.02 -21.42 -19.08
CA ILE B 88 12.99 -20.85 -19.88
C ILE B 88 13.47 -19.55 -20.53
N ILE B 89 13.25 -19.43 -21.81
CA ILE B 89 13.54 -18.22 -22.56
C ILE B 89 12.25 -17.73 -23.22
N ARG B 90 11.78 -16.59 -22.77
CA ARG B 90 10.61 -15.96 -23.37
C ARG B 90 11.12 -15.09 -24.52
N VAL B 91 10.49 -15.24 -25.67
CA VAL B 91 10.86 -14.48 -26.87
C VAL B 91 9.62 -13.79 -27.39
N GLY B 92 9.58 -12.46 -27.40
CA GLY B 92 8.36 -11.80 -27.83
C GLY B 92 8.64 -10.45 -28.49
N SER B 93 7.60 -9.67 -28.53
CA SER B 93 7.52 -8.33 -29.02
C SER B 93 7.28 -7.38 -27.83
N CYS B 94 7.87 -6.22 -27.86
CA CYS B 94 7.66 -5.24 -26.80
C CYS B 94 7.57 -3.86 -27.47
N GLY B 95 7.06 -2.89 -26.76
CA GLY B 95 6.97 -1.52 -27.28
C GLY B 95 8.06 -0.69 -26.59
N ALA B 96 8.65 0.25 -27.32
CA ALA B 96 9.70 1.07 -26.68
C ALA B 96 9.13 2.39 -26.17
N VAL B 97 9.77 2.94 -25.14
CA VAL B 97 9.33 4.18 -24.53
C VAL B 97 10.47 5.20 -24.48
N ASN B 98 11.68 4.73 -24.70
CA ASN B 98 12.88 5.55 -24.63
C ASN B 98 13.38 5.93 -26.02
N GLU B 99 13.85 7.17 -26.22
CA GLU B 99 14.34 7.56 -27.53
C GLU B 99 15.66 6.88 -27.88
N GLY B 100 16.39 6.39 -26.89
CA GLY B 100 17.62 5.66 -27.11
C GLY B 100 17.37 4.32 -27.80
N ILE B 101 16.18 3.76 -27.70
CA ILE B 101 15.82 2.51 -28.34
C ILE B 101 15.00 2.74 -29.60
N LYS B 102 15.30 2.01 -30.67
CA LYS B 102 14.64 2.13 -31.94
C LYS B 102 13.79 0.90 -32.27
N VAL B 103 12.81 1.10 -33.13
CA VAL B 103 12.01 -0.07 -33.56
C VAL B 103 12.99 -1.05 -34.21
N ARG B 104 12.76 -2.33 -34.10
CA ARG B 104 13.58 -3.39 -34.60
C ARG B 104 14.78 -3.72 -33.72
N ASP B 105 14.94 -3.00 -32.61
CA ASP B 105 16.03 -3.29 -31.69
C ASP B 105 15.76 -4.62 -30.96
N VAL B 106 16.83 -5.27 -30.56
CA VAL B 106 16.69 -6.47 -29.74
C VAL B 106 17.02 -6.09 -28.30
N VAL B 107 16.06 -6.28 -27.39
CA VAL B 107 16.30 -5.92 -25.99
C VAL B 107 16.27 -7.15 -25.11
N ILE B 108 17.16 -7.19 -24.11
CA ILE B 108 17.16 -8.29 -23.16
C ILE B 108 16.78 -7.76 -21.77
N GLY B 109 15.78 -8.38 -21.14
CA GLY B 109 15.33 -7.93 -19.83
C GLY B 109 16.20 -8.49 -18.71
N MET B 110 17.20 -7.73 -18.28
CA MET B 110 18.03 -8.24 -17.17
C MET B 110 17.13 -8.21 -15.90
N GLY B 111 16.22 -7.24 -15.90
CA GLY B 111 15.26 -7.07 -14.85
C GLY B 111 13.87 -6.76 -15.45
N ALA B 112 12.84 -6.90 -14.64
CA ALA B 112 11.50 -6.60 -15.11
C ALA B 112 10.69 -5.88 -14.04
N CYS B 113 10.40 -4.62 -14.33
CA CYS B 113 9.55 -3.80 -13.48
C CYS B 113 8.12 -4.23 -13.78
N THR B 114 7.16 -3.88 -12.92
CA THR B 114 5.79 -4.25 -13.18
C THR B 114 4.84 -3.44 -12.30
N ASP B 115 3.59 -3.42 -12.74
CA ASP B 115 2.55 -2.75 -11.96
C ASP B 115 1.63 -3.80 -11.35
N SER B 116 2.02 -5.06 -11.46
CA SER B 116 1.32 -6.20 -10.91
C SER B 116 1.68 -6.41 -9.42
N LYS B 117 0.84 -7.11 -8.69
CA LYS B 117 1.05 -7.39 -7.28
C LYS B 117 1.54 -8.80 -7.04
N VAL B 118 1.84 -9.58 -8.09
CA VAL B 118 2.26 -10.97 -7.88
C VAL B 118 3.55 -11.10 -7.09
N ASN B 119 4.53 -10.26 -7.31
CA ASN B 119 5.78 -10.38 -6.52
C ASN B 119 5.61 -9.79 -5.13
N ARG B 120 4.73 -8.81 -4.94
CA ARG B 120 4.47 -8.30 -3.58
C ARG B 120 3.78 -9.39 -2.76
N ILE B 121 2.92 -10.20 -3.39
CA ILE B 121 2.28 -11.30 -2.66
C ILE B 121 3.30 -12.36 -2.24
N ARG B 122 4.31 -12.60 -3.06
CA ARG B 122 5.37 -13.53 -2.76
C ARG B 122 6.38 -12.98 -1.76
N PHE B 123 6.60 -11.68 -1.73
CA PHE B 123 7.73 -11.15 -0.96
C PHE B 123 7.34 -10.27 0.19
N LYS B 124 6.27 -10.63 0.90
CA LYS B 124 5.79 -9.88 2.04
C LYS B 124 5.60 -8.41 1.82
N ASP B 125 5.13 -8.00 0.64
CA ASP B 125 4.86 -6.64 0.26
C ASP B 125 6.06 -5.72 0.15
N HIS B 126 7.28 -6.29 0.12
CA HIS B 126 8.46 -5.49 -0.11
C HIS B 126 8.78 -5.50 -1.60
N ASP B 127 9.82 -4.80 -2.00
CA ASP B 127 10.19 -4.69 -3.42
C ASP B 127 11.07 -5.86 -3.86
N PHE B 128 10.54 -6.77 -4.64
CA PHE B 128 11.35 -7.87 -5.17
C PHE B 128 11.92 -7.44 -6.54
N ALA B 129 13.23 -7.45 -6.70
CA ALA B 129 13.79 -7.08 -8.00
C ALA B 129 13.67 -8.31 -8.92
N ALA B 130 12.65 -8.29 -9.79
CA ALA B 130 12.44 -9.44 -10.68
C ALA B 130 13.52 -9.49 -11.74
N ILE B 131 14.47 -10.41 -11.58
CA ILE B 131 15.62 -10.52 -12.45
C ILE B 131 15.79 -11.86 -13.17
N ALA B 132 16.46 -11.76 -14.32
CA ALA B 132 16.82 -12.91 -15.13
C ALA B 132 18.03 -13.63 -14.52
N ASP B 133 18.31 -14.83 -14.99
CA ASP B 133 19.52 -15.54 -14.61
C ASP B 133 20.71 -14.88 -15.31
N TYR B 134 21.77 -14.53 -14.59
CA TYR B 134 22.89 -13.81 -15.21
C TYR B 134 23.56 -14.58 -16.34
N LYS B 135 23.86 -15.86 -16.13
CA LYS B 135 24.51 -16.64 -17.20
C LYS B 135 23.67 -16.71 -18.45
N MET B 136 22.34 -16.78 -18.37
CA MET B 136 21.51 -16.75 -19.58
C MET B 136 21.57 -15.43 -20.30
N VAL B 137 21.58 -14.31 -19.54
CA VAL B 137 21.70 -12.99 -20.14
C VAL B 137 23.02 -12.91 -20.93
N LYS B 138 24.08 -13.41 -20.32
CA LYS B 138 25.42 -13.40 -20.87
C LYS B 138 25.50 -14.26 -22.13
N ALA B 139 24.96 -15.48 -22.07
CA ALA B 139 24.94 -16.32 -23.30
C ALA B 139 24.18 -15.60 -24.41
N ALA B 140 22.99 -15.05 -24.12
CA ALA B 140 22.23 -14.33 -25.13
C ALA B 140 22.96 -13.11 -25.65
N GLU B 141 23.62 -12.38 -24.75
CA GLU B 141 24.37 -11.19 -25.19
C GLU B 141 25.57 -11.56 -26.05
N GLU B 142 26.29 -12.63 -25.69
CA GLU B 142 27.45 -13.05 -26.48
C GLU B 142 26.96 -13.56 -27.85
N ALA B 143 25.94 -14.41 -27.86
CA ALA B 143 25.36 -14.94 -29.08
C ALA B 143 24.95 -13.84 -30.05
N ALA B 144 24.35 -12.75 -29.58
CA ALA B 144 23.96 -11.67 -30.49
C ALA B 144 25.19 -10.95 -31.04
N LYS B 145 26.19 -10.78 -30.17
CA LYS B 145 27.43 -10.12 -30.54
C LYS B 145 28.16 -10.93 -31.61
N ALA B 146 28.11 -12.24 -31.50
CA ALA B 146 28.71 -13.17 -32.43
C ALA B 146 27.97 -13.20 -33.76
N ARG B 147 26.75 -12.67 -33.79
CA ARG B 147 25.93 -12.64 -35.00
C ARG B 147 25.83 -11.21 -35.50
N GLY B 148 26.64 -10.34 -34.89
CA GLY B 148 26.69 -8.94 -35.24
C GLY B 148 25.50 -8.12 -34.80
N ILE B 149 24.64 -8.66 -33.93
CA ILE B 149 23.49 -7.91 -33.45
C ILE B 149 23.81 -7.23 -32.13
N ASP B 150 23.49 -5.95 -32.06
CA ASP B 150 23.74 -5.18 -30.84
C ASP B 150 22.49 -5.16 -29.97
N VAL B 151 22.60 -5.70 -28.75
CA VAL B 151 21.44 -5.79 -27.88
C VAL B 151 21.41 -4.78 -26.75
N LYS B 152 20.22 -4.26 -26.46
CA LYS B 152 20.06 -3.34 -25.33
C LYS B 152 19.68 -4.16 -24.09
N VAL B 153 20.59 -4.17 -23.11
CA VAL B 153 20.35 -4.93 -21.90
C VAL B 153 19.85 -4.04 -20.78
N GLY B 154 18.61 -4.30 -20.32
CA GLY B 154 18.15 -3.44 -19.21
C GLY B 154 16.86 -3.92 -18.59
N ASN B 155 16.03 -2.97 -18.19
CA ASN B 155 14.78 -3.20 -17.54
C ASN B 155 13.59 -3.22 -18.48
N LEU B 156 12.84 -4.32 -18.45
CA LEU B 156 11.56 -4.36 -19.16
C LEU B 156 10.50 -3.88 -18.14
N PHE B 157 9.32 -3.57 -18.62
CA PHE B 157 8.18 -3.22 -17.80
C PHE B 157 7.00 -4.10 -18.26
N SER B 158 6.55 -4.95 -17.36
CA SER B 158 5.45 -5.87 -17.55
C SER B 158 4.15 -5.22 -17.08
N ALA B 159 3.33 -4.80 -18.01
CA ALA B 159 2.08 -4.13 -17.72
C ALA B 159 0.94 -5.10 -17.49
N GLU B 160 0.06 -4.75 -16.55
CA GLU B 160 -1.12 -5.61 -16.34
C GLU B 160 -2.23 -5.21 -17.31
N LEU B 161 -2.25 -3.93 -17.69
CA LEU B 161 -3.31 -3.48 -18.61
C LEU B 161 -2.70 -2.96 -19.90
N PHE B 162 -2.90 -3.71 -20.97
CA PHE B 162 -2.47 -3.36 -22.30
C PHE B 162 -3.06 -2.00 -22.70
N TYR B 163 -4.35 -1.84 -22.48
CA TYR B 163 -5.05 -0.58 -22.70
C TYR B 163 -5.03 0.19 -21.38
N THR B 164 -3.84 0.75 -21.06
CA THR B 164 -3.67 1.42 -19.79
C THR B 164 -4.62 2.58 -19.55
N PRO B 165 -5.11 2.69 -18.33
CA PRO B 165 -5.92 3.83 -17.91
C PRO B 165 -5.01 5.00 -17.52
N ASP B 166 -3.70 4.81 -17.45
CA ASP B 166 -2.75 5.84 -17.09
C ASP B 166 -1.52 5.90 -17.99
N PRO B 167 -1.67 6.51 -19.17
CA PRO B 167 -0.59 6.65 -20.12
C PRO B 167 0.58 7.45 -19.63
N SER B 168 0.46 8.34 -18.66
CA SER B 168 1.55 9.13 -18.13
C SER B 168 2.65 8.28 -17.50
N MET B 169 2.36 7.02 -17.16
CA MET B 169 3.35 6.09 -16.66
C MET B 169 4.42 5.82 -17.72
N PHE B 170 4.08 5.92 -19.01
CA PHE B 170 5.11 5.70 -20.04
C PHE B 170 6.22 6.74 -19.96
N ASP B 171 5.88 7.97 -19.54
CA ASP B 171 6.91 9.00 -19.40
C ASP B 171 7.82 8.70 -18.21
N VAL B 172 7.29 8.02 -17.19
CA VAL B 172 8.06 7.62 -16.02
C VAL B 172 9.03 6.48 -16.37
N MET B 173 8.57 5.54 -17.18
CA MET B 173 9.36 4.42 -17.64
C MET B 173 10.57 4.88 -18.47
N ASP B 174 10.31 5.87 -19.32
CA ASP B 174 11.34 6.45 -20.17
C ASP B 174 12.43 7.12 -19.30
N LYS B 175 12.01 7.91 -18.33
CA LYS B 175 12.96 8.56 -17.43
C LYS B 175 13.80 7.55 -16.66
N TYR B 176 13.26 6.39 -16.29
CA TYR B 176 14.03 5.41 -15.56
C TYR B 176 14.76 4.41 -16.41
N GLY B 177 14.79 4.61 -17.72
CA GLY B 177 15.49 3.79 -18.65
C GLY B 177 14.86 2.47 -19.01
N ILE B 178 13.54 2.32 -18.91
CA ILE B 178 12.95 1.02 -19.29
C ILE B 178 13.25 0.76 -20.77
N VAL B 179 13.68 -0.46 -21.12
CA VAL B 179 14.02 -0.72 -22.51
C VAL B 179 12.86 -1.20 -23.33
N GLY B 180 11.81 -1.73 -22.70
CA GLY B 180 10.67 -2.18 -23.50
C GLY B 180 9.50 -2.56 -22.63
N VAL B 181 8.29 -2.37 -23.16
CA VAL B 181 7.10 -2.72 -22.40
C VAL B 181 6.41 -3.93 -22.95
N GLU B 182 6.27 -4.91 -22.05
CA GLU B 182 5.62 -6.17 -22.42
C GLU B 182 4.70 -6.57 -21.29
N MET B 183 4.29 -7.83 -21.20
CA MET B 183 3.32 -8.17 -20.15
C MET B 183 3.66 -9.39 -19.34
N GLU B 184 4.77 -10.10 -19.57
CA GLU B 184 4.95 -11.31 -18.78
C GLU B 184 6.28 -11.50 -18.09
N ALA B 185 7.35 -10.82 -18.43
CA ALA B 185 8.65 -10.98 -17.83
C ALA B 185 8.66 -10.94 -16.31
N ALA B 186 8.14 -9.90 -15.69
CA ALA B 186 8.14 -9.82 -14.24
C ALA B 186 7.48 -11.04 -13.60
N GLY B 187 6.47 -11.62 -14.23
CA GLY B 187 5.81 -12.82 -13.73
C GLY B 187 6.66 -14.06 -13.93
N ILE B 188 7.34 -14.16 -15.06
CA ILE B 188 8.23 -15.29 -15.31
C ILE B 188 9.38 -15.26 -14.33
N TYR B 189 9.95 -14.06 -14.15
CA TYR B 189 11.09 -13.95 -13.21
C TYR B 189 10.67 -14.30 -11.81
N GLY B 190 9.45 -13.92 -11.42
CA GLY B 190 8.96 -14.25 -10.06
C GLY B 190 8.79 -15.74 -9.90
N VAL B 191 8.19 -16.40 -10.91
CA VAL B 191 8.04 -17.84 -10.85
C VAL B 191 9.41 -18.54 -10.77
N ALA B 192 10.34 -18.16 -11.64
CA ALA B 192 11.67 -18.78 -11.68
C ALA B 192 12.35 -18.69 -10.32
N ALA B 193 12.25 -17.52 -9.67
CA ALA B 193 12.82 -17.39 -8.34
C ALA B 193 12.06 -18.23 -7.33
N GLU B 194 10.73 -18.27 -7.36
CA GLU B 194 9.97 -19.07 -6.40
C GLU B 194 10.27 -20.55 -6.49
N TYR B 195 10.45 -21.10 -7.68
CA TYR B 195 10.65 -22.53 -7.86
C TYR B 195 12.09 -22.92 -8.13
N GLY B 196 13.01 -21.96 -8.13
CA GLY B 196 14.43 -22.28 -8.29
C GLY B 196 14.84 -22.62 -9.71
N ALA B 197 14.18 -22.12 -10.73
CA ALA B 197 14.58 -22.38 -12.11
C ALA B 197 15.29 -21.11 -12.65
N LYS B 198 15.69 -21.14 -13.91
CA LYS B 198 16.35 -19.99 -14.51
C LYS B 198 15.51 -19.43 -15.66
N ALA B 199 15.42 -18.09 -15.73
CA ALA B 199 14.65 -17.51 -16.81
C ALA B 199 15.29 -16.30 -17.46
N LEU B 200 14.84 -16.06 -18.69
CA LEU B 200 15.27 -14.96 -19.49
C LEU B 200 14.19 -14.49 -20.47
N ALA B 201 14.03 -13.18 -20.59
CA ALA B 201 13.11 -12.61 -21.54
C ALA B 201 13.91 -11.78 -22.57
N ILE B 202 13.75 -12.18 -23.83
CA ILE B 202 14.32 -11.47 -24.96
C ILE B 202 13.16 -10.89 -25.80
N CYS B 203 13.30 -9.67 -26.26
CA CYS B 203 12.24 -9.02 -27.01
C CYS B 203 12.78 -8.25 -28.22
N THR B 204 11.90 -8.09 -29.18
CA THR B 204 12.19 -7.31 -30.38
C THR B 204 11.24 -6.11 -30.38
N VAL B 205 11.73 -4.93 -30.63
CA VAL B 205 10.90 -3.74 -30.60
C VAL B 205 10.05 -3.63 -31.87
N SER B 206 8.74 -3.83 -31.73
CA SER B 206 7.84 -3.75 -32.89
C SER B 206 7.23 -2.38 -33.03
N ASP B 207 7.11 -1.63 -31.94
CA ASP B 207 6.55 -0.28 -31.98
C ASP B 207 7.19 0.66 -30.97
N HIS B 208 7.17 1.96 -31.28
CA HIS B 208 7.67 2.95 -30.35
C HIS B 208 6.48 3.69 -29.76
N ILE B 209 6.20 3.45 -28.48
CA ILE B 209 5.08 4.05 -27.80
C ILE B 209 5.14 5.57 -27.79
N LYS B 210 6.33 6.11 -27.53
CA LYS B 210 6.56 7.53 -27.43
C LYS B 210 6.66 8.27 -28.75
N THR B 211 7.32 7.71 -29.77
CA THR B 211 7.48 8.43 -31.02
C THR B 211 6.54 8.03 -32.12
N GLY B 212 5.64 7.08 -31.90
CA GLY B 212 4.68 6.65 -32.88
C GLY B 212 5.21 5.77 -33.99
N GLU B 213 6.49 5.48 -33.98
CA GLU B 213 7.16 4.65 -34.95
C GLU B 213 6.56 3.26 -35.09
N GLN B 214 6.44 2.82 -36.33
CA GLN B 214 5.92 1.48 -36.63
C GLN B 214 6.92 0.78 -37.55
N THR B 215 6.75 -0.50 -37.78
CA THR B 215 7.65 -1.23 -38.69
C THR B 215 6.79 -2.02 -39.65
N THR B 216 7.28 -2.55 -40.75
CA THR B 216 6.34 -3.26 -41.67
C THR B 216 6.27 -4.70 -41.22
N SER B 217 5.44 -5.58 -41.75
CA SER B 217 5.46 -6.97 -41.28
C SER B 217 6.69 -7.72 -41.81
N GLU B 218 7.29 -7.24 -42.89
CA GLU B 218 8.48 -7.90 -43.44
C GLU B 218 9.63 -7.74 -42.45
N GLU B 219 9.99 -6.49 -42.18
CA GLU B 219 11.05 -6.14 -41.25
C GLU B 219 10.92 -6.85 -39.92
N ARG B 220 9.70 -6.92 -39.40
CA ARG B 220 9.39 -7.56 -38.13
C ARG B 220 9.57 -9.05 -38.14
N GLN B 221 9.30 -9.65 -39.29
CA GLN B 221 9.50 -11.09 -39.44
C GLN B 221 11.01 -11.37 -39.36
N ASN B 222 11.78 -10.56 -40.07
CA ASN B 222 13.23 -10.70 -40.12
C ASN B 222 13.85 -10.49 -38.75
N THR B 223 13.45 -9.43 -38.04
CA THR B 223 14.01 -9.15 -36.72
C THR B 223 13.60 -10.25 -35.74
N PHE B 224 12.38 -10.75 -35.92
CA PHE B 224 11.90 -11.88 -35.14
C PHE B 224 12.80 -13.10 -35.39
N ASN B 225 13.18 -13.29 -36.66
CA ASN B 225 14.03 -14.41 -37.04
C ASN B 225 15.39 -14.32 -36.38
N GLU B 226 15.93 -13.10 -36.26
CA GLU B 226 17.21 -12.87 -35.59
C GLU B 226 17.14 -13.26 -34.11
N MET B 227 16.10 -12.79 -33.44
CA MET B 227 15.86 -13.08 -32.04
C MET B 227 15.88 -14.57 -31.75
N ILE B 228 15.17 -15.38 -32.52
CA ILE B 228 15.11 -16.82 -32.28
C ILE B 228 16.47 -17.48 -32.46
N GLU B 229 17.26 -17.03 -33.44
CA GLU B 229 18.59 -17.62 -33.68
C GLU B 229 19.53 -17.28 -32.52
N ILE B 230 19.38 -16.07 -32.00
CA ILE B 230 20.16 -15.65 -30.82
C ILE B 230 19.79 -16.54 -29.66
N ALA B 231 18.50 -16.70 -29.38
CA ALA B 231 18.03 -17.54 -28.30
C ALA B 231 18.53 -18.98 -28.41
N LEU B 232 18.39 -19.60 -29.58
CA LEU B 232 18.84 -21.00 -29.69
C LEU B 232 20.35 -21.08 -29.59
N ASP B 233 21.08 -20.11 -30.14
CA ASP B 233 22.55 -20.08 -29.97
C ASP B 233 22.92 -19.96 -28.51
N SER B 234 22.20 -19.09 -27.78
CA SER B 234 22.45 -18.88 -26.37
C SER B 234 22.28 -20.17 -25.58
N VAL B 235 21.38 -21.05 -26.03
CA VAL B 235 21.21 -22.33 -25.34
C VAL B 235 22.50 -23.15 -25.44
N LEU B 236 23.07 -23.22 -26.63
CA LEU B 236 24.32 -23.99 -26.79
C LEU B 236 25.44 -23.38 -26.01
N ILE B 237 25.59 -22.04 -26.04
CA ILE B 237 26.63 -21.38 -25.26
C ILE B 237 26.45 -21.65 -23.78
N GLY B 238 25.21 -21.59 -23.31
CA GLY B 238 24.88 -21.83 -21.92
C GLY B 238 25.17 -23.24 -21.47
N ASP B 239 25.15 -24.23 -22.36
CA ASP B 239 25.45 -25.61 -22.00
C ASP B 239 26.96 -25.76 -21.74
N GLN B 240 27.73 -24.95 -22.41
CA GLN B 240 29.15 -24.84 -22.37
C GLN B 240 29.85 -25.86 -23.26
N ALA C 4 -27.42 -7.26 27.06
CA ALA C 4 -26.82 -6.02 27.52
C ALA C 4 -25.42 -5.81 26.95
N THR C 5 -25.35 -5.07 25.85
CA THR C 5 -24.06 -4.79 25.21
C THR C 5 -23.58 -3.39 25.58
N PRO C 6 -22.31 -3.10 25.35
CA PRO C 6 -21.72 -1.82 25.72
C PRO C 6 -22.39 -0.62 25.08
N HIS C 7 -22.81 -0.72 23.82
CA HIS C 7 -23.42 0.40 23.14
C HIS C 7 -24.92 0.27 22.96
N ILE C 8 -25.49 -0.87 23.36
CA ILE C 8 -26.96 -1.04 23.16
C ILE C 8 -27.52 -1.58 24.47
N ASN C 9 -28.42 -0.83 25.10
CA ASN C 9 -28.97 -1.26 26.39
C ASN C 9 -30.26 -2.03 26.21
N ALA C 10 -30.21 -3.21 25.60
CA ALA C 10 -31.44 -3.99 25.40
C ALA C 10 -31.18 -5.44 25.73
N GLN C 11 -32.19 -6.29 25.68
CA GLN C 11 -32.06 -7.70 25.98
C GLN C 11 -32.27 -8.51 24.68
N MET C 12 -31.70 -9.71 24.65
CA MET C 12 -31.90 -10.55 23.45
C MET C 12 -33.41 -10.74 23.33
N GLY C 13 -33.97 -10.54 22.14
CA GLY C 13 -35.39 -10.65 21.92
C GLY C 13 -36.06 -9.31 21.67
N ASP C 14 -35.47 -8.21 22.14
CA ASP C 14 -36.01 -6.87 21.95
C ASP C 14 -36.05 -6.44 20.49
N PHE C 15 -35.10 -6.90 19.68
CA PHE C 15 -35.09 -6.55 18.27
C PHE C 15 -35.67 -7.70 17.44
N ALA C 16 -36.31 -7.32 16.34
CA ALA C 16 -36.80 -8.31 15.37
C ALA C 16 -35.61 -8.89 14.64
N ASP C 17 -35.83 -9.83 13.71
CA ASP C 17 -34.67 -10.39 13.00
C ASP C 17 -34.24 -9.49 11.84
N VAL C 18 -35.01 -8.45 11.55
CA VAL C 18 -34.71 -7.49 10.51
C VAL C 18 -34.79 -6.07 11.09
N VAL C 19 -33.76 -5.28 10.84
CA VAL C 19 -33.67 -3.93 11.40
C VAL C 19 -33.47 -2.89 10.28
N LEU C 20 -34.30 -1.86 10.33
CA LEU C 20 -34.17 -0.73 9.39
C LEU C 20 -33.22 0.27 10.07
N MET C 21 -32.25 0.82 9.36
CA MET C 21 -31.33 1.71 10.04
C MET C 21 -30.98 2.98 9.30
N PRO C 22 -31.61 4.09 9.66
CA PRO C 22 -31.17 5.41 9.16
C PRO C 22 -29.95 5.80 9.99
N GLY C 23 -29.18 6.80 9.57
CA GLY C 23 -28.05 7.23 10.40
C GLY C 23 -28.53 8.02 11.61
N ASP C 24 -29.52 8.89 11.41
CA ASP C 24 -30.05 9.76 12.45
C ASP C 24 -31.07 9.07 13.33
N PRO C 25 -30.85 9.08 14.64
CA PRO C 25 -31.75 8.45 15.60
C PRO C 25 -33.13 9.11 15.65
N LEU C 26 -33.24 10.37 15.30
CA LEU C 26 -34.50 11.08 15.23
C LEU C 26 -35.28 10.61 13.99
N ARG C 27 -34.54 10.18 12.96
CA ARG C 27 -35.17 9.58 11.79
C ARG C 27 -35.70 8.20 12.18
N ALA C 28 -34.99 7.48 13.04
CA ALA C 28 -35.48 6.17 13.51
C ALA C 28 -36.76 6.38 14.34
N LYS C 29 -36.81 7.43 15.15
CA LYS C 29 -37.98 7.80 15.92
C LYS C 29 -39.16 8.18 15.02
N TYR C 30 -38.89 8.99 14.00
CA TYR C 30 -39.92 9.36 13.03
C TYR C 30 -40.47 8.13 12.33
N ILE C 31 -39.63 7.18 11.92
CA ILE C 31 -40.12 5.96 11.28
C ILE C 31 -40.95 5.10 12.22
N ALA C 32 -40.49 4.87 13.44
CA ALA C 32 -41.23 4.09 14.42
C ALA C 32 -42.63 4.65 14.65
N GLU C 33 -42.73 5.96 14.83
CA GLU C 33 -44.00 6.60 15.10
C GLU C 33 -44.89 6.67 13.87
N ASN C 34 -44.35 6.92 12.68
CA ASN C 34 -45.20 7.07 11.52
C ASN C 34 -45.41 5.88 10.65
N PHE C 35 -44.58 4.84 10.68
CA PHE C 35 -44.78 3.76 9.71
C PHE C 35 -45.07 2.45 10.42
N LEU C 36 -44.65 2.37 11.68
CA LEU C 36 -44.81 1.11 12.40
C LEU C 36 -46.01 1.20 13.32
N ASP C 37 -46.58 0.05 13.62
CA ASP C 37 -47.69 -0.01 14.57
C ASP C 37 -47.14 -0.38 15.95
N ASN C 38 -47.56 0.35 16.96
CA ASN C 38 -47.21 0.05 18.36
C ASN C 38 -45.72 -0.10 18.61
N ALA C 39 -44.91 0.82 18.09
CA ALA C 39 -43.46 0.71 18.26
C ALA C 39 -43.09 1.09 19.69
N VAL C 40 -42.25 0.29 20.31
CA VAL C 40 -41.78 0.64 21.65
C VAL C 40 -40.24 0.72 21.59
N GLN C 41 -39.75 1.79 22.19
CA GLN C 41 -38.34 2.05 22.28
C GLN C 41 -37.61 0.96 23.07
N VAL C 42 -36.55 0.43 22.46
CA VAL C 42 -35.81 -0.66 23.10
C VAL C 42 -34.40 -0.23 23.46
N CYS C 43 -33.92 0.92 22.97
CA CYS C 43 -32.58 1.33 23.40
C CYS C 43 -32.40 2.84 23.29
N ASP C 44 -31.48 3.34 24.12
CA ASP C 44 -31.27 4.80 24.14
C ASP C 44 -29.88 5.22 24.58
N VAL C 45 -28.95 4.28 24.75
CA VAL C 45 -27.56 4.60 25.11
C VAL C 45 -26.97 5.54 24.06
N ARG C 46 -26.31 6.60 24.50
CA ARG C 46 -25.74 7.61 23.64
C ARG C 46 -26.78 8.28 22.77
N ASN C 47 -28.04 8.25 23.15
CA ASN C 47 -29.12 8.84 22.38
C ASN C 47 -29.31 8.14 21.04
N MET C 48 -28.82 6.93 20.85
CA MET C 48 -29.00 6.23 19.59
C MET C 48 -30.29 5.38 19.71
N PHE C 49 -31.42 6.03 19.52
CA PHE C 49 -32.71 5.42 19.67
C PHE C 49 -32.93 4.22 18.73
N GLY C 50 -33.52 3.19 19.30
CA GLY C 50 -33.88 1.95 18.61
C GLY C 50 -35.30 1.58 19.05
N TYR C 51 -36.11 1.04 18.14
CA TYR C 51 -37.50 0.74 18.38
C TYR C 51 -37.90 -0.59 17.71
N THR C 52 -38.91 -1.23 18.28
CA THR C 52 -39.47 -2.44 17.72
C THR C 52 -41.00 -2.33 17.69
N GLY C 53 -41.56 -2.47 16.51
CA GLY C 53 -42.98 -2.37 16.28
C GLY C 53 -43.38 -3.43 15.24
N THR C 54 -44.42 -3.11 14.51
CA THR C 54 -44.97 -4.07 13.54
C THR C 54 -45.34 -3.38 12.26
N TYR C 55 -45.04 -4.01 11.13
CA TYR C 55 -45.43 -3.47 9.82
C TYR C 55 -46.29 -4.54 9.13
N LYS C 56 -47.57 -4.26 9.00
CA LYS C 56 -48.53 -5.23 8.45
C LYS C 56 -48.50 -6.54 9.20
N GLY C 57 -48.40 -6.47 10.53
CA GLY C 57 -48.29 -7.68 11.34
C GLY C 57 -46.89 -8.24 11.39
N ARG C 58 -45.93 -7.75 10.60
CA ARG C 58 -44.59 -8.34 10.62
C ARG C 58 -43.70 -7.55 11.58
N ARG C 59 -43.10 -8.25 12.53
CA ARG C 59 -42.26 -7.59 13.53
C ARG C 59 -41.00 -7.02 12.88
N ILE C 60 -40.75 -5.74 13.04
CA ILE C 60 -39.62 -5.03 12.45
C ILE C 60 -39.01 -4.05 13.43
N SER C 61 -37.69 -3.86 13.41
CA SER C 61 -37.05 -2.91 14.30
C SER C 61 -36.43 -1.78 13.46
N VAL C 62 -36.25 -0.63 14.06
CA VAL C 62 -35.65 0.55 13.44
C VAL C 62 -34.74 1.20 14.49
N MET C 63 -33.51 1.45 14.08
CA MET C 63 -32.51 2.00 14.95
C MET C 63 -31.47 2.86 14.25
N GLY C 64 -31.09 3.98 14.87
CA GLY C 64 -30.04 4.80 14.25
C GLY C 64 -28.68 4.07 14.36
N HIS C 65 -27.74 4.41 13.50
CA HIS C 65 -26.40 3.85 13.54
C HIS C 65 -25.32 4.94 13.61
N GLY C 66 -25.68 6.19 13.71
CA GLY C 66 -24.71 7.29 13.74
C GLY C 66 -24.07 7.55 12.39
N MET C 67 -22.98 8.33 12.34
CA MET C 67 -22.35 8.63 11.06
C MET C 67 -20.98 7.98 10.91
N GLY C 68 -20.75 7.42 9.72
CA GLY C 68 -19.48 6.82 9.37
C GLY C 68 -19.40 5.33 9.61
N ILE C 69 -18.44 4.68 8.96
CA ILE C 69 -18.18 3.27 9.03
C ILE C 69 -17.93 2.73 10.43
N PRO C 70 -17.02 3.30 11.20
CA PRO C 70 -16.73 2.87 12.55
C PRO C 70 -17.95 2.85 13.44
N SER C 71 -18.75 3.93 13.39
CA SER C 71 -19.95 3.96 14.22
C SER C 71 -20.95 2.91 13.79
N CYS C 72 -21.25 2.88 12.49
CA CYS C 72 -22.20 1.93 11.96
C CYS C 72 -21.78 0.49 12.18
N SER C 73 -20.50 0.17 12.09
CA SER C 73 -19.98 -1.15 12.34
C SER C 73 -20.22 -1.65 13.75
N ILE C 74 -20.03 -0.75 14.72
CA ILE C 74 -20.25 -1.16 16.12
C ILE C 74 -21.68 -1.60 16.32
N TYR C 75 -22.64 -0.76 15.88
CA TYR C 75 -24.04 -1.08 16.05
C TYR C 75 -24.47 -2.32 15.29
N VAL C 76 -24.13 -2.45 14.00
CA VAL C 76 -24.57 -3.66 13.30
C VAL C 76 -23.90 -4.91 13.82
N THR C 77 -22.62 -4.83 14.20
CA THR C 77 -21.94 -5.98 14.77
C THR C 77 -22.66 -6.43 16.05
N GLU C 78 -22.98 -5.49 16.93
CA GLU C 78 -23.69 -5.86 18.16
C GLU C 78 -25.07 -6.40 17.90
N LEU C 79 -25.83 -5.83 16.96
CA LEU C 79 -27.15 -6.35 16.65
C LEU C 79 -27.09 -7.80 16.16
N ILE C 80 -26.09 -8.09 15.32
CA ILE C 80 -25.96 -9.42 14.74
C ILE C 80 -25.48 -10.44 15.74
N LYS C 81 -24.33 -10.17 16.40
CA LYS C 81 -23.80 -11.17 17.32
C LYS C 81 -24.46 -11.20 18.66
N ASP C 82 -25.10 -10.13 19.14
CA ASP C 82 -25.71 -10.19 20.46
C ASP C 82 -27.23 -10.25 20.41
N TYR C 83 -27.86 -9.76 19.34
CA TYR C 83 -29.32 -9.73 19.32
C TYR C 83 -29.95 -10.55 18.23
N GLY C 84 -29.22 -11.42 17.58
CA GLY C 84 -29.64 -12.33 16.57
C GLY C 84 -30.26 -11.72 15.33
N VAL C 85 -29.88 -10.49 14.98
CA VAL C 85 -30.43 -9.85 13.78
C VAL C 85 -29.88 -10.52 12.53
N LYS C 86 -30.72 -10.83 11.56
CA LYS C 86 -30.27 -11.52 10.34
C LYS C 86 -30.17 -10.61 9.14
N LYS C 87 -31.04 -9.60 9.07
CA LYS C 87 -31.06 -8.68 7.95
C LYS C 87 -31.10 -7.22 8.43
N ILE C 88 -30.28 -6.41 7.81
CA ILE C 88 -30.11 -5.00 8.04
C ILE C 88 -30.37 -4.23 6.72
N ILE C 89 -31.21 -3.22 6.80
CA ILE C 89 -31.43 -2.35 5.64
C ILE C 89 -31.06 -0.92 6.06
N ARG C 90 -29.99 -0.38 5.47
CA ARG C 90 -29.67 1.02 5.85
C ARG C 90 -30.44 1.95 4.92
N VAL C 91 -31.01 3.00 5.48
CA VAL C 91 -31.77 3.97 4.72
C VAL C 91 -31.16 5.34 4.99
N GLY C 92 -31.02 6.15 3.95
CA GLY C 92 -30.45 7.47 4.15
C GLY C 92 -30.48 8.32 2.91
N SER C 93 -29.76 9.44 3.01
CA SER C 93 -29.66 10.37 1.89
C SER C 93 -28.27 10.21 1.30
N CYS C 94 -28.07 10.46 0.02
CA CYS C 94 -26.71 10.34 -0.52
C CYS C 94 -26.53 11.47 -1.54
N GLY C 95 -25.29 11.69 -1.95
CA GLY C 95 -24.98 12.73 -2.94
C GLY C 95 -24.76 12.04 -4.28
N ALA C 96 -25.14 12.67 -5.38
CA ALA C 96 -24.94 12.01 -6.69
C ALA C 96 -23.78 12.72 -7.41
N VAL C 97 -23.04 11.99 -8.22
CA VAL C 97 -21.90 12.58 -8.94
C VAL C 97 -22.07 12.43 -10.46
N ASN C 98 -22.96 11.57 -10.87
CA ASN C 98 -23.23 11.25 -12.26
C ASN C 98 -24.45 11.98 -12.81
N GLU C 99 -24.35 12.38 -14.08
CA GLU C 99 -25.36 13.13 -14.77
C GLU C 99 -26.64 12.39 -15.02
N GLY C 100 -26.64 11.07 -15.07
CA GLY C 100 -27.85 10.30 -15.27
C GLY C 100 -28.58 9.97 -13.98
N ILE C 101 -28.29 10.66 -12.89
CA ILE C 101 -28.94 10.49 -11.61
C ILE C 101 -29.32 11.86 -11.07
N LYS C 102 -30.61 12.07 -10.85
CA LYS C 102 -31.09 13.35 -10.35
C LYS C 102 -31.56 13.28 -8.92
N VAL C 103 -31.59 14.46 -8.29
CA VAL C 103 -32.03 14.61 -6.93
C VAL C 103 -33.40 13.97 -6.72
N ARG C 104 -33.56 13.31 -5.60
CA ARG C 104 -34.79 12.60 -5.25
C ARG C 104 -34.88 11.25 -5.89
N ASP C 105 -33.93 10.84 -6.75
CA ASP C 105 -33.94 9.47 -7.26
C ASP C 105 -33.60 8.52 -6.09
N VAL C 106 -34.12 7.32 -6.17
CA VAL C 106 -33.88 6.26 -5.19
C VAL C 106 -32.82 5.31 -5.77
N VAL C 107 -31.72 5.15 -5.06
CA VAL C 107 -30.66 4.26 -5.53
C VAL C 107 -30.46 3.12 -4.54
N ILE C 108 -30.15 1.94 -5.07
CA ILE C 108 -29.87 0.77 -4.25
C ILE C 108 -28.40 0.39 -4.51
N GLY C 109 -27.68 0.19 -3.40
CA GLY C 109 -26.28 -0.14 -3.47
C GLY C 109 -26.09 -1.64 -3.58
N MET C 110 -25.99 -2.16 -4.81
CA MET C 110 -25.70 -3.59 -4.96
C MET C 110 -24.28 -3.83 -4.44
N GLY C 111 -23.43 -2.83 -4.60
CA GLY C 111 -22.09 -2.88 -4.08
C GLY C 111 -21.72 -1.50 -3.47
N ALA C 112 -20.63 -1.48 -2.74
CA ALA C 112 -20.19 -0.22 -2.15
C ALA C 112 -18.68 -0.09 -2.24
N CYS C 113 -18.26 0.93 -2.97
CA CYS C 113 -16.84 1.25 -3.06
C CYS C 113 -16.47 2.03 -1.78
N THR C 114 -15.18 2.14 -1.50
CA THR C 114 -14.79 2.94 -0.32
C THR C 114 -13.34 3.35 -0.35
N ASP C 115 -13.06 4.42 0.41
CA ASP C 115 -11.69 4.87 0.61
C ASP C 115 -11.21 4.45 2.01
N SER C 116 -12.03 3.71 2.73
CA SER C 116 -11.68 3.20 4.05
C SER C 116 -10.78 1.97 3.96
N LYS C 117 -10.06 1.64 5.02
CA LYS C 117 -9.19 0.51 5.12
C LYS C 117 -9.81 -0.69 5.84
N VAL C 118 -11.03 -0.57 6.34
CA VAL C 118 -11.61 -1.67 7.11
C VAL C 118 -11.72 -2.96 6.33
N ASN C 119 -12.05 -2.95 5.05
CA ASN C 119 -12.16 -4.25 4.37
C ASN C 119 -10.80 -4.80 4.02
N ARG C 120 -9.81 -3.94 3.84
CA ARG C 120 -8.44 -4.37 3.64
C ARG C 120 -7.83 -4.99 4.89
N ILE C 121 -8.25 -4.53 6.06
CA ILE C 121 -7.79 -5.15 7.32
C ILE C 121 -8.42 -6.52 7.49
N ARG C 122 -9.66 -6.71 7.02
CA ARG C 122 -10.29 -8.02 7.15
C ARG C 122 -9.79 -9.00 6.08
N PHE C 123 -9.49 -8.45 4.91
CA PHE C 123 -9.21 -9.30 3.75
C PHE C 123 -7.77 -9.35 3.35
N LYS C 124 -6.85 -9.33 4.31
CA LYS C 124 -5.43 -9.40 4.06
C LYS C 124 -4.92 -8.46 3.02
N ASP C 125 -5.39 -7.22 2.99
CA ASP C 125 -4.96 -6.21 2.06
C ASP C 125 -5.28 -6.42 0.60
N HIS C 126 -6.17 -7.35 0.26
CA HIS C 126 -6.62 -7.53 -1.12
C HIS C 126 -7.94 -6.78 -1.32
N ASP C 127 -8.48 -6.84 -2.52
CA ASP C 127 -9.71 -6.16 -2.85
C ASP C 127 -10.96 -6.98 -2.48
N PHE C 128 -11.60 -6.58 -1.38
CA PHE C 128 -12.85 -7.22 -1.02
C PHE C 128 -14.01 -6.45 -1.70
N ALA C 129 -14.82 -7.09 -2.51
CA ALA C 129 -15.95 -6.39 -3.14
C ALA C 129 -17.11 -6.36 -2.12
N ALA C 130 -17.28 -5.21 -1.48
CA ALA C 130 -18.37 -5.14 -0.44
C ALA C 130 -19.70 -5.11 -1.16
N ILE C 131 -20.48 -6.16 -1.10
CA ILE C 131 -21.75 -6.23 -1.81
C ILE C 131 -22.94 -6.50 -0.90
N ALA C 132 -24.12 -6.10 -1.39
CA ALA C 132 -25.34 -6.37 -0.65
C ALA C 132 -25.75 -7.84 -0.88
N ASP C 133 -26.75 -8.27 -0.15
CA ASP C 133 -27.30 -9.63 -0.33
C ASP C 133 -28.23 -9.58 -1.55
N TYR C 134 -28.02 -10.43 -2.53
CA TYR C 134 -28.83 -10.41 -3.75
C TYR C 134 -30.31 -10.50 -3.52
N LYS C 135 -30.79 -11.41 -2.68
CA LYS C 135 -32.24 -11.51 -2.44
C LYS C 135 -32.80 -10.22 -1.87
N MET C 136 -32.04 -9.53 -0.99
CA MET C 136 -32.54 -8.25 -0.49
C MET C 136 -32.60 -7.20 -1.57
N VAL C 137 -31.60 -7.16 -2.47
CA VAL C 137 -31.63 -6.16 -3.56
C VAL C 137 -32.91 -6.37 -4.39
N LYS C 138 -33.11 -7.60 -4.79
CA LYS C 138 -34.24 -8.05 -5.61
C LYS C 138 -35.57 -7.68 -4.97
N ALA C 139 -35.72 -7.99 -3.68
CA ALA C 139 -36.94 -7.65 -2.95
C ALA C 139 -37.22 -6.15 -2.99
N ALA C 140 -36.18 -5.32 -2.83
CA ALA C 140 -36.34 -3.88 -2.82
C ALA C 140 -36.69 -3.33 -4.20
N GLU C 141 -36.05 -3.89 -5.22
CA GLU C 141 -36.37 -3.50 -6.60
C GLU C 141 -37.80 -3.91 -6.93
N GLU C 142 -38.25 -5.10 -6.50
CA GLU C 142 -39.64 -5.49 -6.75
C GLU C 142 -40.62 -4.63 -5.95
N ALA C 143 -40.34 -4.34 -4.68
CA ALA C 143 -41.20 -3.49 -3.87
C ALA C 143 -41.35 -2.11 -4.50
N ALA C 144 -40.24 -1.62 -5.09
CA ALA C 144 -40.29 -0.32 -5.74
C ALA C 144 -41.17 -0.39 -6.99
N LYS C 145 -41.05 -1.48 -7.75
CA LYS C 145 -41.85 -1.59 -8.97
C LYS C 145 -43.34 -1.65 -8.67
N ALA C 146 -43.71 -2.36 -7.61
CA ALA C 146 -45.11 -2.48 -7.21
C ALA C 146 -45.74 -1.11 -6.99
N ARG C 147 -45.00 -0.16 -6.42
CA ARG C 147 -45.48 1.19 -6.20
C ARG C 147 -45.15 2.13 -7.35
N GLY C 148 -44.67 1.60 -8.46
CA GLY C 148 -44.33 2.42 -9.60
C GLY C 148 -43.20 3.39 -9.34
N ILE C 149 -42.23 3.04 -8.52
CA ILE C 149 -41.08 3.95 -8.28
C ILE C 149 -39.87 3.44 -9.03
N ASP C 150 -39.16 4.29 -9.79
CA ASP C 150 -37.97 3.75 -10.45
C ASP C 150 -36.75 3.89 -9.52
N VAL C 151 -35.93 2.85 -9.54
CA VAL C 151 -34.73 2.80 -8.69
C VAL C 151 -33.50 2.52 -9.54
N LYS C 152 -32.35 3.02 -9.11
CA LYS C 152 -31.10 2.73 -9.83
C LYS C 152 -30.27 1.81 -8.95
N VAL C 153 -29.93 0.65 -9.47
CA VAL C 153 -29.14 -0.33 -8.72
C VAL C 153 -27.69 -0.22 -9.18
N GLY C 154 -26.75 -0.06 -8.26
CA GLY C 154 -25.35 0.06 -8.68
C GLY C 154 -24.40 0.19 -7.50
N ASN C 155 -23.24 0.80 -7.75
CA ASN C 155 -22.24 0.98 -6.74
C ASN C 155 -22.41 2.27 -5.92
N LEU C 156 -22.39 2.13 -4.60
CA LEU C 156 -22.36 3.36 -3.80
C LEU C 156 -20.87 3.61 -3.52
N PHE C 157 -20.54 4.79 -3.03
CA PHE C 157 -19.16 5.04 -2.59
C PHE C 157 -19.23 5.50 -1.12
N SER C 158 -18.57 4.72 -0.25
CA SER C 158 -18.52 5.04 1.16
C SER C 158 -17.27 5.87 1.50
N ALA C 159 -17.45 7.16 1.63
CA ALA C 159 -16.39 8.10 1.97
C ALA C 159 -16.10 8.13 3.46
N GLU C 160 -14.82 8.21 3.82
CA GLU C 160 -14.40 8.33 5.21
C GLU C 160 -14.50 9.79 5.66
N LEU C 161 -14.24 10.70 4.72
CA LEU C 161 -14.26 12.12 5.01
C LEU C 161 -15.36 12.86 4.31
N PHE C 162 -16.35 13.31 5.09
CA PHE C 162 -17.44 14.11 4.55
C PHE C 162 -16.89 15.35 3.85
N TYR C 163 -15.97 16.05 4.53
CA TYR C 163 -15.30 17.23 3.96
C TYR C 163 -13.98 16.76 3.32
N THR C 164 -14.07 16.23 2.10
CA THR C 164 -12.90 15.64 1.47
C THR C 164 -11.80 16.60 1.10
N PRO C 165 -10.56 16.21 1.37
CA PRO C 165 -9.39 16.97 0.95
C PRO C 165 -9.11 16.71 -0.52
N ASP C 166 -9.71 15.68 -1.11
CA ASP C 166 -9.56 15.36 -2.52
C ASP C 166 -10.85 15.30 -3.32
N PRO C 167 -11.36 16.44 -3.76
CA PRO C 167 -12.56 16.52 -4.55
C PRO C 167 -12.44 15.94 -5.95
N SER C 168 -11.24 15.79 -6.52
CA SER C 168 -11.10 15.21 -7.85
C SER C 168 -11.58 13.78 -7.90
N MET C 169 -11.67 13.09 -6.77
CA MET C 169 -12.18 11.75 -6.67
C MET C 169 -13.64 11.64 -7.09
N PHE C 170 -14.43 12.74 -7.11
CA PHE C 170 -15.83 12.64 -7.52
C PHE C 170 -15.93 12.36 -9.03
N ASP C 171 -14.98 12.89 -9.79
CA ASP C 171 -14.91 12.68 -11.23
C ASP C 171 -14.54 11.24 -11.55
N VAL C 172 -13.66 10.63 -10.75
CA VAL C 172 -13.33 9.22 -10.91
C VAL C 172 -14.58 8.37 -10.62
N MET C 173 -15.28 8.67 -9.53
CA MET C 173 -16.51 7.95 -9.17
C MET C 173 -17.52 8.00 -10.33
N ASP C 174 -17.76 9.22 -10.81
CA ASP C 174 -18.67 9.43 -11.92
C ASP C 174 -18.30 8.55 -13.12
N LYS C 175 -17.04 8.54 -13.50
CA LYS C 175 -16.55 7.75 -14.65
C LYS C 175 -16.76 6.27 -14.46
N TYR C 176 -16.68 5.78 -13.21
CA TYR C 176 -16.88 4.38 -12.94
C TYR C 176 -18.29 4.00 -12.57
N GLY C 177 -19.24 4.90 -12.82
CA GLY C 177 -20.64 4.65 -12.61
C GLY C 177 -21.17 4.69 -11.22
N ILE C 178 -20.47 5.24 -10.22
CA ILE C 178 -21.00 5.29 -8.85
C ILE C 178 -22.36 5.98 -8.89
N VAL C 179 -23.38 5.37 -8.26
CA VAL C 179 -24.71 5.93 -8.25
C VAL C 179 -24.96 6.87 -7.10
N GLY C 180 -24.15 6.77 -6.02
CA GLY C 180 -24.37 7.68 -4.91
C GLY C 180 -23.25 7.66 -3.91
N VAL C 181 -23.03 8.82 -3.26
CA VAL C 181 -22.00 8.83 -2.23
C VAL C 181 -22.61 9.01 -0.86
N GLU C 182 -22.30 8.02 -0.02
CA GLU C 182 -22.77 8.05 1.38
C GLU C 182 -21.57 7.69 2.23
N MET C 183 -21.72 7.23 3.46
CA MET C 183 -20.54 7.00 4.30
C MET C 183 -20.50 5.71 5.06
N GLU C 184 -21.46 4.81 4.87
CA GLU C 184 -21.40 3.59 5.67
C GLU C 184 -21.65 2.31 4.93
N ALA C 185 -22.23 2.32 3.74
CA ALA C 185 -22.54 1.04 3.07
C ALA C 185 -21.39 0.07 3.01
N ALA C 186 -20.19 0.45 2.58
CA ALA C 186 -19.06 -0.48 2.53
C ALA C 186 -18.74 -1.10 3.87
N GLY C 187 -18.93 -0.35 4.96
CA GLY C 187 -18.69 -0.91 6.29
C GLY C 187 -19.76 -1.92 6.70
N ILE C 188 -21.01 -1.61 6.37
CA ILE C 188 -22.11 -2.52 6.69
C ILE C 188 -21.96 -3.82 5.93
N TYR C 189 -21.62 -3.72 4.65
CA TYR C 189 -21.47 -4.90 3.81
C TYR C 189 -20.32 -5.76 4.31
N GLY C 190 -19.30 -5.13 4.87
CA GLY C 190 -18.14 -5.83 5.40
C GLY C 190 -18.51 -6.59 6.65
N VAL C 191 -19.26 -5.94 7.53
CA VAL C 191 -19.70 -6.57 8.77
C VAL C 191 -20.62 -7.76 8.48
N ALA C 192 -21.55 -7.55 7.53
CA ALA C 192 -22.47 -8.63 7.18
C ALA C 192 -21.69 -9.86 6.71
N ALA C 193 -20.66 -9.64 5.89
CA ALA C 193 -19.88 -10.77 5.40
C ALA C 193 -19.12 -11.42 6.53
N GLU C 194 -18.42 -10.63 7.35
CA GLU C 194 -17.65 -11.16 8.46
C GLU C 194 -18.47 -11.98 9.44
N TYR C 195 -19.67 -11.53 9.77
CA TYR C 195 -20.52 -12.20 10.73
C TYR C 195 -21.61 -13.08 10.16
N GLY C 196 -21.62 -13.35 8.88
CA GLY C 196 -22.60 -14.21 8.24
C GLY C 196 -24.01 -13.68 8.22
N ALA C 197 -24.20 -12.36 8.02
CA ALA C 197 -25.57 -11.83 8.00
C ALA C 197 -25.84 -11.22 6.63
N LYS C 198 -27.00 -10.61 6.45
CA LYS C 198 -27.32 -9.99 5.16
C LYS C 198 -27.63 -8.51 5.29
N ALA C 199 -27.11 -7.72 4.36
CA ALA C 199 -27.32 -6.30 4.40
C ALA C 199 -27.69 -5.70 3.04
N LEU C 200 -28.28 -4.52 3.09
CA LEU C 200 -28.67 -3.74 1.95
C LEU C 200 -28.73 -2.23 2.31
N ALA C 201 -28.17 -1.40 1.47
CA ALA C 201 -28.26 0.04 1.62
C ALA C 201 -29.16 0.65 0.54
N ILE C 202 -30.16 1.40 0.99
CA ILE C 202 -31.04 2.10 0.04
C ILE C 202 -30.92 3.60 0.30
N CYS C 203 -30.74 4.41 -0.73
CA CYS C 203 -30.61 5.84 -0.51
C CYS C 203 -31.49 6.63 -1.48
N THR C 204 -31.72 7.86 -1.04
CA THR C 204 -32.46 8.86 -1.82
C THR C 204 -31.48 10.00 -2.11
N VAL C 205 -31.33 10.41 -3.36
CA VAL C 205 -30.37 11.49 -3.67
C VAL C 205 -30.85 12.82 -3.12
N SER C 206 -30.13 13.35 -2.12
CA SER C 206 -30.58 14.60 -1.51
C SER C 206 -29.87 15.80 -2.12
N ASP C 207 -28.75 15.53 -2.77
CA ASP C 207 -27.97 16.60 -3.38
C ASP C 207 -27.14 16.09 -4.54
N HIS C 208 -26.93 16.98 -5.49
CA HIS C 208 -26.11 16.68 -6.64
C HIS C 208 -24.77 17.40 -6.48
N ILE C 209 -23.77 16.61 -6.08
CA ILE C 209 -22.44 17.11 -5.85
C ILE C 209 -21.89 17.84 -7.07
N LYS C 210 -22.11 17.25 -8.24
CA LYS C 210 -21.65 17.82 -9.49
C LYS C 210 -22.42 19.05 -9.91
N THR C 211 -23.68 18.90 -10.29
CA THR C 211 -24.51 19.99 -10.75
C THR C 211 -25.00 20.94 -9.68
N GLY C 212 -24.73 20.68 -8.42
CA GLY C 212 -25.11 21.52 -7.31
C GLY C 212 -26.58 21.54 -7.00
N GLU C 213 -27.38 20.67 -7.61
CA GLU C 213 -28.82 20.63 -7.37
C GLU C 213 -29.15 20.52 -5.89
N GLU C 219 -41.03 17.82 -0.83
CA GLU C 219 -40.37 16.99 -1.83
C GLU C 219 -39.40 16.00 -1.18
N ARG C 220 -38.45 16.47 -0.40
CA ARG C 220 -37.47 15.64 0.26
C ARG C 220 -38.12 14.68 1.25
N GLN C 221 -39.07 15.20 2.02
CA GLN C 221 -39.78 14.43 3.03
C GLN C 221 -40.64 13.34 2.37
N ASN C 222 -41.29 13.73 1.28
CA ASN C 222 -42.11 12.82 0.49
C ASN C 222 -41.25 11.78 -0.22
N THR C 223 -40.02 12.15 -0.63
CA THR C 223 -39.19 11.14 -1.30
C THR C 223 -38.58 10.23 -0.24
N PHE C 224 -38.44 10.77 0.96
CA PHE C 224 -37.96 10.01 2.11
C PHE C 224 -38.97 8.92 2.46
N ASN C 225 -40.25 9.26 2.39
CA ASN C 225 -41.32 8.32 2.69
C ASN C 225 -41.37 7.18 1.69
N GLU C 226 -41.04 7.46 0.43
CA GLU C 226 -41.02 6.49 -0.64
C GLU C 226 -39.92 5.47 -0.38
N MET C 227 -38.76 6.00 0.02
CA MET C 227 -37.65 5.14 0.38
C MET C 227 -38.03 4.21 1.52
N ILE C 228 -38.65 4.74 2.57
CA ILE C 228 -39.03 3.94 3.73
C ILE C 228 -40.08 2.91 3.37
N GLU C 229 -41.09 3.31 2.59
CA GLU C 229 -42.14 2.33 2.22
C GLU C 229 -41.54 1.22 1.40
N ILE C 230 -40.63 1.55 0.48
CA ILE C 230 -39.94 0.52 -0.30
C ILE C 230 -39.16 -0.44 0.58
N ALA C 231 -38.41 0.07 1.55
CA ALA C 231 -37.64 -0.80 2.41
C ALA C 231 -38.56 -1.72 3.20
N LEU C 232 -39.60 -1.14 3.82
CA LEU C 232 -40.49 -1.96 4.64
C LEU C 232 -41.21 -2.97 3.76
N ASP C 233 -41.65 -2.56 2.57
CA ASP C 233 -42.32 -3.54 1.68
C ASP C 233 -41.35 -4.63 1.26
N SER C 234 -40.05 -4.31 1.12
CA SER C 234 -39.07 -5.33 0.75
C SER C 234 -38.91 -6.40 1.81
N VAL C 235 -39.15 -6.05 3.07
CA VAL C 235 -39.08 -6.97 4.18
C VAL C 235 -40.15 -8.08 4.05
N LEU C 236 -41.37 -7.66 3.79
CA LEU C 236 -42.46 -8.63 3.59
C LEU C 236 -42.20 -9.48 2.35
N ILE C 237 -41.75 -8.84 1.26
CA ILE C 237 -41.45 -9.59 0.04
C ILE C 237 -40.37 -10.62 0.32
N GLY C 238 -39.34 -10.22 1.05
CA GLY C 238 -38.25 -11.07 1.44
C GLY C 238 -38.63 -12.26 2.29
N ASP C 239 -39.71 -12.18 3.07
CA ASP C 239 -40.16 -13.28 3.88
C ASP C 239 -40.86 -14.38 3.05
N GLN C 240 -41.29 -14.10 1.83
CA GLN C 240 -41.98 -15.07 1.00
C GLN C 240 -41.06 -16.00 0.24
N ALA D 4 31.23 23.22 -5.65
CA ALA D 4 30.97 23.06 -4.23
C ALA D 4 29.52 22.68 -3.94
N THR D 5 29.34 21.48 -3.40
CA THR D 5 28.01 20.98 -3.04
C THR D 5 27.86 20.97 -1.53
N PRO D 6 26.65 20.82 -1.01
CA PRO D 6 26.39 20.84 0.41
C PRO D 6 27.08 19.76 1.21
N HIS D 7 27.23 18.55 0.66
CA HIS D 7 27.82 17.44 1.36
C HIS D 7 29.20 17.04 0.92
N ILE D 8 29.71 17.65 -0.13
CA ILE D 8 31.01 17.29 -0.70
C ILE D 8 31.71 18.63 -1.02
N ASN D 9 32.85 18.84 -0.39
CA ASN D 9 33.57 20.11 -0.57
C ASN D 9 34.67 19.97 -1.62
N ALA D 10 34.29 19.67 -2.85
CA ALA D 10 35.32 19.53 -3.91
C ALA D 10 34.88 20.37 -5.10
N GLN D 11 35.69 20.45 -6.15
CA GLN D 11 35.33 21.23 -7.33
C GLN D 11 35.15 20.22 -8.50
N MET D 12 34.38 20.64 -9.50
CA MET D 12 34.17 19.80 -10.68
C MET D 12 35.56 19.49 -11.27
N GLY D 13 35.83 18.23 -11.57
CA GLY D 13 37.13 17.80 -12.05
C GLY D 13 37.93 17.06 -11.00
N ASP D 14 37.60 17.23 -9.72
CA ASP D 14 38.32 16.56 -8.64
C ASP D 14 38.10 15.06 -8.62
N PHE D 15 36.93 14.61 -9.06
CA PHE D 15 36.64 13.19 -9.13
C PHE D 15 36.84 12.64 -10.54
N ALA D 16 37.28 11.40 -10.60
CA ALA D 16 37.37 10.71 -11.91
C ALA D 16 35.95 10.42 -12.37
N ASP D 17 35.78 9.85 -13.58
CA ASP D 17 34.42 9.56 -14.04
C ASP D 17 33.88 8.28 -13.43
N VAL D 18 34.73 7.52 -12.77
CA VAL D 18 34.40 6.30 -12.07
C VAL D 18 34.81 6.42 -10.60
N VAL D 19 33.92 6.05 -9.70
CA VAL D 19 34.17 6.14 -8.26
C VAL D 19 33.88 4.82 -7.54
N LEU D 20 34.84 4.36 -6.75
CA LEU D 20 34.69 3.16 -5.93
C LEU D 20 34.11 3.65 -4.58
N MET D 21 33.14 2.97 -4.02
CA MET D 21 32.55 3.45 -2.79
C MET D 21 32.28 2.40 -1.74
N PRO D 22 33.13 2.32 -0.73
CA PRO D 22 32.86 1.50 0.44
C PRO D 22 31.94 2.35 1.32
N GLY D 23 31.30 1.78 2.33
CA GLY D 23 30.46 2.60 3.20
C GLY D 23 31.34 3.41 4.19
N ASP D 24 32.37 2.76 4.71
CA ASP D 24 33.26 3.37 5.70
C ASP D 24 34.27 4.27 5.02
N PRO D 25 34.38 5.52 5.45
CA PRO D 25 35.38 6.44 4.92
C PRO D 25 36.81 6.03 5.22
N LEU D 26 37.06 5.25 6.24
CA LEU D 26 38.36 4.74 6.60
C LEU D 26 38.76 3.60 5.65
N ARG D 27 37.75 2.90 5.11
CA ARG D 27 38.02 1.93 4.06
C ARG D 27 38.38 2.66 2.76
N ALA D 28 37.78 3.80 2.49
CA ALA D 28 38.16 4.58 1.30
C ALA D 28 39.61 5.07 1.45
N LYS D 29 39.99 5.49 2.63
CA LYS D 29 41.37 5.92 2.93
C LYS D 29 42.34 4.73 2.81
N TYR D 30 41.94 3.58 3.31
CA TYR D 30 42.73 2.36 3.14
C TYR D 30 42.92 2.02 1.66
N ILE D 31 41.87 2.07 0.86
CA ILE D 31 41.97 1.79 -0.57
C ILE D 31 42.86 2.78 -1.29
N ALA D 32 42.68 4.08 -1.07
CA ALA D 32 43.48 5.10 -1.72
C ALA D 32 44.97 4.92 -1.42
N GLU D 33 45.30 4.61 -0.17
CA GLU D 33 46.69 4.45 0.21
C GLU D 33 47.29 3.14 -0.24
N ASN D 34 46.55 2.04 -0.28
CA ASN D 34 47.15 0.77 -0.63
C ASN D 34 46.96 0.29 -2.03
N PHE D 35 45.97 0.77 -2.78
CA PHE D 35 45.71 0.25 -4.11
C PHE D 35 45.90 1.28 -5.20
N LEU D 36 45.80 2.56 -4.83
CA LEU D 36 45.94 3.60 -5.85
C LEU D 36 47.32 4.22 -5.78
N ASP D 37 47.74 4.78 -6.90
CA ASP D 37 49.02 5.49 -6.95
C ASP D 37 48.73 6.99 -6.80
N ASN D 38 49.49 7.62 -5.91
CA ASN D 38 49.41 9.08 -5.74
C ASN D 38 48.02 9.59 -5.46
N ALA D 39 47.27 8.96 -4.55
CA ALA D 39 45.92 9.41 -4.25
C ALA D 39 45.99 10.69 -3.44
N VAL D 40 45.16 11.66 -3.79
CA VAL D 40 45.09 12.89 -3.00
C VAL D 40 43.63 13.08 -2.57
N GLN D 41 43.49 13.45 -1.30
CA GLN D 41 42.20 13.67 -0.71
C GLN D 41 41.49 14.84 -1.36
N VAL D 42 40.25 14.61 -1.79
CA VAL D 42 39.51 15.67 -2.47
C VAL D 42 38.31 16.12 -1.65
N CYS D 43 37.91 15.37 -0.61
CA CYS D 43 36.79 15.86 0.20
C CYS D 43 36.83 15.33 1.62
N ASP D 44 36.27 16.14 2.53
CA ASP D 44 36.29 15.73 3.94
C ASP D 44 35.11 16.20 4.76
N VAL D 45 34.10 16.82 4.15
CA VAL D 45 32.91 17.27 4.85
C VAL D 45 32.30 16.12 5.63
N ARG D 46 31.89 16.34 6.87
CA ARG D 46 31.34 15.29 7.72
C ARG D 46 32.25 14.09 7.86
N ASN D 47 33.56 14.24 7.68
CA ASN D 47 34.49 13.13 7.76
C ASN D 47 34.26 12.08 6.68
N MET D 48 33.52 12.35 5.63
CA MET D 48 33.30 11.36 4.57
C MET D 48 34.41 11.53 3.52
N PHE D 49 35.56 10.96 3.81
CA PHE D 49 36.73 11.05 2.98
C PHE D 49 36.54 10.52 1.56
N GLY D 50 37.08 11.27 0.62
CA GLY D 50 37.04 10.90 -0.81
C GLY D 50 38.42 11.29 -1.40
N TYR D 51 38.93 10.45 -2.29
CA TYR D 51 40.24 10.57 -2.86
C TYR D 51 40.26 10.33 -4.37
N THR D 52 41.28 10.86 -5.03
CA THR D 52 41.46 10.60 -6.45
C THR D 52 42.94 10.28 -6.73
N GLY D 53 43.18 9.13 -7.34
CA GLY D 53 44.55 8.73 -7.68
C GLY D 53 44.46 7.97 -8.99
N THR D 54 45.43 7.08 -9.26
CA THR D 54 45.35 6.31 -10.48
C THR D 54 45.59 4.82 -10.18
N TYR D 55 45.00 4.01 -11.03
CA TYR D 55 45.18 2.55 -10.95
C TYR D 55 45.68 2.10 -12.34
N LYS D 56 46.94 1.68 -12.40
CA LYS D 56 47.57 1.29 -13.66
C LYS D 56 47.46 2.39 -14.70
N GLY D 57 47.67 3.64 -14.27
CA GLY D 57 47.57 4.79 -15.15
C GLY D 57 46.17 5.32 -15.33
N ARG D 58 45.12 4.62 -14.89
CA ARG D 58 43.75 5.06 -15.08
C ARG D 58 43.25 5.86 -13.87
N ARG D 59 42.73 7.05 -14.12
CA ARG D 59 42.26 7.89 -13.01
C ARG D 59 41.04 7.28 -12.37
N ILE D 60 41.04 7.10 -11.07
CA ILE D 60 39.94 6.48 -10.33
C ILE D 60 39.77 7.15 -8.97
N SER D 61 38.53 7.35 -8.54
CA SER D 61 38.29 7.96 -7.24
C SER D 61 37.68 6.90 -6.31
N VAL D 62 37.76 7.15 -5.03
CA VAL D 62 37.25 6.30 -3.97
C VAL D 62 36.76 7.20 -2.82
N MET D 63 35.51 6.96 -2.41
CA MET D 63 34.88 7.78 -1.40
C MET D 63 33.83 7.04 -0.58
N GLY D 64 33.80 7.32 0.72
CA GLY D 64 32.81 6.67 1.58
C GLY D 64 31.41 7.19 1.19
N HIS D 65 30.37 6.41 1.50
CA HIS D 65 29.02 6.86 1.27
C HIS D 65 28.16 6.77 2.54
N GLY D 66 28.71 6.36 3.65
CA GLY D 66 27.97 6.24 4.90
C GLY D 66 27.10 5.00 4.96
N MET D 67 26.18 4.91 5.91
CA MET D 67 25.33 3.74 6.01
C MET D 67 23.88 4.02 5.65
N GLY D 68 23.29 3.14 4.84
CA GLY D 68 21.91 3.19 4.48
C GLY D 68 21.62 3.94 3.20
N ILE D 69 20.45 3.66 2.64
CA ILE D 69 19.95 4.26 1.43
C ILE D 69 19.98 5.76 1.37
N PRO D 70 19.37 6.47 2.31
CA PRO D 70 19.36 7.90 2.33
C PRO D 70 20.72 8.54 2.27
N SER D 71 21.67 8.02 3.05
CA SER D 71 23.02 8.61 3.07
C SER D 71 23.70 8.38 1.72
N CYS D 72 23.64 7.14 1.26
CA CYS D 72 24.24 6.75 0.00
C CYS D 72 23.68 7.50 -1.19
N SER D 73 22.37 7.74 -1.22
CA SER D 73 21.70 8.46 -2.27
C SER D 73 22.16 9.90 -2.38
N ILE D 74 22.35 10.53 -1.22
CA ILE D 74 22.84 11.92 -1.24
C ILE D 74 24.19 11.99 -1.92
N TYR D 75 25.15 11.17 -1.48
CA TYR D 75 26.46 11.21 -2.08
C TYR D 75 26.48 10.83 -3.54
N VAL D 76 25.90 9.67 -3.93
CA VAL D 76 25.97 9.35 -5.36
C VAL D 76 25.22 10.35 -6.19
N THR D 77 24.07 10.87 -5.69
CA THR D 77 23.36 11.88 -6.43
C THR D 77 24.27 13.09 -6.68
N GLU D 78 24.95 13.59 -5.63
CA GLU D 78 25.84 14.73 -5.86
C GLU D 78 27.02 14.39 -6.76
N LEU D 79 27.59 13.20 -6.65
CA LEU D 79 28.71 12.86 -7.54
C LEU D 79 28.29 12.93 -9.00
N ILE D 80 27.11 12.41 -9.32
CA ILE D 80 26.61 12.37 -10.68
C ILE D 80 26.20 13.72 -11.22
N LYS D 81 25.26 14.39 -10.55
CA LYS D 81 24.79 15.67 -11.08
C LYS D 81 25.75 16.81 -10.90
N ASP D 82 26.67 16.78 -9.94
CA ASP D 82 27.55 17.94 -9.76
C ASP D 82 28.99 17.64 -10.15
N TYR D 83 29.40 16.36 -10.14
CA TYR D 83 30.81 16.08 -10.42
C TYR D 83 31.04 15.27 -11.66
N GLY D 84 30.00 15.07 -12.46
CA GLY D 84 30.06 14.34 -13.69
C GLY D 84 30.46 12.90 -13.59
N VAL D 85 30.22 12.25 -12.45
CA VAL D 85 30.58 10.83 -12.33
C VAL D 85 29.65 9.99 -13.19
N LYS D 86 30.19 9.02 -13.93
CA LYS D 86 29.38 8.20 -14.82
C LYS D 86 29.13 6.81 -14.27
N LYS D 87 30.11 6.25 -13.57
CA LYS D 87 30.05 4.91 -13.03
C LYS D 87 30.42 4.87 -11.54
N ILE D 88 29.61 4.16 -10.79
CA ILE D 88 29.75 3.96 -9.37
C ILE D 88 29.87 2.46 -9.07
N ILE D 89 30.89 2.08 -8.33
CA ILE D 89 31.02 0.71 -7.87
C ILE D 89 31.01 0.70 -6.33
N ARG D 90 29.89 0.23 -5.78
CA ARG D 90 29.82 0.13 -4.32
C ARG D 90 30.56 -1.11 -3.88
N VAL D 91 31.39 -1.04 -2.85
CA VAL D 91 32.11 -2.21 -2.36
C VAL D 91 31.85 -2.38 -0.88
N GLY D 92 31.59 -3.61 -0.41
CA GLY D 92 31.36 -3.75 1.01
C GLY D 92 31.18 -5.18 1.49
N SER D 93 30.72 -5.27 2.74
CA SER D 93 30.46 -6.56 3.38
C SER D 93 28.98 -6.83 3.38
N CYS D 94 28.56 -8.08 3.34
CA CYS D 94 27.12 -8.37 3.36
C CYS D 94 26.90 -9.64 4.18
N GLY D 95 25.66 -9.88 4.56
CA GLY D 95 25.30 -11.07 5.35
C GLY D 95 24.66 -12.07 4.41
N ALA D 96 24.92 -13.36 4.57
CA ALA D 96 24.32 -14.33 3.63
C ALA D 96 23.15 -15.01 4.34
N VAL D 97 22.13 -15.40 3.60
CA VAL D 97 20.97 -16.07 4.21
C VAL D 97 20.74 -17.47 3.60
N ASN D 98 21.43 -17.76 2.52
CA ASN D 98 21.25 -19.02 1.81
C ASN D 98 22.42 -19.98 2.01
N GLU D 99 22.09 -21.26 2.01
CA GLU D 99 23.00 -22.35 2.24
C GLU D 99 24.10 -22.49 1.20
N GLY D 100 23.87 -22.13 -0.04
CA GLY D 100 24.87 -22.23 -1.09
C GLY D 100 25.86 -21.09 -1.15
N ILE D 101 25.87 -20.20 -0.16
CA ILE D 101 26.80 -19.08 -0.11
C ILE D 101 27.52 -19.12 1.23
N LYS D 102 28.84 -19.14 1.19
CA LYS D 102 29.66 -19.20 2.38
C LYS D 102 30.41 -17.91 2.65
N VAL D 103 30.74 -17.70 3.92
CA VAL D 103 31.48 -16.51 4.30
C VAL D 103 32.73 -16.38 3.44
N ARG D 104 33.02 -15.14 3.09
CA ARG D 104 34.13 -14.75 2.25
C ARG D 104 33.86 -14.98 0.78
N ASP D 105 32.67 -15.46 0.42
CA ASP D 105 32.32 -15.56 -1.00
C ASP D 105 32.12 -14.11 -1.51
N VAL D 106 32.40 -13.89 -2.77
CA VAL D 106 32.24 -12.61 -3.43
C VAL D 106 30.94 -12.61 -4.25
N VAL D 107 30.00 -11.74 -3.88
CA VAL D 107 28.74 -11.68 -4.58
C VAL D 107 28.61 -10.35 -5.33
N ILE D 108 27.98 -10.43 -6.49
CA ILE D 108 27.73 -9.27 -7.33
C ILE D 108 26.20 -9.12 -7.45
N GLY D 109 25.72 -7.94 -7.11
CA GLY D 109 24.31 -7.65 -7.15
C GLY D 109 23.84 -7.20 -8.53
N MET D 110 23.38 -8.14 -9.34
CA MET D 110 22.80 -7.82 -10.66
C MET D 110 21.53 -7.00 -10.39
N GLY D 111 20.85 -7.40 -9.31
CA GLY D 111 19.66 -6.71 -8.87
C GLY D 111 19.70 -6.49 -7.35
N ALA D 112 18.84 -5.57 -6.91
CA ALA D 112 18.75 -5.32 -5.48
C ALA D 112 17.29 -5.21 -5.04
N CYS D 113 16.90 -6.14 -4.18
CA CYS D 113 15.60 -6.13 -3.56
C CYS D 113 15.67 -5.14 -2.39
N THR D 114 14.51 -4.65 -1.95
CA THR D 114 14.55 -3.76 -0.79
C THR D 114 13.23 -3.68 -0.06
N ASP D 115 13.31 -3.22 1.20
CA ASP D 115 12.14 -2.95 2.00
C ASP D 115 11.94 -1.44 2.09
N SER D 116 12.79 -0.66 1.47
CA SER D 116 12.64 0.78 1.45
C SER D 116 11.54 1.24 0.50
N LYS D 117 11.01 2.44 0.68
CA LYS D 117 10.00 3.03 -0.15
C LYS D 117 10.57 3.97 -1.20
N VAL D 118 11.87 4.20 -1.26
CA VAL D 118 12.39 5.18 -2.21
C VAL D 118 12.11 4.87 -3.66
N ASN D 119 12.20 3.61 -4.08
CA ASN D 119 11.94 3.34 -5.52
C ASN D 119 10.46 3.45 -5.80
N ARG D 120 9.59 3.13 -4.85
CA ARG D 120 8.15 3.32 -5.02
C ARG D 120 7.77 4.78 -5.10
N ILE D 121 8.47 5.66 -4.41
CA ILE D 121 8.23 7.11 -4.54
C ILE D 121 8.65 7.61 -5.91
N ARG D 122 9.64 7.01 -6.55
CA ARG D 122 10.07 7.44 -7.88
C ARG D 122 9.20 6.80 -8.97
N PHE D 123 8.71 5.59 -8.72
CA PHE D 123 8.02 4.85 -9.77
C PHE D 123 6.53 4.75 -9.59
N LYS D 124 5.90 5.76 -9.05
CA LYS D 124 4.47 5.83 -8.86
C LYS D 124 3.88 4.65 -8.14
N ASP D 125 4.59 4.17 -7.11
CA ASP D 125 4.16 3.06 -6.31
C ASP D 125 4.06 1.71 -6.98
N HIS D 126 4.69 1.52 -8.13
CA HIS D 126 4.72 0.20 -8.75
C HIS D 126 6.08 -0.45 -8.44
N ASP D 127 6.30 -1.63 -8.95
CA ASP D 127 7.51 -2.38 -8.74
C ASP D 127 8.64 -2.01 -9.69
N PHE D 128 9.59 -1.22 -9.17
CA PHE D 128 10.77 -0.87 -9.96
C PHE D 128 11.85 -1.92 -9.71
N ALA D 129 12.36 -2.58 -10.75
CA ALA D 129 13.41 -3.58 -10.51
C ALA D 129 14.76 -2.86 -10.43
N ALA D 130 15.26 -2.66 -9.20
CA ALA D 130 16.56 -1.92 -9.12
C ALA D 130 17.68 -2.82 -9.61
N ILE D 131 18.27 -2.54 -10.76
CA ILE D 131 19.32 -3.37 -11.31
C ILE D 131 20.63 -2.64 -11.58
N ALA D 132 21.72 -3.42 -11.58
CA ALA D 132 23.02 -2.86 -11.92
C ALA D 132 23.10 -2.64 -13.45
N ASP D 133 24.17 -2.04 -13.88
CA ASP D 133 24.41 -1.86 -15.34
C ASP D 133 25.00 -3.18 -15.83
N TYR D 134 24.44 -3.78 -16.85
CA TYR D 134 24.94 -5.05 -17.38
C TYR D 134 26.40 -5.06 -17.73
N LYS D 135 26.91 -4.09 -18.49
CA LYS D 135 28.33 -4.09 -18.84
C LYS D 135 29.21 -4.06 -17.61
N MET D 136 28.84 -3.30 -16.57
CA MET D 136 29.63 -3.34 -15.33
C MET D 136 29.61 -4.69 -14.67
N VAL D 137 28.46 -5.39 -14.67
CA VAL D 137 28.38 -6.72 -14.05
C VAL D 137 29.37 -7.65 -14.77
N LYS D 138 29.29 -7.65 -16.07
CA LYS D 138 30.10 -8.48 -16.95
C LYS D 138 31.59 -8.23 -16.71
N ALA D 139 31.96 -6.95 -16.64
CA ALA D 139 33.33 -6.55 -16.42
C ALA D 139 33.87 -7.12 -15.11
N ALA D 140 33.07 -7.07 -14.05
CA ALA D 140 33.47 -7.56 -12.74
C ALA D 140 33.57 -9.08 -12.71
N GLU D 141 32.63 -9.74 -13.39
CA GLU D 141 32.70 -11.21 -13.47
C GLU D 141 33.92 -11.60 -14.29
N GLU D 142 34.24 -10.87 -15.36
CA GLU D 142 35.45 -11.22 -16.13
C GLU D 142 36.72 -10.92 -15.32
N ALA D 143 36.73 -9.81 -14.58
CA ALA D 143 37.90 -9.47 -13.75
C ALA D 143 38.11 -10.54 -12.69
N ALA D 144 37.01 -11.07 -12.14
CA ALA D 144 37.15 -12.12 -11.13
C ALA D 144 37.71 -13.39 -11.76
N LYS D 145 37.20 -13.79 -12.91
CA LYS D 145 37.66 -15.02 -13.57
C LYS D 145 39.15 -14.95 -13.88
N ALA D 146 39.62 -13.80 -14.35
CA ALA D 146 41.00 -13.57 -14.69
C ALA D 146 41.95 -13.86 -13.52
N ARG D 147 41.48 -13.65 -12.30
CA ARG D 147 42.26 -13.91 -11.10
C ARG D 147 41.88 -15.23 -10.47
N GLY D 148 40.98 -15.97 -11.14
CA GLY D 148 40.54 -17.25 -10.66
C GLY D 148 39.70 -17.16 -9.39
N ILE D 149 38.92 -16.09 -9.23
CA ILE D 149 38.06 -15.98 -8.03
C ILE D 149 36.62 -16.28 -8.43
N ASP D 150 35.91 -17.15 -7.70
CA ASP D 150 34.53 -17.39 -8.12
C ASP D 150 33.60 -16.35 -7.47
N VAL D 151 32.61 -15.92 -8.24
CA VAL D 151 31.67 -14.91 -7.77
C VAL D 151 30.24 -15.40 -7.96
N LYS D 152 29.33 -14.97 -7.11
CA LYS D 152 27.91 -15.34 -7.28
C LYS D 152 27.14 -14.08 -7.71
N VAL D 153 26.50 -14.17 -8.85
CA VAL D 153 25.74 -13.05 -9.39
C VAL D 153 24.26 -13.29 -9.13
N GLY D 154 23.60 -12.34 -8.46
CA GLY D 154 22.19 -12.49 -8.17
C GLY D 154 21.59 -11.27 -7.49
N ASN D 155 20.49 -11.48 -6.77
CA ASN D 155 19.83 -10.41 -6.08
C ASN D 155 20.43 -10.12 -4.70
N LEU D 156 20.63 -8.83 -4.44
CA LEU D 156 21.04 -8.47 -3.06
C LEU D 156 19.72 -8.01 -2.38
N PHE D 157 19.74 -7.87 -1.09
CA PHE D 157 18.56 -7.30 -0.40
C PHE D 157 19.05 -6.10 0.41
N SER D 158 18.52 -4.92 0.16
CA SER D 158 18.86 -3.69 0.84
C SER D 158 17.85 -3.42 1.98
N ALA D 159 18.25 -3.73 3.19
CA ALA D 159 17.44 -3.54 4.38
C ALA D 159 17.51 -2.11 4.90
N GLU D 160 16.41 -1.60 5.40
CA GLU D 160 16.37 -0.25 5.97
C GLU D 160 16.82 -0.29 7.43
N LEU D 161 16.52 -1.42 8.07
CA LEU D 161 16.83 -1.61 9.47
C LEU D 161 17.84 -2.70 9.70
N PHE D 162 19.06 -2.30 10.05
CA PHE D 162 20.10 -3.27 10.42
C PHE D 162 19.60 -4.18 11.54
N TYR D 163 19.03 -3.62 12.60
CA TYR D 163 18.45 -4.41 13.69
C TYR D 163 16.98 -4.65 13.39
N THR D 164 16.69 -5.64 12.55
CA THR D 164 15.35 -5.84 12.07
C THR D 164 14.37 -6.33 13.11
N PRO D 165 13.18 -5.74 13.10
CA PRO D 165 12.08 -6.16 13.95
C PRO D 165 11.40 -7.39 13.34
N ASP D 166 11.69 -7.71 12.06
CA ASP D 166 11.11 -8.89 11.43
C ASP D 166 12.12 -9.88 10.87
N PRO D 167 12.69 -10.73 11.72
CA PRO D 167 13.65 -11.73 11.33
C PRO D 167 13.14 -12.84 10.43
N SER D 168 11.84 -13.08 10.36
CA SER D 168 11.29 -14.11 9.48
C SER D 168 11.47 -13.75 8.01
N MET D 169 11.75 -12.50 7.70
CA MET D 169 12.02 -12.06 6.35
C MET D 169 13.30 -12.69 5.79
N PHE D 170 14.24 -13.14 6.63
CA PHE D 170 15.47 -13.76 6.13
C PHE D 170 15.19 -15.12 5.48
N ASP D 171 14.11 -15.77 5.92
CA ASP D 171 13.69 -17.05 5.34
C ASP D 171 13.02 -16.84 3.99
N VAL D 172 12.32 -15.72 3.80
CA VAL D 172 11.75 -15.37 2.50
C VAL D 172 12.90 -15.06 1.53
N MET D 173 13.85 -14.25 1.96
CA MET D 173 15.01 -13.90 1.12
C MET D 173 15.70 -15.18 0.60
N ASP D 174 16.01 -16.06 1.53
CA ASP D 174 16.62 -17.33 1.22
C ASP D 174 15.89 -18.11 0.14
N LYS D 175 14.59 -18.34 0.33
CA LYS D 175 13.75 -19.04 -0.63
C LYS D 175 13.75 -18.37 -1.99
N TYR D 176 13.91 -17.05 -2.03
CA TYR D 176 13.91 -16.35 -3.30
C TYR D 176 15.28 -16.13 -3.90
N GLY D 177 16.30 -16.82 -3.38
CA GLY D 177 17.63 -16.75 -3.93
C GLY D 177 18.46 -15.54 -3.58
N ILE D 178 18.05 -14.71 -2.61
CA ILE D 178 18.88 -13.53 -2.29
C ILE D 178 20.29 -14.02 -1.98
N VAL D 179 21.29 -13.42 -2.63
CA VAL D 179 22.67 -13.83 -2.42
C VAL D 179 23.31 -13.08 -1.27
N GLY D 180 22.83 -11.88 -0.92
CA GLY D 180 23.45 -11.20 0.21
C GLY D 180 22.64 -10.04 0.71
N VAL D 181 22.80 -9.76 2.02
CA VAL D 181 22.04 -8.64 2.56
C VAL D 181 22.97 -7.52 2.99
N GLU D 182 22.69 -6.37 2.38
CA GLU D 182 23.44 -5.15 2.66
C GLU D 182 22.42 -4.04 2.87
N MET D 183 22.77 -2.78 2.74
CA MET D 183 21.81 -1.72 3.03
C MET D 183 21.74 -0.61 2.03
N GLU D 184 22.50 -0.66 0.94
CA GLU D 184 22.42 0.50 0.03
C GLU D 184 22.28 0.18 -1.43
N ALA D 185 22.50 -1.05 -1.89
CA ALA D 185 22.43 -1.33 -3.33
C ALA D 185 21.14 -0.89 -3.99
N ALA D 186 19.97 -1.16 -3.45
CA ALA D 186 18.72 -0.75 -4.09
C ALA D 186 18.62 0.77 -4.25
N GLY D 187 19.19 1.52 -3.30
CA GLY D 187 19.18 2.97 -3.39
C GLY D 187 20.10 3.49 -4.48
N ILE D 188 21.29 2.87 -4.58
CA ILE D 188 22.26 3.29 -5.59
C ILE D 188 21.73 3.05 -7.00
N TYR D 189 21.16 1.88 -7.21
CA TYR D 189 20.59 1.50 -8.48
C TYR D 189 19.44 2.42 -8.85
N GLY D 190 18.68 2.83 -7.82
CA GLY D 190 17.55 3.73 -8.05
C GLY D 190 18.07 5.10 -8.50
N VAL D 191 19.12 5.57 -7.82
CA VAL D 191 19.69 6.87 -8.16
C VAL D 191 20.32 6.85 -9.55
N ALA D 192 21.06 5.81 -9.89
CA ALA D 192 21.66 5.73 -11.23
C ALA D 192 20.59 5.76 -12.31
N ALA D 193 19.45 5.12 -12.07
CA ALA D 193 18.38 5.11 -13.09
C ALA D 193 17.79 6.50 -13.22
N GLU D 194 17.44 7.11 -12.08
CA GLU D 194 16.89 8.46 -12.10
C GLU D 194 17.79 9.47 -12.78
N TYR D 195 19.11 9.42 -12.54
CA TYR D 195 20.00 10.40 -13.11
C TYR D 195 20.78 9.95 -14.33
N GLY D 196 20.47 8.84 -14.95
CA GLY D 196 21.11 8.34 -16.13
C GLY D 196 22.57 7.94 -15.98
N ALA D 197 22.93 7.31 -14.86
CA ALA D 197 24.32 6.89 -14.67
C ALA D 197 24.34 5.37 -14.53
N LYS D 198 25.51 4.80 -14.25
CA LYS D 198 25.61 3.34 -14.13
C LYS D 198 26.17 2.92 -12.80
N ALA D 199 25.56 1.90 -12.19
CA ALA D 199 26.06 1.45 -10.90
C ALA D 199 26.21 -0.07 -10.84
N LEU D 200 27.01 -0.50 -9.90
CA LEU D 200 27.24 -1.89 -9.57
C LEU D 200 27.62 -2.01 -8.08
N ALA D 201 27.08 -2.98 -7.40
CA ALA D 201 27.45 -3.25 -6.01
C ALA D 201 28.17 -4.60 -5.93
N ILE D 202 29.35 -4.60 -5.32
CA ILE D 202 30.07 -5.86 -5.12
C ILE D 202 30.25 -6.11 -3.62
N CYS D 203 29.92 -7.30 -3.15
CA CYS D 203 30.12 -7.57 -1.74
C CYS D 203 30.88 -8.87 -1.49
N THR D 204 31.43 -8.88 -0.30
CA THR D 204 32.12 -10.05 0.27
C THR D 204 31.29 -10.50 1.48
N VAL D 205 30.94 -11.77 1.57
CA VAL D 205 30.13 -12.25 2.71
C VAL D 205 30.91 -12.21 3.99
N SER D 206 30.55 -11.34 4.94
CA SER D 206 31.38 -11.30 6.17
C SER D 206 30.74 -12.15 7.25
N ASP D 207 29.43 -12.39 7.10
CA ASP D 207 28.73 -13.18 8.09
C ASP D 207 27.58 -13.97 7.48
N HIS D 208 27.35 -15.13 8.09
CA HIS D 208 26.23 -15.97 7.65
C HIS D 208 25.13 -15.80 8.71
N ILE D 209 24.10 -15.05 8.29
CA ILE D 209 22.98 -14.76 9.17
C ILE D 209 22.31 -16.05 9.63
N LYS D 210 22.11 -16.97 8.68
CA LYS D 210 21.47 -18.23 8.98
C LYS D 210 22.31 -19.13 9.86
N THR D 211 23.41 -19.67 9.33
CA THR D 211 24.27 -20.59 10.05
C THR D 211 25.11 -19.96 11.14
N GLY D 212 25.13 -18.64 11.26
CA GLY D 212 25.88 -17.93 12.28
C GLY D 212 27.38 -17.95 12.03
N GLU D 213 27.82 -18.35 10.86
CA GLU D 213 29.23 -18.42 10.50
C GLU D 213 29.93 -17.08 10.66
N GLU D 219 42.04 -13.46 6.99
CA GLU D 219 41.05 -13.96 6.04
C GLU D 219 40.13 -12.85 5.53
N ARG D 220 39.45 -12.16 6.43
CA ARG D 220 38.54 -11.09 6.07
C ARG D 220 39.24 -10.00 5.26
N GLN D 221 40.42 -9.59 5.76
CA GLN D 221 41.21 -8.57 5.11
C GLN D 221 41.65 -9.01 3.73
N ASN D 222 42.16 -10.23 3.64
CA ASN D 222 42.59 -10.81 2.39
C ASN D 222 41.44 -10.96 1.39
N THR D 223 40.25 -11.31 1.89
CA THR D 223 39.10 -11.46 0.98
C THR D 223 38.61 -10.09 0.56
N PHE D 224 38.80 -9.10 1.42
CA PHE D 224 38.47 -7.71 1.13
C PHE D 224 39.35 -7.22 -0.02
N ASN D 225 40.61 -7.57 0.01
CA ASN D 225 41.56 -7.17 -1.02
C ASN D 225 41.19 -7.75 -2.38
N GLU D 226 40.69 -8.98 -2.38
CA GLU D 226 40.28 -9.63 -3.63
C GLU D 226 39.09 -8.89 -4.23
N MET D 227 38.17 -8.47 -3.36
CA MET D 227 37.02 -7.69 -3.80
C MET D 227 37.49 -6.38 -4.45
N ILE D 228 38.42 -5.68 -3.79
CA ILE D 228 38.94 -4.42 -4.29
C ILE D 228 39.68 -4.61 -5.59
N GLU D 229 40.48 -5.66 -5.68
CA GLU D 229 41.22 -5.88 -6.95
C GLU D 229 40.24 -6.18 -8.06
N ILE D 230 39.20 -6.93 -7.79
CA ILE D 230 38.15 -7.23 -8.77
C ILE D 230 37.46 -5.98 -9.26
N ALA D 231 37.06 -5.09 -8.33
CA ALA D 231 36.39 -3.87 -8.72
C ALA D 231 37.29 -2.99 -9.56
N LEU D 232 38.54 -2.82 -9.11
CA LEU D 232 39.45 -1.94 -9.85
C LEU D 232 39.76 -2.56 -11.20
N ASP D 233 40.01 -3.87 -11.23
CA ASP D 233 40.30 -4.49 -12.56
C ASP D 233 39.07 -4.35 -13.47
N SER D 234 37.86 -4.36 -12.92
CA SER D 234 36.66 -4.26 -13.74
C SER D 234 36.54 -2.90 -14.41
N VAL D 235 37.11 -1.86 -13.80
CA VAL D 235 37.13 -0.52 -14.32
C VAL D 235 37.95 -0.45 -15.61
N LEU D 236 39.12 -1.06 -15.61
CA LEU D 236 39.97 -1.06 -16.83
C LEU D 236 39.31 -1.91 -17.92
N ILE D 237 38.77 -3.07 -17.51
CA ILE D 237 38.09 -3.93 -18.48
C ILE D 237 36.91 -3.17 -19.09
N GLY D 238 36.15 -2.46 -18.25
CA GLY D 238 35.02 -1.67 -18.69
C GLY D 238 35.36 -0.58 -19.67
N ASP D 239 36.57 -0.04 -19.65
CA ASP D 239 37.03 0.99 -20.55
C ASP D 239 37.32 0.47 -21.96
N GLN D 240 37.49 -0.82 -22.16
CA GLN D 240 37.82 -1.40 -23.46
C GLN D 240 36.66 -1.57 -24.39
N ALA E 4 -25.55 27.54 11.23
CA ALA E 4 -26.56 26.96 10.35
C ALA E 4 -25.98 25.91 9.41
N THR E 5 -25.20 24.98 9.92
CA THR E 5 -24.56 23.94 9.10
C THR E 5 -25.39 22.68 9.03
N PRO E 6 -25.02 21.71 8.21
CA PRO E 6 -25.80 20.50 8.04
C PRO E 6 -25.85 19.61 9.26
N HIS E 7 -24.82 19.57 10.08
CA HIS E 7 -24.86 18.68 11.25
C HIS E 7 -24.99 19.40 12.56
N ILE E 8 -24.92 20.73 12.55
CA ILE E 8 -25.01 21.50 13.80
C ILE E 8 -26.02 22.62 13.57
N ASN E 9 -27.09 22.64 14.34
CA ASN E 9 -28.11 23.68 14.13
C ASN E 9 -27.96 24.82 15.12
N ALA E 10 -26.80 25.46 15.13
CA ALA E 10 -26.55 26.60 16.02
C ALA E 10 -26.17 27.81 15.19
N GLN E 11 -25.98 28.96 15.80
CA GLN E 11 -25.55 30.15 15.09
C GLN E 11 -24.13 30.52 15.50
N MET E 12 -23.42 31.18 14.60
CA MET E 12 -22.07 31.65 14.92
C MET E 12 -22.11 32.42 16.25
N GLY E 13 -21.18 32.13 17.16
CA GLY E 13 -21.26 32.82 18.48
C GLY E 13 -21.90 31.94 19.53
N ASP E 14 -22.64 30.91 19.18
CA ASP E 14 -23.24 30.00 20.16
C ASP E 14 -22.18 29.19 20.89
N PHE E 15 -21.14 28.74 20.20
CA PHE E 15 -20.07 28.01 20.85
C PHE E 15 -18.97 28.94 21.35
N ALA E 16 -18.28 28.53 22.41
CA ALA E 16 -17.14 29.33 22.89
C ALA E 16 -15.99 29.00 21.93
N ASP E 17 -14.83 29.61 22.09
CA ASP E 17 -13.67 29.30 21.27
C ASP E 17 -12.99 28.01 21.68
N VAL E 18 -13.34 27.45 22.82
CA VAL E 18 -12.86 26.20 23.34
C VAL E 18 -14.01 25.21 23.55
N VAL E 19 -13.88 24.00 23.02
CA VAL E 19 -14.92 23.00 23.15
C VAL E 19 -14.39 21.68 23.70
N LEU E 20 -15.10 21.19 24.71
CA LEU E 20 -14.83 19.90 25.30
C LEU E 20 -15.75 18.88 24.61
N MET E 21 -15.21 17.77 24.18
CA MET E 21 -15.98 16.82 23.43
C MET E 21 -15.83 15.38 23.87
N PRO E 22 -16.83 14.92 24.61
CA PRO E 22 -16.97 13.49 24.91
C PRO E 22 -17.60 12.84 23.67
N GLY E 23 -17.52 11.52 23.49
CA GLY E 23 -18.18 10.89 22.34
C GLY E 23 -19.70 10.84 22.57
N ASP E 24 -20.09 10.57 23.80
CA ASP E 24 -21.49 10.46 24.19
C ASP E 24 -22.15 11.78 24.46
N PRO E 25 -23.20 12.12 23.71
CA PRO E 25 -23.94 13.35 23.86
C PRO E 25 -24.54 13.47 25.24
N LEU E 26 -24.91 12.33 25.83
CA LEU E 26 -25.41 12.30 27.20
C LEU E 26 -24.31 12.63 28.19
N ARG E 27 -23.04 12.37 27.80
CA ARG E 27 -21.93 12.77 28.63
C ARG E 27 -21.75 14.29 28.58
N ALA E 28 -22.01 14.86 27.39
CA ALA E 28 -21.93 16.31 27.23
C ALA E 28 -22.98 16.97 28.15
N LYS E 29 -24.18 16.41 28.14
CA LYS E 29 -25.26 16.92 29.00
C LYS E 29 -24.85 16.83 30.47
N TYR E 30 -24.27 15.71 30.89
CA TYR E 30 -23.78 15.51 32.23
C TYR E 30 -22.74 16.57 32.62
N ILE E 31 -21.80 16.84 31.74
CA ILE E 31 -20.76 17.83 31.96
C ILE E 31 -21.32 19.24 32.05
N ALA E 32 -22.27 19.58 31.15
CA ALA E 32 -22.89 20.88 31.16
C ALA E 32 -23.63 21.14 32.48
N GLU E 33 -24.37 20.16 32.95
CA GLU E 33 -25.16 20.25 34.14
C GLU E 33 -24.37 20.26 35.45
N ASN E 34 -23.31 19.48 35.56
CA ASN E 34 -22.58 19.37 36.80
C ASN E 34 -21.27 20.12 36.90
N PHE E 35 -20.64 20.56 35.81
CA PHE E 35 -19.37 21.26 35.88
C PHE E 35 -19.44 22.69 35.40
N LEU E 36 -20.41 23.00 34.53
CA LEU E 36 -20.49 24.36 33.98
C LEU E 36 -21.61 25.10 34.70
N ASP E 37 -21.49 26.40 34.76
CA ASP E 37 -22.50 27.26 35.35
C ASP E 37 -23.39 27.80 34.22
N ASN E 38 -24.70 27.79 34.48
CA ASN E 38 -25.67 28.33 33.55
C ASN E 38 -25.49 27.81 32.13
N ALA E 39 -25.21 26.53 31.94
CA ALA E 39 -25.04 26.04 30.56
C ALA E 39 -26.41 25.97 29.86
N VAL E 40 -26.46 26.34 28.62
CA VAL E 40 -27.68 26.30 27.81
C VAL E 40 -27.40 25.48 26.55
N GLN E 41 -28.31 24.60 26.14
CA GLN E 41 -28.12 23.78 24.97
C GLN E 41 -28.06 24.66 23.72
N VAL E 42 -27.10 24.42 22.83
CA VAL E 42 -26.97 25.22 21.62
C VAL E 42 -27.22 24.37 20.38
N CYS E 43 -27.32 23.05 20.51
CA CYS E 43 -27.62 22.29 19.28
C CYS E 43 -28.11 20.90 19.60
N ASP E 44 -28.90 20.32 18.67
CA ASP E 44 -29.40 18.97 18.92
C ASP E 44 -29.71 18.13 17.69
N VAL E 45 -29.27 18.52 16.52
CA VAL E 45 -29.42 17.72 15.30
C VAL E 45 -28.84 16.32 15.54
N ARG E 46 -29.55 15.30 15.12
CA ARG E 46 -29.17 13.91 15.28
C ARG E 46 -28.97 13.54 16.75
N ASN E 47 -29.64 14.27 17.66
CA ASN E 47 -29.43 14.03 19.08
C ASN E 47 -28.00 14.32 19.51
N MET E 48 -27.24 15.09 18.74
CA MET E 48 -25.85 15.34 19.19
C MET E 48 -25.85 16.63 19.99
N PHE E 49 -26.17 16.52 21.27
CA PHE E 49 -26.28 17.65 22.16
C PHE E 49 -25.02 18.49 22.26
N GLY E 50 -25.16 19.79 22.26
CA GLY E 50 -24.07 20.74 22.44
C GLY E 50 -24.54 21.83 23.39
N TYR E 51 -23.69 22.27 24.29
CA TYR E 51 -24.05 23.22 25.34
C TYR E 51 -22.95 24.28 25.49
N THR E 52 -23.33 25.45 25.92
CA THR E 52 -22.36 26.51 26.19
C THR E 52 -22.63 27.08 27.59
N GLY E 53 -21.60 27.13 28.40
CA GLY E 53 -21.77 27.63 29.75
C GLY E 53 -20.50 28.35 30.21
N THR E 54 -20.34 28.35 31.52
CA THR E 54 -19.17 29.07 32.07
C THR E 54 -18.49 28.23 33.13
N TYR E 55 -17.16 28.26 33.13
CA TYR E 55 -16.37 27.57 34.15
C TYR E 55 -15.49 28.63 34.85
N LYS E 56 -15.82 28.94 36.09
CA LYS E 56 -15.13 29.98 36.82
C LYS E 56 -15.08 31.30 36.06
N GLY E 57 -16.19 31.72 35.45
CA GLY E 57 -16.23 32.96 34.71
C GLY E 57 -15.77 32.86 33.27
N ARG E 58 -15.22 31.73 32.83
CA ARG E 58 -14.72 31.59 31.47
C ARG E 58 -15.71 30.82 30.59
N ARG E 59 -16.15 31.42 29.50
CA ARG E 59 -17.08 30.78 28.58
C ARG E 59 -16.50 29.53 27.94
N ILE E 60 -17.21 28.41 28.08
CA ILE E 60 -16.78 27.11 27.61
C ILE E 60 -17.92 26.33 26.98
N SER E 61 -17.60 25.55 25.92
CA SER E 61 -18.67 24.75 25.33
C SER E 61 -18.36 23.26 25.47
N VAL E 62 -19.42 22.46 25.47
CA VAL E 62 -19.28 21.00 25.54
C VAL E 62 -20.26 20.37 24.55
N MET E 63 -19.79 19.41 23.76
CA MET E 63 -20.66 18.82 22.73
C MET E 63 -20.23 17.40 22.36
N GLY E 64 -21.17 16.50 22.15
CA GLY E 64 -20.80 15.13 21.78
C GLY E 64 -20.26 15.14 20.34
N HIS E 65 -19.43 14.16 19.99
CA HIS E 65 -18.90 14.06 18.63
C HIS E 65 -19.20 12.69 18.01
N GLY E 66 -19.98 11.87 18.72
CA GLY E 66 -20.32 10.53 18.23
C GLY E 66 -19.15 9.57 18.22
N MET E 67 -19.32 8.39 17.59
CA MET E 67 -18.24 7.41 17.60
C MET E 67 -17.49 7.26 16.29
N GLY E 68 -16.14 7.19 16.39
CA GLY E 68 -15.29 7.01 15.25
C GLY E 68 -14.79 8.26 14.59
N ILE E 69 -13.76 8.07 13.76
CA ILE E 69 -13.07 9.11 13.05
C ILE E 69 -13.93 9.91 12.11
N PRO E 70 -14.77 9.27 11.30
CA PRO E 70 -15.62 9.99 10.36
C PRO E 70 -16.65 10.85 11.05
N SER E 71 -17.27 10.30 12.12
CA SER E 71 -18.23 11.09 12.86
C SER E 71 -17.52 12.29 13.52
N CYS E 72 -16.43 12.00 14.24
CA CYS E 72 -15.70 13.07 14.90
C CYS E 72 -15.19 14.15 13.95
N SER E 73 -14.70 13.79 12.78
CA SER E 73 -14.20 14.75 11.83
C SER E 73 -15.28 15.72 11.36
N ILE E 74 -16.49 15.21 11.08
CA ILE E 74 -17.56 16.08 10.65
C ILE E 74 -17.82 17.17 11.67
N TYR E 75 -18.05 16.80 12.92
CA TYR E 75 -18.36 17.79 13.95
C TYR E 75 -17.26 18.78 14.24
N VAL E 76 -16.02 18.28 14.43
CA VAL E 76 -14.97 19.26 14.75
C VAL E 76 -14.60 20.09 13.56
N THR E 77 -14.75 19.57 12.35
CA THR E 77 -14.51 20.39 11.16
C THR E 77 -15.53 21.54 11.10
N GLU E 78 -16.80 21.23 11.28
CA GLU E 78 -17.84 22.27 11.26
C GLU E 78 -17.66 23.26 12.41
N LEU E 79 -17.32 22.77 13.61
CA LEU E 79 -17.05 23.67 14.71
C LEU E 79 -15.94 24.64 14.34
N ILE E 80 -14.86 24.12 13.70
CA ILE E 80 -13.73 24.95 13.39
C ILE E 80 -14.01 25.92 12.24
N LYS E 81 -14.53 25.42 11.11
CA LYS E 81 -14.67 26.36 9.99
C LYS E 81 -15.91 27.21 10.04
N ASP E 82 -16.98 26.80 10.72
CA ASP E 82 -18.19 27.60 10.76
C ASP E 82 -18.43 28.23 12.12
N TYR E 83 -17.92 27.65 13.22
CA TYR E 83 -18.23 28.25 14.52
C TYR E 83 -17.09 28.96 15.16
N GLY E 84 -15.96 29.10 14.50
CA GLY E 84 -14.83 29.87 15.01
C GLY E 84 -14.08 29.16 16.12
N VAL E 85 -14.33 27.87 16.31
CA VAL E 85 -13.66 27.14 17.39
C VAL E 85 -12.17 27.07 17.22
N LYS E 86 -11.43 27.38 18.30
CA LYS E 86 -9.96 27.42 18.20
C LYS E 86 -9.30 26.23 18.86
N LYS E 87 -9.84 25.74 19.96
CA LYS E 87 -9.30 24.64 20.71
C LYS E 87 -10.38 23.61 21.04
N ILE E 88 -10.04 22.36 20.80
CA ILE E 88 -10.90 21.23 21.07
C ILE E 88 -10.15 20.26 22.00
N ILE E 89 -10.81 19.88 23.06
CA ILE E 89 -10.28 18.92 23.99
C ILE E 89 -11.24 17.72 24.00
N ARG E 90 -10.83 16.60 23.41
CA ARG E 90 -11.69 15.43 23.44
C ARG E 90 -11.52 14.72 24.78
N VAL E 91 -12.60 14.33 25.39
CA VAL E 91 -12.55 13.61 26.67
C VAL E 91 -13.30 12.29 26.54
N GLY E 92 -12.74 11.21 27.04
CA GLY E 92 -13.44 9.93 26.89
C GLY E 92 -12.78 8.84 27.70
N SER E 93 -13.25 7.62 27.46
CA SER E 93 -12.72 6.44 28.14
C SER E 93 -11.84 5.72 27.13
N CYS E 94 -10.89 4.93 27.58
CA CYS E 94 -10.08 4.18 26.62
C CYS E 94 -9.70 2.83 27.22
N GLY E 95 -9.25 1.95 26.35
CA GLY E 95 -8.79 0.62 26.83
C GLY E 95 -7.27 0.68 26.91
N ALA E 96 -6.65 0.01 27.87
CA ALA E 96 -5.20 0.00 27.95
C ALA E 96 -4.64 -1.33 27.49
N VAL E 97 -3.46 -1.31 26.88
CA VAL E 97 -2.84 -2.57 26.44
C VAL E 97 -1.58 -2.85 27.25
N ASN E 98 -1.03 -1.81 27.87
CA ASN E 98 0.25 -1.95 28.59
C ASN E 98 0.09 -2.33 30.05
N GLU E 99 1.03 -3.14 30.54
CA GLU E 99 1.00 -3.58 31.92
C GLU E 99 1.24 -2.45 32.91
N GLY E 100 2.00 -1.43 32.55
CA GLY E 100 2.27 -0.33 33.46
C GLY E 100 1.12 0.64 33.64
N ILE E 101 0.04 0.51 32.86
CA ILE E 101 -1.10 1.42 32.95
C ILE E 101 -2.30 0.70 33.54
N LYS E 102 -2.90 1.29 34.58
CA LYS E 102 -4.01 0.62 35.25
C LYS E 102 -5.35 1.27 34.94
N VAL E 103 -6.42 0.49 35.15
CA VAL E 103 -7.76 1.06 34.97
C VAL E 103 -7.88 2.25 35.92
N ARG E 104 -8.53 3.31 35.46
CA ARG E 104 -8.70 4.55 36.21
C ARG E 104 -7.54 5.52 36.06
N ASP E 105 -6.50 5.15 35.35
CA ASP E 105 -5.38 6.03 35.07
C ASP E 105 -5.88 7.06 34.03
N VAL E 106 -5.37 8.27 34.12
CA VAL E 106 -5.63 9.35 33.21
C VAL E 106 -4.46 9.45 32.22
N VAL E 107 -4.79 9.38 30.94
CA VAL E 107 -3.75 9.45 29.91
C VAL E 107 -4.02 10.64 28.98
N ILE E 108 -2.94 11.28 28.55
CA ILE E 108 -3.00 12.39 27.60
C ILE E 108 -2.34 11.91 26.30
N GLY E 109 -3.04 12.06 25.19
CA GLY E 109 -2.53 11.65 23.90
C GLY E 109 -1.72 12.74 23.22
N MET E 110 -0.40 12.75 23.45
CA MET E 110 0.45 13.73 22.77
C MET E 110 0.46 13.43 21.26
N GLY E 111 0.37 12.16 20.91
CA GLY E 111 0.29 11.69 19.53
C GLY E 111 -0.84 10.65 19.43
N ALA E 112 -1.24 10.31 18.21
CA ALA E 112 -2.27 9.28 18.05
C ALA E 112 -2.03 8.46 16.79
N CYS E 113 -1.76 7.19 17.00
CA CYS E 113 -1.58 6.21 15.95
C CYS E 113 -2.97 5.80 15.43
N THR E 114 -3.02 5.12 14.29
CA THR E 114 -4.34 4.71 13.78
C THR E 114 -4.19 3.65 12.72
N ASP E 115 -5.24 2.86 12.52
CA ASP E 115 -5.27 1.90 11.42
C ASP E 115 -6.21 2.46 10.34
N SER E 116 -6.59 3.71 10.51
CA SER E 116 -7.45 4.41 9.56
C SER E 116 -6.60 4.94 8.39
N LYS E 117 -7.24 5.33 7.31
CA LYS E 117 -6.59 5.85 6.12
C LYS E 117 -6.74 7.36 5.98
N VAL E 118 -7.52 8.01 6.82
CA VAL E 118 -7.77 9.43 6.68
C VAL E 118 -6.52 10.28 6.60
N ASN E 119 -5.50 10.06 7.40
CA ASN E 119 -4.32 10.95 7.27
C ASN E 119 -3.49 10.59 6.07
N ARG E 120 -3.56 9.35 5.59
CA ARG E 120 -2.85 9.01 4.36
C ARG E 120 -3.52 9.64 3.14
N ILE E 121 -4.84 9.83 3.22
CA ILE E 121 -5.55 10.50 2.10
C ILE E 121 -5.12 11.95 2.09
N ARG E 122 -4.96 12.56 3.27
CA ARG E 122 -4.50 13.94 3.34
C ARG E 122 -3.03 14.10 3.00
N PHE E 123 -2.22 13.08 3.27
CA PHE E 123 -0.77 13.30 3.19
C PHE E 123 -0.04 12.49 2.16
N LYS E 124 -0.63 12.33 0.99
CA LYS E 124 -0.03 11.63 -0.12
C LYS E 124 0.46 10.24 0.23
N ASP E 125 -0.29 9.50 1.03
CA ASP E 125 0.06 8.18 1.46
C ASP E 125 1.32 8.05 2.28
N HIS E 126 1.92 9.11 2.79
CA HIS E 126 3.07 9.02 3.69
C HIS E 126 2.62 9.01 5.15
N ASP E 127 3.53 8.86 6.10
CA ASP E 127 3.14 8.81 7.51
C ASP E 127 2.96 10.20 8.09
N PHE E 128 1.72 10.60 8.35
CA PHE E 128 1.48 11.89 9.03
C PHE E 128 1.46 11.63 10.55
N ALA E 129 2.30 12.28 11.33
CA ALA E 129 2.28 12.07 12.77
C ALA E 129 1.15 12.92 13.38
N ALA E 130 0.05 12.28 13.72
CA ALA E 130 -1.10 12.99 14.30
C ALA E 130 -0.75 13.32 15.74
N ILE E 131 -0.52 14.58 16.03
CA ILE E 131 -0.14 15.03 17.35
C ILE E 131 -1.02 16.17 17.84
N ALA E 132 -1.08 16.28 19.16
CA ALA E 132 -1.82 17.32 19.85
C ALA E 132 -1.05 18.65 19.82
N ASP E 133 -1.71 19.73 20.23
CA ASP E 133 -1.01 21.03 20.30
C ASP E 133 -0.17 20.96 21.59
N TYR E 134 1.11 21.25 21.52
CA TYR E 134 1.98 21.18 22.66
C TYR E 134 1.49 21.97 23.88
N LYS E 135 1.08 23.20 23.71
CA LYS E 135 0.64 24.05 24.81
C LYS E 135 -0.56 23.47 25.55
N MET E 136 -1.51 22.88 24.83
CA MET E 136 -2.66 22.22 25.42
C MET E 136 -2.19 21.01 26.24
N VAL E 137 -1.25 20.25 25.72
CA VAL E 137 -0.73 19.11 26.49
C VAL E 137 -0.11 19.62 27.82
N LYS E 138 0.73 20.61 27.72
CA LYS E 138 1.40 21.24 28.84
C LYS E 138 0.40 21.76 29.87
N ALA E 139 -0.62 22.48 29.41
CA ALA E 139 -1.66 22.98 30.33
C ALA E 139 -2.35 21.84 31.08
N ALA E 140 -2.74 20.80 30.34
CA ALA E 140 -3.45 19.66 30.92
C ALA E 140 -2.58 18.93 31.93
N GLU E 141 -1.32 18.71 31.56
CA GLU E 141 -0.37 18.09 32.48
C GLU E 141 -0.14 19.00 33.71
N GLU E 142 -0.12 20.31 33.56
CA GLU E 142 0.01 21.21 34.72
C GLU E 142 -1.25 21.16 35.59
N ALA E 143 -2.41 21.12 34.95
CA ALA E 143 -3.68 21.08 35.65
C ALA E 143 -3.77 19.85 36.54
N ALA E 144 -3.39 18.70 35.96
CA ALA E 144 -3.44 17.45 36.69
C ALA E 144 -2.44 17.50 37.87
N LYS E 145 -1.23 17.99 37.61
CA LYS E 145 -0.24 18.08 38.67
C LYS E 145 -0.76 18.92 39.84
N ALA E 146 -1.49 20.00 39.60
CA ALA E 146 -2.06 20.84 40.61
C ALA E 146 -3.20 20.19 41.39
N ARG E 147 -3.76 19.10 40.90
CA ARG E 147 -4.82 18.39 41.59
C ARG E 147 -4.33 17.06 42.15
N GLY E 148 -3.02 16.86 42.20
CA GLY E 148 -2.42 15.64 42.70
C GLY E 148 -2.71 14.42 41.83
N ILE E 149 -2.99 14.63 40.55
CA ILE E 149 -3.28 13.50 39.66
C ILE E 149 -2.10 13.20 38.75
N ASP E 150 -1.68 11.95 38.74
CA ASP E 150 -0.57 11.54 37.87
C ASP E 150 -1.11 11.19 36.49
N VAL E 151 -0.61 11.82 35.43
CA VAL E 151 -1.14 11.52 34.10
C VAL E 151 -0.05 10.86 33.26
N LYS E 152 -0.43 10.01 32.33
CA LYS E 152 0.54 9.39 31.44
C LYS E 152 0.45 10.10 30.08
N VAL E 153 1.56 10.66 29.64
CA VAL E 153 1.55 11.37 28.35
C VAL E 153 2.27 10.55 27.29
N GLY E 154 1.59 10.20 26.21
CA GLY E 154 2.25 9.38 25.17
C GLY E 154 1.32 9.21 23.98
N ASN E 155 1.34 8.01 23.41
CA ASN E 155 0.61 7.67 22.24
C ASN E 155 -0.71 6.96 22.48
N LEU E 156 -1.75 7.51 21.83
CA LEU E 156 -3.02 6.79 21.83
C LEU E 156 -3.03 5.98 20.51
N PHE E 157 -3.95 5.05 20.41
CA PHE E 157 -4.19 4.37 19.15
C PHE E 157 -5.69 4.50 18.83
N SER E 158 -6.00 5.08 17.69
CA SER E 158 -7.38 5.25 17.25
C SER E 158 -7.75 4.15 16.25
N ALA E 159 -8.52 3.20 16.71
CA ALA E 159 -8.98 2.07 15.95
C ALA E 159 -10.21 2.38 15.09
N GLU E 160 -10.27 1.80 13.89
CA GLU E 160 -11.45 1.93 13.03
C GLU E 160 -12.49 0.87 13.44
N LEU E 161 -12.05 -0.31 13.83
CA LEU E 161 -12.93 -1.39 14.19
C LEU E 161 -12.87 -1.72 15.67
N PHE E 162 -13.95 -1.41 16.38
CA PHE E 162 -14.03 -1.70 17.81
C PHE E 162 -13.97 -3.22 17.99
N TYR E 163 -14.74 -3.95 17.17
CA TYR E 163 -14.66 -5.43 17.19
C TYR E 163 -13.61 -5.83 16.16
N THR E 164 -12.34 -5.73 16.56
CA THR E 164 -11.24 -5.96 15.66
C THR E 164 -11.12 -7.37 15.16
N PRO E 165 -10.89 -7.50 13.86
CA PRO E 165 -10.62 -8.78 13.23
C PRO E 165 -9.17 -9.20 13.49
N ASP E 166 -8.36 -8.33 14.09
CA ASP E 166 -6.97 -8.69 14.38
C ASP E 166 -6.54 -8.30 15.78
N PRO E 167 -6.86 -9.13 16.78
CA PRO E 167 -6.52 -8.85 18.15
C PRO E 167 -5.04 -8.93 18.45
N SER E 168 -4.22 -9.52 17.57
CA SER E 168 -2.78 -9.55 17.81
C SER E 168 -2.14 -8.18 17.72
N MET E 169 -2.82 -7.17 17.17
CA MET E 169 -2.32 -5.81 17.08
C MET E 169 -2.14 -5.19 18.46
N PHE E 170 -2.88 -5.69 19.45
CA PHE E 170 -2.83 -5.17 20.82
C PHE E 170 -1.48 -5.46 21.43
N ASP E 171 -0.86 -6.58 21.05
CA ASP E 171 0.49 -6.87 21.54
C ASP E 171 1.51 -5.97 20.87
N VAL E 172 1.32 -5.63 19.60
CA VAL E 172 2.23 -4.69 18.92
C VAL E 172 2.12 -3.30 19.52
N MET E 173 0.90 -2.86 19.86
CA MET E 173 0.69 -1.54 20.43
C MET E 173 1.40 -1.42 21.79
N ASP E 174 1.24 -2.51 22.54
CA ASP E 174 1.84 -2.63 23.87
C ASP E 174 3.36 -2.55 23.74
N LYS E 175 3.87 -3.37 22.79
CA LYS E 175 5.31 -3.32 22.54
C LYS E 175 5.77 -1.92 22.21
N TYR E 176 5.01 -1.09 21.48
CA TYR E 176 5.51 0.24 21.16
C TYR E 176 5.11 1.34 22.09
N GLY E 177 4.57 1.03 23.26
CA GLY E 177 4.26 2.05 24.24
C GLY E 177 2.90 2.67 24.17
N ILE E 178 1.98 2.22 23.32
CA ILE E 178 0.65 2.85 23.29
C ILE E 178 0.10 2.96 24.70
N VAL E 179 -0.32 4.16 25.12
CA VAL E 179 -0.87 4.37 26.44
C VAL E 179 -2.35 4.08 26.52
N GLY E 180 -3.11 4.21 25.43
CA GLY E 180 -4.53 3.90 25.51
C GLY E 180 -5.12 3.70 24.11
N VAL E 181 -6.14 2.86 24.01
CA VAL E 181 -6.79 2.61 22.73
C VAL E 181 -8.21 3.17 22.74
N GLU E 182 -8.47 3.99 21.74
CA GLU E 182 -9.75 4.65 21.55
C GLU E 182 -10.04 4.71 20.07
N MET E 183 -10.91 5.61 19.60
CA MET E 183 -11.29 5.55 18.20
C MET E 183 -11.32 6.86 17.47
N GLU E 184 -10.96 8.00 18.08
CA GLU E 184 -11.11 9.23 17.30
C GLU E 184 -9.99 10.21 17.37
N ALA E 185 -9.00 10.06 18.26
CA ALA E 185 -7.94 11.05 18.40
C ALA E 185 -7.13 11.31 17.15
N ALA E 186 -6.84 10.29 16.33
CA ALA E 186 -6.02 10.52 15.12
C ALA E 186 -6.79 11.35 14.12
N GLY E 187 -8.11 11.22 14.09
CA GLY E 187 -8.95 12.01 13.18
C GLY E 187 -9.06 13.46 13.63
N ILE E 188 -9.19 13.68 14.93
CA ILE E 188 -9.28 15.04 15.48
C ILE E 188 -7.99 15.80 15.24
N TYR E 189 -6.87 15.15 15.50
CA TYR E 189 -5.56 15.75 15.28
C TYR E 189 -5.35 16.04 13.79
N GLY E 190 -5.84 15.15 12.92
CA GLY E 190 -5.65 15.36 11.48
C GLY E 190 -6.48 16.56 10.99
N VAL E 191 -7.68 16.71 11.53
CA VAL E 191 -8.56 17.84 11.21
C VAL E 191 -7.98 19.12 11.77
N ALA E 192 -7.44 19.05 13.00
CA ALA E 192 -6.83 20.25 13.60
C ALA E 192 -5.67 20.72 12.71
N ALA E 193 -4.88 19.80 12.22
CA ALA E 193 -3.76 20.19 11.33
C ALA E 193 -4.27 20.70 10.01
N GLU E 194 -5.28 20.08 9.40
CA GLU E 194 -5.81 20.54 8.12
C GLU E 194 -6.44 21.92 8.22
N TYR E 195 -7.15 22.25 9.30
CA TYR E 195 -7.80 23.56 9.40
C TYR E 195 -7.09 24.54 10.29
N GLY E 196 -5.86 24.28 10.68
CA GLY E 196 -5.09 25.19 11.50
C GLY E 196 -5.68 25.46 12.87
N ALA E 197 -6.22 24.45 13.53
CA ALA E 197 -6.73 24.60 14.90
C ALA E 197 -5.84 23.81 15.87
N LYS E 198 -6.21 23.82 17.13
CA LYS E 198 -5.49 23.11 18.18
C LYS E 198 -6.39 22.09 18.87
N ALA E 199 -5.81 20.93 19.16
CA ALA E 199 -6.59 19.90 19.82
C ALA E 199 -5.78 19.05 20.77
N LEU E 200 -6.52 18.43 21.67
CA LEU E 200 -5.97 17.55 22.67
C LEU E 200 -6.98 16.46 23.04
N ALA E 201 -6.50 15.26 23.25
CA ALA E 201 -7.29 14.15 23.70
C ALA E 201 -6.83 13.68 25.09
N ILE E 202 -7.79 13.68 26.02
CA ILE E 202 -7.53 13.22 27.37
C ILE E 202 -8.47 12.02 27.59
N CYS E 203 -8.02 10.96 28.21
CA CYS E 203 -8.87 9.80 28.42
C CYS E 203 -8.62 9.18 29.80
N THR E 204 -9.64 8.43 30.21
CA THR E 204 -9.54 7.68 31.49
C THR E 204 -9.60 6.21 31.14
N VAL E 205 -8.65 5.43 31.62
CA VAL E 205 -8.63 3.99 31.31
C VAL E 205 -9.81 3.29 31.97
N SER E 206 -10.79 2.87 31.17
CA SER E 206 -11.97 2.22 31.73
C SER E 206 -11.85 0.70 31.68
N ASP E 207 -10.94 0.19 30.87
CA ASP E 207 -10.76 -1.26 30.75
C ASP E 207 -9.34 -1.63 30.36
N HIS E 208 -8.88 -2.77 30.87
CA HIS E 208 -7.57 -3.27 30.52
C HIS E 208 -7.75 -4.41 29.51
N ILE E 209 -7.44 -4.14 28.27
CA ILE E 209 -7.58 -5.07 27.17
C ILE E 209 -6.73 -6.31 27.33
N LYS E 210 -5.57 -6.18 27.96
CA LYS E 210 -4.68 -7.33 28.12
C LYS E 210 -5.01 -8.13 29.36
N THR E 211 -5.03 -7.49 30.52
CA THR E 211 -5.28 -8.20 31.78
C THR E 211 -6.75 -8.49 32.00
N GLY E 212 -7.65 -7.81 31.29
CA GLY E 212 -9.07 -8.02 31.44
C GLY E 212 -9.70 -7.17 32.55
N GLU E 213 -8.89 -6.53 33.36
CA GLU E 213 -9.32 -5.67 34.45
C GLU E 213 -10.54 -4.83 34.08
N GLU E 219 -16.20 4.24 41.14
CA GLU E 219 -14.81 4.43 40.78
C GLU E 219 -14.62 5.06 39.41
N ARG E 220 -15.33 4.55 38.41
CA ARG E 220 -15.25 5.07 37.05
C ARG E 220 -15.81 6.49 36.98
N GLN E 221 -16.98 6.68 37.61
CA GLN E 221 -17.58 8.02 37.62
C GLN E 221 -16.60 8.99 38.29
N ASN E 222 -16.08 8.61 39.44
CA ASN E 222 -15.12 9.41 40.18
C ASN E 222 -13.91 9.79 39.34
N THR E 223 -13.34 8.80 38.64
CA THR E 223 -12.17 9.09 37.81
C THR E 223 -12.54 9.90 36.59
N PHE E 224 -13.77 9.74 36.10
CA PHE E 224 -14.29 10.52 34.98
C PHE E 224 -14.39 12.00 35.38
N ASN E 225 -14.87 12.25 36.59
CA ASN E 225 -14.96 13.60 37.11
C ASN E 225 -13.58 14.24 37.23
N GLU E 226 -12.57 13.44 37.57
CA GLU E 226 -11.19 13.86 37.66
C GLU E 226 -10.69 14.35 36.30
N MET E 227 -10.95 13.58 35.26
CA MET E 227 -10.61 13.93 33.89
C MET E 227 -11.33 15.20 33.44
N ILE E 228 -12.56 15.43 33.85
CA ILE E 228 -13.29 16.63 33.40
C ILE E 228 -12.68 17.87 34.02
N GLU E 229 -12.36 17.80 35.30
CA GLU E 229 -11.78 18.92 36.03
C GLU E 229 -10.42 19.31 35.50
N ILE E 230 -9.61 18.28 35.15
CA ILE E 230 -8.30 18.57 34.57
C ILE E 230 -8.48 19.34 33.26
N ALA E 231 -9.39 18.85 32.41
CA ALA E 231 -9.64 19.50 31.14
C ALA E 231 -10.07 20.94 31.33
N LEU E 232 -11.04 21.18 32.21
CA LEU E 232 -11.53 22.53 32.44
C LEU E 232 -10.48 23.42 33.08
N ASP E 233 -9.68 22.91 34.02
CA ASP E 233 -8.60 23.73 34.59
C ASP E 233 -7.53 23.98 33.52
N SER E 234 -7.35 23.06 32.56
CA SER E 234 -6.31 23.30 31.53
C SER E 234 -6.68 24.47 30.65
N VAL E 235 -7.99 24.66 30.41
CA VAL E 235 -8.45 25.80 29.63
C VAL E 235 -8.04 27.11 30.30
N LEU E 236 -8.19 27.23 31.62
CA LEU E 236 -7.81 28.47 32.30
C LEU E 236 -6.30 28.63 32.34
N ILE E 237 -5.57 27.55 32.60
CA ILE E 237 -4.11 27.66 32.56
C ILE E 237 -3.68 28.02 31.15
N GLY E 238 -4.34 27.44 30.14
CA GLY E 238 -4.03 27.75 28.76
C GLY E 238 -4.33 29.18 28.35
N ASP E 239 -5.24 29.88 29.04
CA ASP E 239 -5.54 31.27 28.69
C ASP E 239 -4.46 32.24 29.14
N GLN E 240 -3.64 31.91 30.12
CA GLN E 240 -2.60 32.81 30.61
C GLN E 240 -1.36 32.84 29.74
N ALA F 4 -10.71 -4.86 -37.25
CA ALA F 4 -9.29 -5.04 -37.55
C ALA F 4 -8.43 -4.51 -36.41
N THR F 5 -8.52 -5.19 -35.27
CA THR F 5 -7.75 -4.82 -34.08
C THR F 5 -6.56 -5.76 -33.93
N PRO F 6 -5.58 -5.43 -33.11
CA PRO F 6 -4.40 -6.25 -32.93
C PRO F 6 -4.67 -7.66 -32.47
N HIS F 7 -5.58 -7.90 -31.54
CA HIS F 7 -5.84 -9.24 -31.06
C HIS F 7 -7.07 -9.90 -31.67
N ILE F 8 -7.92 -9.17 -32.36
CA ILE F 8 -9.13 -9.74 -32.94
C ILE F 8 -9.17 -9.47 -34.44
N ASN F 9 -9.11 -10.52 -35.26
CA ASN F 9 -9.14 -10.34 -36.72
C ASN F 9 -10.54 -10.42 -37.29
N ALA F 10 -11.40 -9.47 -36.91
CA ALA F 10 -12.77 -9.45 -37.45
C ALA F 10 -13.07 -8.02 -37.90
N GLN F 11 -14.24 -7.81 -38.45
CA GLN F 11 -14.66 -6.47 -38.87
C GLN F 11 -15.88 -6.06 -38.03
N MET F 12 -16.10 -4.76 -37.91
CA MET F 12 -17.26 -4.27 -37.17
C MET F 12 -18.52 -4.93 -37.73
N GLY F 13 -19.38 -5.42 -36.86
CA GLY F 13 -20.60 -6.09 -37.26
C GLY F 13 -20.48 -7.60 -37.22
N ASP F 14 -19.26 -8.14 -37.08
CA ASP F 14 -19.10 -9.59 -37.02
C ASP F 14 -19.59 -10.16 -35.70
N PHE F 15 -19.53 -9.35 -34.65
CA PHE F 15 -19.98 -9.80 -33.33
C PHE F 15 -21.38 -9.28 -33.05
N ALA F 16 -22.14 -10.05 -32.29
CA ALA F 16 -23.45 -9.54 -31.83
C ALA F 16 -23.19 -8.52 -30.72
N ASP F 17 -24.21 -7.85 -30.23
CA ASP F 17 -24.04 -6.89 -29.13
C ASP F 17 -23.87 -7.58 -27.77
N VAL F 18 -24.10 -8.88 -27.70
CA VAL F 18 -23.91 -9.67 -26.49
C VAL F 18 -22.98 -10.84 -26.83
N VAL F 19 -21.98 -11.07 -26.00
CA VAL F 19 -20.97 -12.08 -26.23
C VAL F 19 -20.79 -12.99 -25.01
N LEU F 20 -20.87 -14.30 -25.20
CA LEU F 20 -20.61 -15.28 -24.15
C LEU F 20 -19.10 -15.57 -24.22
N MET F 21 -18.44 -15.70 -23.08
CA MET F 21 -17.02 -15.89 -23.06
C MET F 21 -16.48 -16.90 -22.09
N PRO F 22 -16.10 -18.07 -22.57
CA PRO F 22 -15.41 -19.07 -21.75
C PRO F 22 -13.90 -18.76 -21.82
N GLY F 23 -13.05 -19.30 -20.96
CA GLY F 23 -11.62 -18.99 -21.08
C GLY F 23 -11.01 -19.72 -22.29
N ASP F 24 -11.35 -20.99 -22.43
CA ASP F 24 -10.84 -21.86 -23.47
C ASP F 24 -11.57 -21.66 -24.79
N PRO F 25 -10.82 -21.41 -25.84
CA PRO F 25 -11.35 -21.19 -27.18
C PRO F 25 -12.03 -22.41 -27.76
N LEU F 26 -11.66 -23.59 -27.27
CA LEU F 26 -12.30 -24.84 -27.73
C LEU F 26 -13.68 -24.95 -27.12
N ARG F 27 -13.86 -24.36 -25.91
CA ARG F 27 -15.21 -24.35 -25.33
C ARG F 27 -16.09 -23.38 -26.10
N ALA F 28 -15.48 -22.33 -26.67
CA ALA F 28 -16.26 -21.40 -27.49
C ALA F 28 -16.76 -22.13 -28.75
N LYS F 29 -15.90 -22.98 -29.28
CA LYS F 29 -16.20 -23.77 -30.48
C LYS F 29 -17.34 -24.73 -30.17
N TYR F 30 -17.24 -25.38 -29.03
CA TYR F 30 -18.23 -26.33 -28.55
C TYR F 30 -19.59 -25.69 -28.36
N ILE F 31 -19.62 -24.51 -27.74
CA ILE F 31 -20.85 -23.78 -27.53
C ILE F 31 -21.46 -23.33 -28.86
N ALA F 32 -20.67 -22.69 -29.71
CA ALA F 32 -21.15 -22.24 -31.01
C ALA F 32 -21.71 -23.39 -31.86
N GLU F 33 -21.10 -24.55 -31.78
CA GLU F 33 -21.54 -25.70 -32.57
C GLU F 33 -22.78 -26.34 -32.00
N ASN F 34 -22.82 -26.53 -30.68
CA ASN F 34 -23.89 -27.21 -30.02
C ASN F 34 -25.06 -26.38 -29.55
N PHE F 35 -24.92 -25.08 -29.33
CA PHE F 35 -26.02 -24.29 -28.80
C PHE F 35 -26.50 -23.19 -29.73
N LEU F 36 -25.69 -22.79 -30.70
CA LEU F 36 -26.11 -21.71 -31.58
C LEU F 36 -26.51 -22.31 -32.93
N ASP F 37 -27.30 -21.56 -33.69
CA ASP F 37 -27.70 -22.00 -35.01
C ASP F 37 -26.90 -21.20 -36.04
N ASN F 38 -26.42 -21.89 -37.06
CA ASN F 38 -25.67 -21.24 -38.12
C ASN F 38 -24.49 -20.43 -37.61
N ALA F 39 -23.71 -21.02 -36.71
CA ALA F 39 -22.55 -20.29 -36.16
C ALA F 39 -21.43 -20.24 -37.21
N VAL F 40 -20.90 -19.07 -37.43
CA VAL F 40 -19.76 -18.88 -38.35
C VAL F 40 -18.58 -18.38 -37.53
N GLN F 41 -17.37 -18.86 -37.79
CA GLN F 41 -16.20 -18.39 -37.04
C GLN F 41 -15.82 -17.01 -37.56
N VAL F 42 -15.60 -16.05 -36.65
CA VAL F 42 -15.30 -14.69 -37.03
C VAL F 42 -13.92 -14.20 -36.66
N CYS F 43 -13.11 -14.98 -35.96
CA CYS F 43 -11.75 -14.53 -35.64
C CYS F 43 -10.93 -15.69 -35.10
N ASP F 44 -9.61 -15.61 -35.24
CA ASP F 44 -8.78 -16.73 -34.80
C ASP F 44 -7.35 -16.32 -34.49
N VAL F 45 -7.16 -15.03 -34.29
CA VAL F 45 -5.84 -14.51 -33.91
C VAL F 45 -5.39 -15.24 -32.63
N ARG F 46 -4.18 -15.77 -32.65
CA ARG F 46 -3.58 -16.50 -31.54
C ARG F 46 -4.37 -17.72 -31.17
N ASN F 47 -5.12 -18.30 -32.13
CA ASN F 47 -5.94 -19.46 -31.82
C ASN F 47 -7.06 -19.13 -30.85
N MET F 48 -7.42 -17.85 -30.72
CA MET F 48 -8.52 -17.47 -29.80
C MET F 48 -9.79 -17.32 -30.65
N PHE F 49 -10.53 -18.42 -30.71
CA PHE F 49 -11.71 -18.54 -31.53
C PHE F 49 -12.92 -17.75 -31.03
N GLY F 50 -13.50 -17.05 -31.98
CA GLY F 50 -14.70 -16.27 -31.81
C GLY F 50 -15.70 -16.65 -32.90
N TYR F 51 -16.96 -16.84 -32.52
CA TYR F 51 -18.00 -17.22 -33.46
C TYR F 51 -19.25 -16.34 -33.27
N THR F 52 -20.08 -16.31 -34.29
CA THR F 52 -21.35 -15.60 -34.25
C THR F 52 -22.43 -16.50 -34.84
N GLY F 53 -23.45 -16.75 -34.07
CA GLY F 53 -24.57 -17.61 -34.41
C GLY F 53 -25.87 -16.98 -33.90
N THR F 54 -26.91 -17.79 -33.87
CA THR F 54 -28.23 -17.29 -33.50
C THR F 54 -28.88 -18.20 -32.47
N TYR F 55 -29.56 -17.61 -31.51
CA TYR F 55 -30.28 -18.36 -30.48
C TYR F 55 -31.74 -17.90 -30.48
N LYS F 56 -32.61 -18.80 -30.93
CA LYS F 56 -34.03 -18.54 -31.06
C LYS F 56 -34.24 -17.29 -31.91
N GLY F 57 -33.44 -17.16 -32.97
CA GLY F 57 -33.49 -16.03 -33.86
C GLY F 57 -32.74 -14.82 -33.35
N ARG F 58 -32.22 -14.87 -32.12
CA ARG F 58 -31.48 -13.73 -31.60
C ARG F 58 -29.99 -13.89 -31.82
N ARG F 59 -29.40 -12.88 -32.44
CA ARG F 59 -27.98 -12.88 -32.79
C ARG F 59 -27.10 -12.91 -31.54
N ILE F 60 -26.25 -13.89 -31.37
CA ILE F 60 -25.37 -14.04 -30.21
C ILE F 60 -23.95 -14.47 -30.58
N SER F 61 -22.93 -13.90 -29.94
CA SER F 61 -21.56 -14.30 -30.21
C SER F 61 -20.95 -15.03 -29.01
N VAL F 62 -19.94 -15.82 -29.28
CA VAL F 62 -19.21 -16.61 -28.28
C VAL F 62 -17.73 -16.53 -28.64
N MET F 63 -16.89 -16.27 -27.66
CA MET F 63 -15.46 -16.05 -27.91
C MET F 63 -14.62 -16.36 -26.69
N GLY F 64 -13.48 -17.00 -26.86
CA GLY F 64 -12.60 -17.31 -25.72
C GLY F 64 -11.88 -16.05 -25.26
N HIS F 65 -11.46 -16.01 -23.99
CA HIS F 65 -10.75 -14.83 -23.48
C HIS F 65 -9.43 -15.19 -22.85
N GLY F 66 -8.94 -16.41 -23.04
CA GLY F 66 -7.65 -16.80 -22.45
C GLY F 66 -7.76 -16.83 -20.93
N MET F 67 -6.66 -17.09 -20.22
CA MET F 67 -6.71 -17.13 -18.77
C MET F 67 -6.14 -15.89 -18.09
N GLY F 68 -6.75 -15.50 -16.95
CA GLY F 68 -6.23 -14.38 -16.18
C GLY F 68 -6.74 -13.03 -16.62
N ILE F 69 -6.73 -12.10 -15.66
CA ILE F 69 -7.22 -10.75 -15.87
C ILE F 69 -6.67 -10.04 -17.05
N PRO F 70 -5.34 -9.96 -17.22
CA PRO F 70 -4.73 -9.24 -18.31
C PRO F 70 -5.15 -9.69 -19.70
N SER F 71 -5.22 -11.00 -19.91
CA SER F 71 -5.63 -11.57 -21.20
C SER F 71 -7.10 -11.22 -21.43
N CYS F 72 -7.89 -11.53 -20.42
CA CYS F 72 -9.31 -11.23 -20.38
C CYS F 72 -9.59 -9.77 -20.74
N SER F 73 -8.94 -8.83 -20.06
CA SER F 73 -9.14 -7.41 -20.25
C SER F 73 -8.93 -6.96 -21.70
N ILE F 74 -7.88 -7.49 -22.31
CA ILE F 74 -7.53 -7.15 -23.69
C ILE F 74 -8.69 -7.49 -24.63
N TYR F 75 -9.23 -8.71 -24.49
CA TYR F 75 -10.31 -9.11 -25.40
C TYR F 75 -11.61 -8.40 -25.11
N VAL F 76 -12.02 -8.33 -23.83
CA VAL F 76 -13.28 -7.63 -23.58
C VAL F 76 -13.15 -6.16 -23.97
N THR F 77 -12.00 -5.54 -23.67
CA THR F 77 -11.81 -4.14 -24.02
C THR F 77 -11.94 -3.94 -25.53
N GLU F 78 -11.30 -4.83 -26.31
CA GLU F 78 -11.45 -4.72 -27.76
C GLU F 78 -12.86 -4.98 -28.23
N LEU F 79 -13.59 -5.94 -27.65
CA LEU F 79 -14.98 -6.16 -28.10
C LEU F 79 -15.84 -4.94 -27.87
N ILE F 80 -15.63 -4.28 -26.73
CA ILE F 80 -16.42 -3.11 -26.39
C ILE F 80 -16.03 -1.91 -27.22
N LYS F 81 -14.74 -1.53 -27.24
CA LYS F 81 -14.40 -0.30 -27.94
C LYS F 81 -14.28 -0.43 -29.44
N ASP F 82 -14.01 -1.61 -29.99
CA ASP F 82 -13.84 -1.66 -31.46
C ASP F 82 -15.00 -2.32 -32.14
N TYR F 83 -15.75 -3.18 -31.44
CA TYR F 83 -16.84 -3.92 -32.05
C TYR F 83 -18.24 -3.66 -31.52
N GLY F 84 -18.45 -2.64 -30.71
CA GLY F 84 -19.74 -2.28 -30.20
C GLY F 84 -20.41 -3.20 -29.22
N VAL F 85 -19.73 -4.16 -28.63
CA VAL F 85 -20.41 -5.06 -27.67
C VAL F 85 -20.90 -4.28 -26.46
N LYS F 86 -22.13 -4.55 -26.04
CA LYS F 86 -22.77 -3.89 -24.92
C LYS F 86 -22.85 -4.77 -23.68
N LYS F 87 -23.00 -6.08 -23.87
CA LYS F 87 -23.09 -7.01 -22.76
C LYS F 87 -22.16 -8.20 -23.02
N ILE F 88 -21.51 -8.63 -21.97
CA ILE F 88 -20.61 -9.73 -21.90
C ILE F 88 -20.98 -10.65 -20.73
N ILE F 89 -21.07 -11.92 -21.02
CA ILE F 89 -21.32 -12.95 -20.04
C ILE F 89 -20.15 -13.94 -20.08
N ARG F 90 -19.39 -13.97 -18.99
CA ARG F 90 -18.30 -14.93 -18.88
C ARG F 90 -18.90 -16.22 -18.29
N VAL F 91 -18.64 -17.32 -18.95
CA VAL F 91 -19.12 -18.64 -18.50
C VAL F 91 -17.92 -19.52 -18.24
N GLY F 92 -17.72 -19.99 -17.01
CA GLY F 92 -16.52 -20.79 -16.76
C GLY F 92 -16.72 -21.78 -15.62
N SER F 93 -15.62 -22.29 -15.15
CA SER F 93 -15.44 -23.20 -14.08
C SER F 93 -14.79 -22.45 -12.90
N CYS F 94 -15.16 -22.78 -11.68
CA CYS F 94 -14.54 -22.16 -10.53
C CYS F 94 -14.31 -23.21 -9.44
N GLY F 95 -13.50 -22.87 -8.46
CA GLY F 95 -13.27 -23.80 -7.34
C GLY F 95 -14.06 -23.27 -6.14
N ALA F 96 -14.61 -24.14 -5.32
CA ALA F 96 -15.36 -23.65 -4.15
C ALA F 96 -14.49 -23.69 -2.90
N VAL F 97 -14.72 -22.77 -1.99
CA VAL F 97 -13.97 -22.70 -0.74
C VAL F 97 -14.88 -22.79 0.47
N ASN F 98 -16.17 -22.61 0.25
CA ASN F 98 -17.17 -22.64 1.32
C ASN F 98 -17.88 -23.97 1.40
N GLU F 99 -18.20 -24.43 2.62
CA GLU F 99 -18.88 -25.72 2.76
C GLU F 99 -20.35 -25.64 2.35
N GLY F 100 -20.90 -24.43 2.32
CA GLY F 100 -22.26 -24.19 1.86
C GLY F 100 -22.40 -24.30 0.35
N ILE F 101 -21.33 -24.51 -0.38
CA ILE F 101 -21.36 -24.67 -1.84
C ILE F 101 -20.79 -26.02 -2.20
N LYS F 102 -21.49 -26.76 -3.06
CA LYS F 102 -21.09 -28.10 -3.44
C LYS F 102 -20.62 -28.16 -4.89
N VAL F 103 -19.81 -29.18 -5.18
CA VAL F 103 -19.37 -29.33 -6.58
C VAL F 103 -20.62 -29.45 -7.42
N ARG F 104 -20.62 -28.98 -8.65
CA ARG F 104 -21.74 -29.01 -9.55
C ARG F 104 -22.73 -27.87 -9.32
N ASP F 105 -22.46 -27.00 -8.35
CA ASP F 105 -23.32 -25.85 -8.11
C ASP F 105 -23.10 -24.80 -9.19
N VAL F 106 -24.14 -24.01 -9.45
CA VAL F 106 -24.02 -22.92 -10.40
C VAL F 106 -23.94 -21.61 -9.60
N VAL F 107 -22.82 -20.89 -9.76
CA VAL F 107 -22.67 -19.66 -8.99
C VAL F 107 -22.66 -18.43 -9.87
N ILE F 108 -23.30 -17.35 -9.42
CA ILE F 108 -23.27 -16.10 -10.16
C ILE F 108 -22.48 -15.07 -9.33
N GLY F 109 -21.53 -14.40 -9.98
CA GLY F 109 -20.69 -13.42 -9.31
C GLY F 109 -21.33 -12.04 -9.33
N MET F 110 -22.08 -11.71 -8.27
CA MET F 110 -22.71 -10.37 -8.26
C MET F 110 -21.56 -9.37 -8.06
N GLY F 111 -20.56 -9.84 -7.32
CA GLY F 111 -19.35 -9.05 -7.09
C GLY F 111 -18.12 -9.96 -7.34
N ALA F 112 -16.97 -9.32 -7.46
CA ALA F 112 -15.73 -10.08 -7.66
C ALA F 112 -14.59 -9.46 -6.87
N CYS F 113 -14.14 -10.19 -5.84
CA CYS F 113 -12.97 -9.79 -5.07
C CYS F 113 -11.74 -10.19 -5.89
N THR F 114 -10.57 -9.67 -5.53
CA THR F 114 -9.36 -10.01 -6.29
C THR F 114 -8.13 -9.61 -5.49
N ASP F 115 -7.01 -10.22 -5.86
CA ASP F 115 -5.73 -9.87 -5.26
C ASP F 115 -4.88 -9.13 -6.29
N SER F 116 -5.52 -8.71 -7.38
CA SER F 116 -4.87 -7.97 -8.45
C SER F 116 -4.87 -6.47 -8.14
N LYS F 117 -4.09 -5.69 -8.88
CA LYS F 117 -4.01 -4.25 -8.65
C LYS F 117 -4.68 -3.48 -9.77
N VAL F 118 -5.34 -4.15 -10.71
CA VAL F 118 -5.93 -3.43 -11.84
C VAL F 118 -7.02 -2.46 -11.44
N ASN F 119 -7.87 -2.78 -10.49
CA ASN F 119 -8.91 -1.81 -10.08
C ASN F 119 -8.37 -0.72 -9.20
N ARG F 120 -7.30 -0.98 -8.44
CA ARG F 120 -6.63 0.06 -7.68
C ARG F 120 -5.93 1.04 -8.61
N ILE F 121 -5.39 0.52 -9.72
CA ILE F 121 -4.77 1.47 -10.68
C ILE F 121 -5.83 2.36 -11.29
N ARG F 122 -7.03 1.85 -11.55
CA ARG F 122 -8.09 2.62 -12.11
C ARG F 122 -8.79 3.54 -11.11
N PHE F 123 -8.77 3.17 -9.84
CA PHE F 123 -9.60 3.93 -8.87
C PHE F 123 -8.81 4.66 -7.82
N LYS F 124 -7.68 5.25 -8.17
CA LYS F 124 -6.83 6.00 -7.27
C LYS F 124 -6.41 5.26 -6.04
N ASP F 125 -6.18 3.96 -6.09
CA ASP F 125 -5.76 3.15 -4.98
C ASP F 125 -6.79 2.94 -3.89
N HIS F 126 -8.04 3.30 -4.14
CA HIS F 126 -9.11 3.03 -3.18
C HIS F 126 -9.75 1.69 -3.57
N ASP F 127 -10.73 1.28 -2.77
CA ASP F 127 -11.40 0.00 -2.95
C ASP F 127 -12.56 0.10 -3.95
N PHE F 128 -12.38 -0.44 -5.13
CA PHE F 128 -13.47 -0.45 -6.11
C PHE F 128 -14.25 -1.76 -5.95
N ALA F 129 -15.55 -1.67 -5.70
CA ALA F 129 -16.33 -2.92 -5.63
C ALA F 129 -16.61 -3.36 -7.07
N ALA F 130 -15.86 -4.35 -7.53
CA ALA F 130 -16.06 -4.86 -8.91
C ALA F 130 -17.36 -5.64 -8.96
N ILE F 131 -18.40 -5.06 -9.56
CA ILE F 131 -19.71 -5.66 -9.61
C ILE F 131 -20.28 -5.86 -11.01
N ALA F 132 -21.12 -6.89 -11.10
CA ALA F 132 -21.84 -7.23 -12.31
C ALA F 132 -22.98 -6.22 -12.54
N ASP F 133 -23.60 -6.28 -13.69
CA ASP F 133 -24.78 -5.49 -14.01
C ASP F 133 -25.98 -6.15 -13.32
N TYR F 134 -26.71 -5.40 -12.50
CA TYR F 134 -27.82 -5.99 -11.74
C TYR F 134 -28.86 -6.67 -12.62
N LYS F 135 -29.35 -6.02 -13.65
CA LYS F 135 -30.35 -6.63 -14.55
C LYS F 135 -29.84 -7.90 -15.21
N MET F 136 -28.56 -8.07 -15.51
CA MET F 136 -28.03 -9.34 -16.03
C MET F 136 -28.00 -10.41 -14.95
N VAL F 137 -27.65 -10.02 -13.71
CA VAL F 137 -27.70 -10.98 -12.61
C VAL F 137 -29.13 -11.54 -12.49
N LYS F 138 -30.09 -10.61 -12.48
CA LYS F 138 -31.50 -10.94 -12.31
C LYS F 138 -32.00 -11.80 -13.48
N ALA F 139 -31.65 -11.44 -14.71
CA ALA F 139 -32.06 -12.31 -15.85
C ALA F 139 -31.47 -13.70 -15.70
N ALA F 140 -30.18 -13.82 -15.32
CA ALA F 140 -29.61 -15.15 -15.15
C ALA F 140 -30.23 -15.89 -13.98
N GLU F 141 -30.51 -15.18 -12.88
CA GLU F 141 -31.13 -15.84 -11.74
C GLU F 141 -32.53 -16.34 -12.05
N GLU F 142 -33.32 -15.58 -12.78
CA GLU F 142 -34.69 -16.00 -13.13
C GLU F 142 -34.61 -17.16 -14.14
N ALA F 143 -33.71 -17.07 -15.10
CA ALA F 143 -33.55 -18.14 -16.08
C ALA F 143 -33.20 -19.46 -15.43
N ALA F 144 -32.37 -19.44 -14.37
CA ALA F 144 -32.03 -20.70 -13.71
C ALA F 144 -33.21 -21.20 -12.88
N LYS F 145 -33.96 -20.26 -12.30
CA LYS F 145 -35.12 -20.63 -11.49
C LYS F 145 -36.15 -21.31 -12.39
N ALA F 146 -36.38 -20.75 -13.56
CA ALA F 146 -37.30 -21.26 -14.56
C ALA F 146 -36.93 -22.65 -15.05
N ARG F 147 -35.68 -23.04 -14.93
CA ARG F 147 -35.17 -24.33 -15.33
C ARG F 147 -35.01 -25.25 -14.14
N GLY F 148 -35.46 -24.79 -12.97
CA GLY F 148 -35.35 -25.56 -11.74
C GLY F 148 -33.94 -25.57 -11.17
N ILE F 149 -33.02 -24.77 -11.71
CA ILE F 149 -31.67 -24.71 -11.19
C ILE F 149 -31.55 -23.64 -10.11
N ASP F 150 -31.02 -24.05 -8.97
CA ASP F 150 -30.85 -23.12 -7.85
C ASP F 150 -29.44 -22.54 -7.85
N VAL F 151 -29.33 -21.24 -8.07
CA VAL F 151 -28.02 -20.60 -8.16
C VAL F 151 -27.59 -19.92 -6.88
N LYS F 152 -26.27 -19.90 -6.65
CA LYS F 152 -25.71 -19.19 -5.50
C LYS F 152 -25.20 -17.84 -6.00
N VAL F 153 -25.86 -16.78 -5.54
CA VAL F 153 -25.46 -15.44 -5.95
C VAL F 153 -24.55 -14.80 -4.92
N GLY F 154 -23.33 -14.44 -5.33
CA GLY F 154 -22.46 -13.82 -4.32
C GLY F 154 -21.17 -13.27 -4.89
N ASN F 155 -20.12 -13.33 -4.09
CA ASN F 155 -18.81 -12.85 -4.40
C ASN F 155 -17.88 -13.91 -4.97
N LEU F 156 -17.34 -13.66 -6.14
CA LEU F 156 -16.31 -14.55 -6.69
C LEU F 156 -14.96 -13.98 -6.20
N PHE F 157 -13.92 -14.76 -6.26
CA PHE F 157 -12.57 -14.27 -6.01
C PHE F 157 -11.69 -14.57 -7.23
N SER F 158 -11.18 -13.52 -7.84
CA SER F 158 -10.33 -13.60 -9.02
C SER F 158 -8.86 -13.55 -8.58
N ALA F 159 -8.22 -14.69 -8.64
CA ALA F 159 -6.84 -14.87 -8.23
C ALA F 159 -5.88 -14.53 -9.35
N GLU F 160 -4.74 -13.98 -9.02
CA GLU F 160 -3.71 -13.70 -10.04
C GLU F 160 -2.84 -14.93 -10.21
N LEU F 161 -2.61 -15.66 -9.12
CA LEU F 161 -1.78 -16.85 -9.19
C LEU F 161 -2.58 -18.11 -8.92
N PHE F 162 -2.73 -18.92 -9.97
CA PHE F 162 -3.42 -20.20 -9.90
C PHE F 162 -2.74 -21.09 -8.85
N TYR F 163 -1.41 -21.12 -8.94
CA TYR F 163 -0.59 -21.86 -7.98
C TYR F 163 -0.16 -20.87 -6.89
N THR F 164 -1.09 -20.57 -5.99
CA THR F 164 -0.87 -19.58 -4.97
C THR F 164 0.26 -19.91 -4.02
N PRO F 165 1.05 -18.89 -3.69
CA PRO F 165 2.10 -19.03 -2.68
C PRO F 165 1.51 -18.87 -1.28
N ASP F 166 0.26 -18.43 -1.18
CA ASP F 166 -0.40 -18.24 0.12
C ASP F 166 -1.76 -18.92 0.16
N PRO F 167 -1.79 -20.23 0.46
CA PRO F 167 -3.01 -20.98 0.53
C PRO F 167 -3.87 -20.66 1.73
N SER F 168 -3.36 -19.98 2.76
CA SER F 168 -4.17 -19.60 3.91
C SER F 168 -5.20 -18.54 3.52
N MET F 169 -5.02 -17.91 2.36
CA MET F 169 -6.02 -16.97 1.87
C MET F 169 -7.33 -17.68 1.58
N PHE F 170 -7.32 -18.99 1.29
CA PHE F 170 -8.59 -19.67 1.00
C PHE F 170 -9.48 -19.74 2.22
N ASP F 171 -8.90 -19.78 3.43
CA ASP F 171 -9.68 -19.84 4.65
C ASP F 171 -10.32 -18.48 4.95
N VAL F 172 -9.71 -17.41 4.46
CA VAL F 172 -10.23 -16.07 4.55
C VAL F 172 -11.42 -15.87 3.61
N MET F 173 -11.33 -16.39 2.39
CA MET F 173 -12.41 -16.28 1.41
C MET F 173 -13.67 -17.02 1.92
N ASP F 174 -13.42 -18.17 2.52
CA ASP F 174 -14.46 -18.99 3.12
C ASP F 174 -15.20 -18.21 4.21
N LYS F 175 -14.46 -17.65 5.16
CA LYS F 175 -15.06 -16.86 6.24
C LYS F 175 -15.88 -15.71 5.71
N TYR F 176 -15.51 -15.06 4.61
CA TYR F 176 -16.24 -13.95 4.07
C TYR F 176 -17.27 -14.29 3.03
N GLY F 177 -17.57 -15.55 2.86
CA GLY F 177 -18.59 -16.04 1.97
C GLY F 177 -18.28 -16.09 0.50
N ILE F 178 -17.02 -16.11 0.07
CA ILE F 178 -16.77 -16.15 -1.38
C ILE F 178 -17.47 -17.38 -1.97
N VAL F 179 -18.16 -17.26 -3.09
CA VAL F 179 -18.88 -18.41 -3.63
C VAL F 179 -18.01 -19.27 -4.54
N GLY F 180 -16.92 -18.72 -5.07
CA GLY F 180 -16.07 -19.51 -5.94
C GLY F 180 -14.84 -18.77 -6.37
N VAL F 181 -13.76 -19.51 -6.63
CA VAL F 181 -12.53 -18.89 -7.06
C VAL F 181 -12.21 -19.11 -8.51
N GLU F 182 -12.06 -17.98 -9.21
CA GLU F 182 -11.70 -18.03 -10.63
C GLU F 182 -10.58 -17.05 -10.89
N MET F 183 -10.40 -16.61 -12.13
CA MET F 183 -9.27 -15.72 -12.41
C MET F 183 -9.61 -14.51 -13.23
N GLU F 184 -10.85 -14.27 -13.68
CA GLU F 184 -11.05 -13.10 -14.53
C GLU F 184 -12.19 -12.18 -14.20
N ALA F 185 -13.17 -12.55 -13.41
CA ALA F 185 -14.32 -11.74 -13.11
C ALA F 185 -13.99 -10.35 -12.62
N ALA F 186 -13.13 -10.18 -11.61
CA ALA F 186 -12.83 -8.82 -11.15
C ALA F 186 -12.27 -7.96 -12.27
N GLY F 187 -11.52 -8.52 -13.22
CA GLY F 187 -11.00 -7.75 -14.33
C GLY F 187 -12.05 -7.39 -15.37
N ILE F 188 -12.97 -8.29 -15.64
CA ILE F 188 -14.06 -8.02 -16.59
C ILE F 188 -14.95 -6.93 -16.03
N TYR F 189 -15.30 -7.05 -14.74
CA TYR F 189 -16.13 -6.02 -14.11
C TYR F 189 -15.45 -4.68 -14.12
N GLY F 190 -14.12 -4.65 -13.96
CA GLY F 190 -13.41 -3.35 -13.97
C GLY F 190 -13.45 -2.74 -15.35
N VAL F 191 -13.22 -3.55 -16.38
CA VAL F 191 -13.26 -3.07 -17.75
C VAL F 191 -14.67 -2.57 -18.09
N ALA F 192 -15.68 -3.36 -17.72
CA ALA F 192 -17.07 -2.99 -18.03
C ALA F 192 -17.44 -1.64 -17.39
N ALA F 193 -16.92 -1.38 -16.17
CA ALA F 193 -17.18 -0.10 -15.53
C ALA F 193 -16.38 1.02 -16.17
N GLU F 194 -15.11 0.74 -16.56
CA GLU F 194 -14.29 1.77 -17.21
C GLU F 194 -14.87 2.21 -18.54
N TYR F 195 -15.40 1.30 -19.34
CA TYR F 195 -15.91 1.62 -20.67
C TYR F 195 -17.41 1.75 -20.77
N GLY F 196 -18.14 1.70 -19.66
CA GLY F 196 -19.58 1.86 -19.70
C GLY F 196 -20.36 0.68 -20.23
N ALA F 197 -19.83 -0.52 -20.23
CA ALA F 197 -20.54 -1.70 -20.69
C ALA F 197 -21.13 -2.48 -19.49
N LYS F 198 -21.79 -3.59 -19.78
CA LYS F 198 -22.42 -4.41 -18.75
C LYS F 198 -21.84 -5.82 -18.80
N ALA F 199 -21.58 -6.40 -17.63
CA ALA F 199 -21.00 -7.73 -17.61
C ALA F 199 -21.56 -8.58 -16.48
N LEU F 200 -21.38 -9.87 -16.63
CA LEU F 200 -21.80 -10.90 -15.76
C LEU F 200 -20.88 -12.13 -15.86
N ALA F 201 -20.53 -12.69 -14.75
CA ALA F 201 -19.74 -13.89 -14.68
C ALA F 201 -20.58 -14.98 -13.99
N ILE F 202 -20.81 -16.05 -14.72
CA ILE F 202 -21.49 -17.24 -14.25
C ILE F 202 -20.45 -18.38 -14.20
N CYS F 203 -20.52 -19.22 -13.20
CA CYS F 203 -19.55 -20.29 -13.05
C CYS F 203 -20.21 -21.57 -12.51
N THR F 204 -19.60 -22.66 -12.88
CA THR F 204 -20.01 -23.98 -12.40
C THR F 204 -18.89 -24.47 -11.48
N VAL F 205 -19.24 -25.07 -10.37
CA VAL F 205 -18.23 -25.54 -9.42
C VAL F 205 -17.70 -26.92 -9.85
N SER F 206 -16.46 -26.93 -10.33
CA SER F 206 -15.88 -28.20 -10.78
C SER F 206 -15.07 -28.86 -9.69
N ASP F 207 -14.68 -28.12 -8.66
CA ASP F 207 -13.87 -28.70 -7.59
C ASP F 207 -13.97 -27.92 -6.29
N HIS F 208 -13.90 -28.64 -5.18
CA HIS F 208 -13.93 -28.01 -3.87
C HIS F 208 -12.52 -27.94 -3.29
N ILE F 209 -11.99 -26.73 -3.20
CA ILE F 209 -10.64 -26.48 -2.71
C ILE F 209 -10.46 -26.90 -1.27
N LYS F 210 -11.46 -26.65 -0.43
CA LYS F 210 -11.41 -26.96 0.97
C LYS F 210 -11.68 -28.39 1.38
N THR F 211 -12.58 -29.10 0.69
CA THR F 211 -12.91 -30.47 1.09
C THR F 211 -12.30 -31.52 0.17
N GLY F 212 -11.61 -31.13 -0.88
CA GLY F 212 -11.00 -32.05 -1.80
C GLY F 212 -11.97 -32.84 -2.64
N GLU F 213 -13.17 -32.31 -2.85
CA GLU F 213 -14.20 -32.92 -3.66
C GLU F 213 -13.96 -32.70 -5.15
N GLN F 214 -14.15 -33.75 -5.92
CA GLN F 214 -13.97 -33.66 -7.38
C GLN F 214 -15.24 -34.16 -8.06
N THR F 215 -15.34 -34.03 -9.37
CA THR F 215 -16.50 -34.53 -10.10
C THR F 215 -16.03 -35.13 -11.43
N THR F 216 -16.76 -36.14 -11.90
CA THR F 216 -16.42 -36.84 -13.14
C THR F 216 -16.41 -35.88 -14.32
N SER F 217 -15.99 -36.35 -15.49
CA SER F 217 -16.04 -35.49 -16.68
C SER F 217 -17.46 -35.49 -17.23
N GLU F 218 -18.20 -36.55 -16.98
CA GLU F 218 -19.59 -36.65 -17.42
C GLU F 218 -20.45 -35.63 -16.70
N GLU F 219 -20.39 -35.63 -15.37
CA GLU F 219 -21.15 -34.71 -14.54
C GLU F 219 -20.85 -33.26 -14.89
N ARG F 220 -19.57 -32.99 -15.11
CA ARG F 220 -19.04 -31.68 -15.45
C ARG F 220 -19.55 -31.16 -16.78
N GLN F 221 -19.70 -32.04 -17.76
CA GLN F 221 -20.23 -31.70 -19.06
C GLN F 221 -21.69 -31.27 -18.92
N ASN F 222 -22.46 -32.05 -18.17
CA ASN F 222 -23.87 -31.80 -17.96
C ASN F 222 -24.08 -30.49 -17.21
N THR F 223 -23.32 -30.26 -16.14
CA THR F 223 -23.49 -29.01 -15.38
C THR F 223 -23.07 -27.83 -16.25
N PHE F 224 -22.01 -28.01 -17.04
CA PHE F 224 -21.59 -26.99 -17.99
C PHE F 224 -22.71 -26.72 -18.99
N ASN F 225 -23.34 -27.79 -19.46
CA ASN F 225 -24.44 -27.66 -20.42
C ASN F 225 -25.58 -26.85 -19.83
N GLU F 226 -25.88 -27.04 -18.56
CA GLU F 226 -26.93 -26.27 -17.88
C GLU F 226 -26.59 -24.78 -17.83
N MET F 227 -25.34 -24.47 -17.47
CA MET F 227 -24.88 -23.10 -17.40
C MET F 227 -25.07 -22.36 -18.72
N ILE F 228 -24.66 -22.95 -19.84
CA ILE F 228 -24.80 -22.27 -21.12
C ILE F 228 -26.26 -21.98 -21.46
N GLU F 229 -27.16 -22.91 -21.15
CA GLU F 229 -28.60 -22.68 -21.44
C GLU F 229 -29.13 -21.56 -20.56
N ILE F 230 -28.64 -21.50 -19.32
CA ILE F 230 -29.04 -20.39 -18.42
C ILE F 230 -28.61 -19.08 -19.02
N ALA F 231 -27.35 -18.96 -19.40
CA ALA F 231 -26.80 -17.76 -20.00
C ALA F 231 -27.60 -17.33 -21.23
N LEU F 232 -27.79 -18.23 -22.18
CA LEU F 232 -28.53 -17.92 -23.39
C LEU F 232 -29.95 -17.49 -23.07
N ASP F 233 -30.62 -18.20 -22.16
CA ASP F 233 -31.98 -17.80 -21.75
C ASP F 233 -31.97 -16.42 -21.11
N SER F 234 -30.93 -16.12 -20.31
CA SER F 234 -30.84 -14.80 -19.68
C SER F 234 -30.73 -13.69 -20.71
N VAL F 235 -30.13 -13.98 -21.87
CA VAL F 235 -30.04 -12.95 -22.90
C VAL F 235 -31.43 -12.57 -23.40
N LEU F 236 -32.28 -13.55 -23.67
CA LEU F 236 -33.63 -13.20 -24.17
C LEU F 236 -34.41 -12.48 -23.10
N ILE F 237 -34.33 -12.93 -21.85
CA ILE F 237 -35.02 -12.26 -20.75
C ILE F 237 -34.52 -10.84 -20.59
N GLY F 238 -33.21 -10.66 -20.78
CA GLY F 238 -32.58 -9.35 -20.66
C GLY F 238 -33.06 -8.39 -21.73
N ASP F 239 -33.39 -8.88 -22.92
CA ASP F 239 -33.87 -8.04 -24.01
C ASP F 239 -35.27 -7.49 -23.73
N GLN F 240 -36.12 -8.25 -23.11
CA GLN F 240 -37.51 -7.88 -22.84
C GLN F 240 -37.68 -6.66 -21.96
#